data_2E67
#
_entry.id   2E67
#
_cell.length_a   202.006
_cell.length_b   202.006
_cell.length_c   345.294
_cell.angle_alpha   90.00
_cell.angle_beta   90.00
_cell.angle_gamma   120.00
#
_symmetry.space_group_name_H-M   'H 3 2'
#
loop_
_entity.id
_entity.type
_entity.pdbx_description
1 polymer 'Hypothetical protein TTHB029'
2 non-polymer 'MAGNESIUM ION'
3 water water
#
_entity_poly.entity_id   1
_entity_poly.type   'polypeptide(L)'
_entity_poly.pdbx_seq_one_letter_code
;MDLLERLGLGGRRVLILHHDDLGLTHAQNGAYQALGLPTGSVMVPGAWASGVKGEDLGVHLVLTSEWPAPRMRPLTEGES
LRDEAGYFPESLEALWRKARAEEVERELKAQIQAAAKLFSPTHLDAHQGAVLRPDLAEVYLRLAEAYRLVPLVPESLEGL
GVPPPFLPELERLLYETPFPQVRFLDPYGLPPEERLGFYLDLAHLPPGLYYLVHHSALPTPEGRALPDWPTREADYFALS
HPEVRRVLAEFHPLTWRAVREALF
;
_entity_poly.pdbx_strand_id   A,B,C,D,E,F
#
loop_
_chem_comp.id
_chem_comp.type
_chem_comp.name
_chem_comp.formula
MG non-polymer 'MAGNESIUM ION' 'Mg 2'
#
# COMPACT_ATOMS: atom_id res chain seq x y z
N ASP A 2 7.33 35.83 36.60
CA ASP A 2 8.24 35.83 37.78
C ASP A 2 9.72 35.70 37.41
N LEU A 3 10.01 34.77 36.49
CA LEU A 3 11.34 34.64 35.96
C LEU A 3 11.68 35.93 35.25
N LEU A 4 10.78 36.40 34.36
CA LEU A 4 11.00 37.66 33.66
C LEU A 4 11.21 38.77 34.66
N GLU A 5 10.51 38.67 35.79
CA GLU A 5 10.62 39.61 36.87
C GLU A 5 12.03 39.70 37.31
N ARG A 6 12.59 38.60 37.78
CA ARG A 6 13.97 38.65 38.24
C ARG A 6 14.99 38.97 37.15
N LEU A 7 14.61 38.91 35.89
CA LEU A 7 15.52 39.31 34.82
C LEU A 7 15.22 40.74 34.46
N GLY A 8 14.41 41.40 35.28
CA GLY A 8 13.92 42.75 35.01
C GLY A 8 13.25 42.87 33.66
N LEU A 9 12.48 41.87 33.27
CA LEU A 9 11.87 41.88 31.97
C LEU A 9 10.34 41.75 32.07
N GLY A 10 9.86 41.92 33.31
CA GLY A 10 8.44 41.87 33.64
C GLY A 10 7.55 42.70 32.72
N GLY A 11 6.46 42.10 32.26
CA GLY A 11 5.53 42.77 31.37
C GLY A 11 5.94 42.83 29.92
N ARG A 12 7.17 42.46 29.60
CA ARG A 12 7.67 42.56 28.23
C ARG A 12 7.25 41.31 27.37
N ARG A 13 7.34 41.40 26.05
CA ARG A 13 7.19 40.22 25.21
C ARG A 13 8.57 39.71 25.01
N VAL A 14 8.91 38.60 25.65
CA VAL A 14 10.21 38.05 25.38
C VAL A 14 10.17 36.71 24.65
N LEU A 15 11.18 36.49 23.79
CA LEU A 15 11.20 35.37 22.86
C LEU A 15 12.52 34.57 22.87
N ILE A 16 12.40 33.29 23.17
CA ILE A 16 13.50 32.36 22.99
C ILE A 16 13.29 31.67 21.63
N LEU A 17 14.05 32.09 20.61
CA LEU A 17 14.01 31.43 19.32
C LEU A 17 15.00 30.25 19.26
N HIS A 18 14.48 29.04 19.07
CA HIS A 18 15.30 27.85 19.32
C HIS A 18 15.47 26.88 18.16
N HIS A 19 16.71 26.72 17.68
CA HIS A 19 17.03 25.86 16.54
C HIS A 19 17.25 24.44 16.99
N ASP A 20 16.40 23.54 16.52
CA ASP A 20 16.40 22.12 16.87
C ASP A 20 17.26 21.33 15.90
N ASP A 21 17.68 20.13 16.36
CA ASP A 21 18.23 19.10 15.48
C ASP A 21 19.60 19.48 14.90
N LEU A 22 20.29 20.38 15.59
CA LEU A 22 21.63 20.66 15.21
C LEU A 22 22.43 19.37 15.38
N GLY A 23 23.34 19.15 14.42
CA GLY A 23 24.18 17.97 14.43
C GLY A 23 23.67 16.82 13.57
N LEU A 24 22.41 16.91 13.17
CA LEU A 24 21.78 15.87 12.41
C LEU A 24 22.29 15.83 11.00
N THR A 25 22.32 16.95 10.29
CA THR A 25 22.85 16.95 8.92
C THR A 25 23.78 18.10 8.75
N HIS A 26 24.61 18.04 7.74
CA HIS A 26 25.35 19.20 7.36
C HIS A 26 24.47 20.43 7.03
N ALA A 27 23.36 20.23 6.31
CA ALA A 27 22.42 21.32 6.08
C ALA A 27 21.91 22.02 7.37
N GLN A 28 21.67 21.28 8.46
CA GLN A 28 21.10 21.96 9.61
C GLN A 28 22.12 22.91 10.19
N ASN A 29 23.31 22.39 10.45
CA ASN A 29 24.42 23.16 10.91
C ASN A 29 24.64 24.33 9.94
N GLY A 30 24.46 24.06 8.66
CA GLY A 30 24.60 25.09 7.69
C GLY A 30 23.70 26.25 8.04
N ALA A 31 22.45 25.94 8.38
CA ALA A 31 21.48 27.01 8.53
C ALA A 31 21.82 27.71 9.84
N TYR A 32 22.18 26.93 10.83
CA TYR A 32 22.56 27.54 12.06
C TYR A 32 23.70 28.58 11.88
N GLN A 33 24.77 28.18 11.19
CA GLN A 33 25.80 29.12 10.83
C GLN A 33 25.22 30.31 10.04
N ALA A 34 24.46 30.05 8.99
CA ALA A 34 24.01 31.13 8.14
C ALA A 34 23.13 32.12 8.86
N LEU A 35 22.27 31.65 9.75
CA LEU A 35 21.19 32.48 10.24
C LEU A 35 21.65 33.51 11.20
N GLY A 36 22.73 33.25 11.89
CA GLY A 36 23.29 34.27 12.74
C GLY A 36 22.64 34.39 14.09
N LEU A 37 21.82 33.41 14.50
CA LEU A 37 21.09 33.51 15.78
C LEU A 37 21.70 32.63 16.85
N PRO A 38 21.56 33.02 18.13
CA PRO A 38 22.37 32.27 19.10
C PRO A 38 21.89 30.87 19.52
N THR A 39 20.60 30.58 19.49
CA THR A 39 20.07 29.49 20.32
C THR A 39 19.70 28.24 19.55
N GLY A 40 20.20 27.10 20.04
CA GLY A 40 19.83 25.85 19.45
C GLY A 40 20.21 24.75 20.40
N SER A 41 19.87 23.51 20.06
CA SER A 41 20.41 22.41 20.79
C SER A 41 20.90 21.31 19.84
N VAL A 42 21.92 20.60 20.28
CA VAL A 42 22.67 19.68 19.41
C VAL A 42 22.26 18.27 19.78
N MET A 43 22.10 17.42 18.75
CA MET A 43 21.91 15.99 18.92
C MET A 43 23.29 15.31 18.97
N VAL A 44 23.70 14.95 20.17
CA VAL A 44 25.01 14.40 20.39
C VAL A 44 25.29 13.17 19.51
N PRO A 45 24.31 12.25 19.34
CA PRO A 45 24.64 11.22 18.37
C PRO A 45 24.63 11.65 16.90
N GLY A 46 24.36 12.89 16.56
CA GLY A 46 24.40 13.20 15.12
C GLY A 46 25.82 13.18 14.57
N ALA A 47 26.01 12.68 13.37
CA ALA A 47 27.31 12.81 12.69
C ALA A 47 27.95 14.22 12.83
N TRP A 48 27.17 15.28 12.73
CA TRP A 48 27.78 16.62 12.71
C TRP A 48 27.75 17.35 14.03
N ALA A 49 27.46 16.61 15.09
CA ALA A 49 27.40 17.17 16.45
C ALA A 49 28.67 17.96 16.74
N SER A 50 29.81 17.49 16.23
CA SER A 50 31.10 18.09 16.58
C SER A 50 31.49 19.24 15.63
N GLY A 51 30.62 19.53 14.66
CA GLY A 51 30.78 20.67 13.77
C GLY A 51 30.04 21.96 14.16
N VAL A 52 29.54 22.07 15.40
CA VAL A 52 28.65 23.21 15.72
C VAL A 52 29.23 24.01 16.85
N LYS A 53 29.15 25.32 16.71
CA LYS A 53 29.71 26.20 17.73
C LYS A 53 28.82 27.43 17.93
N GLY A 54 28.60 27.83 19.18
CA GLY A 54 27.77 28.97 19.44
C GLY A 54 27.54 29.31 20.90
N GLU A 55 26.95 30.48 21.11
CA GLU A 55 26.89 31.06 22.42
C GLU A 55 25.72 30.51 23.22
N ASP A 56 24.60 30.18 22.55
CA ASP A 56 23.50 29.61 23.35
C ASP A 56 23.11 28.18 23.01
N LEU A 57 24.01 27.23 23.28
CA LEU A 57 23.82 25.85 22.81
C LEU A 57 23.46 24.90 23.95
N GLY A 58 22.52 24.01 23.67
CA GLY A 58 22.05 23.04 24.69
C GLY A 58 22.15 21.64 24.15
N VAL A 59 21.85 20.65 24.98
CA VAL A 59 21.83 19.27 24.46
C VAL A 59 20.39 18.77 24.09
N HIS A 60 20.17 18.50 22.81
CA HIS A 60 18.88 17.96 22.31
C HIS A 60 18.92 16.45 22.55
N LEU A 61 18.30 15.98 23.64
CA LEU A 61 18.36 14.57 24.02
C LEU A 61 17.67 13.70 23.00
N VAL A 62 18.28 12.55 22.69
CA VAL A 62 17.65 11.66 21.71
C VAL A 62 17.51 10.24 22.17
N LEU A 63 16.37 9.67 21.82
CA LEU A 63 16.06 8.30 22.17
C LEU A 63 15.33 7.64 21.04
N THR A 64 15.21 8.31 19.90
CA THR A 64 14.49 7.75 18.74
C THR A 64 15.21 8.21 17.51
N SER A 65 15.13 7.44 16.44
CA SER A 65 15.73 7.79 15.17
C SER A 65 14.72 7.46 14.02
N GLU A 66 13.96 8.47 13.59
CA GLU A 66 12.79 8.24 12.73
C GLU A 66 13.07 8.09 11.25
N TRP A 67 14.13 8.70 10.74
CA TRP A 67 14.29 8.63 9.31
C TRP A 67 14.91 7.36 8.81
N PRO A 68 14.48 6.94 7.62
CA PRO A 68 15.18 5.86 6.93
C PRO A 68 16.72 6.10 6.98
N ALA A 69 17.14 7.37 6.85
CA ALA A 69 18.57 7.79 6.91
C ALA A 69 18.55 9.31 6.99
N PRO A 70 19.55 9.95 7.65
CA PRO A 70 20.60 9.31 8.44
C PRO A 70 19.94 8.78 9.70
N ARG A 71 20.51 7.75 10.30
CA ARG A 71 19.99 7.23 11.57
C ARG A 71 21.06 7.40 12.66
N MET A 72 20.68 7.49 13.94
CA MET A 72 21.61 7.60 15.04
C MET A 72 21.58 6.36 15.93
N ARG A 73 22.70 6.06 16.61
CA ARG A 73 22.83 4.90 17.51
C ARG A 73 23.08 5.34 18.95
N PRO A 74 22.60 4.58 19.95
CA PRO A 74 22.90 4.99 21.32
C PRO A 74 24.40 5.10 21.63
N LEU A 75 24.71 5.87 22.65
CA LEU A 75 26.07 6.02 23.10
C LEU A 75 26.37 4.85 24.02
N THR A 76 25.39 4.41 24.82
CA THR A 76 25.59 3.36 25.81
C THR A 76 25.08 2.09 25.22
N GLU A 77 25.34 0.96 25.86
CA GLU A 77 24.95 -0.29 25.24
C GLU A 77 23.72 -1.04 25.77
N GLY A 78 22.92 -0.39 26.64
CA GLY A 78 21.63 -0.97 27.05
C GLY A 78 20.76 -1.47 25.90
N GLU A 79 20.25 -2.70 26.04
CA GLU A 79 19.44 -3.28 24.96
C GLU A 79 18.10 -2.61 24.80
N SER A 80 17.51 -2.16 25.89
CA SER A 80 16.18 -1.59 25.81
C SER A 80 16.10 -0.35 24.92
N LEU A 81 17.25 0.23 24.53
CA LEU A 81 17.30 1.47 23.77
C LEU A 81 17.45 1.31 22.29
N ARG A 82 17.78 0.12 21.82
CA ARG A 82 18.02 -0.08 20.38
C ARG A 82 16.94 -0.95 19.72
N ASP A 83 16.83 -0.86 18.39
CA ASP A 83 15.78 -1.51 17.63
C ASP A 83 16.26 -1.57 16.17
N GLU A 84 16.54 -2.78 15.62
CA GLU A 84 17.33 -3.92 16.19
C GLU A 84 18.48 -4.15 15.17
N ALA A 85 18.76 -3.08 14.44
CA ALA A 85 20.02 -2.90 13.77
C ALA A 85 20.94 -2.14 14.76
N GLY A 86 20.39 -1.85 15.95
CA GLY A 86 21.14 -1.20 17.00
C GLY A 86 21.03 0.31 16.91
N TYR A 87 20.11 0.80 16.08
CA TYR A 87 19.67 2.20 16.08
C TYR A 87 18.65 2.47 17.19
N PHE A 88 18.47 3.73 17.55
CA PHE A 88 17.34 4.11 18.38
C PHE A 88 16.03 3.74 17.63
N PRO A 89 14.95 3.39 18.37
CA PRO A 89 13.67 3.00 17.75
C PRO A 89 13.16 4.06 16.76
N GLU A 90 12.43 3.65 15.72
CA GLU A 90 11.92 4.67 14.82
C GLU A 90 10.75 5.46 15.38
N SER A 91 9.98 4.87 16.29
CA SER A 91 8.83 5.56 16.89
C SER A 91 8.85 5.66 18.44
N LEU A 92 8.08 6.63 18.96
CA LEU A 92 7.94 6.85 20.38
C LEU A 92 7.21 5.68 20.99
N GLU A 93 6.37 5.07 20.18
CA GLU A 93 5.55 4.01 20.66
C GLU A 93 6.48 2.87 21.02
N ALA A 94 7.32 2.52 20.06
CA ALA A 94 8.35 1.51 20.22
C ALA A 94 9.20 1.83 21.48
N LEU A 95 9.71 3.06 21.55
CA LEU A 95 10.50 3.47 22.66
C LEU A 95 9.79 3.25 23.99
N TRP A 96 8.58 3.80 24.11
CA TRP A 96 7.86 3.83 25.38
C TRP A 96 7.43 2.43 25.83
N ARG A 97 7.18 1.56 24.87
CA ARG A 97 6.86 0.20 25.18
C ARG A 97 8.06 -0.55 25.79
N LYS A 98 9.27 -0.27 25.35
CA LYS A 98 10.41 -1.12 25.75
C LYS A 98 11.54 -0.54 26.62
N ALA A 99 11.83 0.76 26.50
CA ALA A 99 12.99 1.33 27.20
C ALA A 99 12.85 1.23 28.71
N ARG A 100 13.87 0.74 29.40
CA ARG A 100 13.91 0.75 30.83
C ARG A 100 14.48 2.05 31.32
N ALA A 101 13.98 2.58 32.42
CA ALA A 101 14.43 3.88 32.94
C ALA A 101 15.92 4.02 33.25
N GLU A 102 16.53 3.02 33.88
CA GLU A 102 17.96 3.07 34.25
C GLU A 102 18.82 3.11 32.97
N GLU A 103 18.42 2.35 31.96
CA GLU A 103 19.14 2.39 30.70
C GLU A 103 19.07 3.77 30.04
N VAL A 104 17.89 4.37 30.07
CA VAL A 104 17.69 5.73 29.57
C VAL A 104 18.59 6.72 30.31
N GLU A 105 18.55 6.67 31.63
CA GLU A 105 19.27 7.62 32.43
C GLU A 105 20.75 7.57 32.09
N ARG A 106 21.31 6.36 31.99
CA ARG A 106 22.69 6.16 31.56
C ARG A 106 22.94 6.86 30.22
N GLU A 107 22.13 6.53 29.23
CA GLU A 107 22.22 7.12 27.91
C GLU A 107 22.18 8.68 27.90
N LEU A 108 21.37 9.25 28.79
CA LEU A 108 21.22 10.68 28.77
C LEU A 108 22.38 11.34 29.44
N LYS A 109 22.78 10.78 30.60
CA LYS A 109 24.05 11.15 31.22
C LYS A 109 25.24 11.11 30.23
N ALA A 110 25.29 10.06 29.42
CA ALA A 110 26.29 9.97 28.44
C ALA A 110 26.18 11.14 27.45
N GLN A 111 24.98 11.34 26.90
CA GLN A 111 24.78 12.40 25.92
C GLN A 111 25.21 13.77 26.46
N ILE A 112 24.84 14.06 27.70
CA ILE A 112 25.15 15.34 28.32
C ILE A 112 26.66 15.50 28.51
N GLN A 113 27.30 14.47 29.03
CA GLN A 113 28.72 14.55 29.27
C GLN A 113 29.51 14.65 28.01
N ALA A 114 29.11 13.88 27.00
CA ALA A 114 29.73 14.06 25.72
C ALA A 114 29.57 15.49 25.20
N ALA A 115 28.44 16.14 25.49
CA ALA A 115 28.14 17.44 24.89
C ALA A 115 29.08 18.46 25.48
N ALA A 116 29.29 18.29 26.79
CA ALA A 116 30.10 19.20 27.59
C ALA A 116 31.55 19.12 27.15
N LYS A 117 31.91 18.12 26.37
CA LYS A 117 33.24 18.07 25.77
C LYS A 117 33.31 18.79 24.46
N LEU A 118 32.24 19.45 24.03
CA LEU A 118 32.15 20.01 22.67
C LEU A 118 31.75 21.48 22.59
N PHE A 119 31.04 21.97 23.60
CA PHE A 119 30.64 23.38 23.73
C PHE A 119 30.15 23.45 25.13
N SER A 120 29.85 24.66 25.62
CA SER A 120 29.26 24.82 26.96
C SER A 120 27.75 24.80 26.92
N PRO A 121 27.17 23.68 27.33
CA PRO A 121 25.73 23.44 27.21
C PRO A 121 25.04 24.39 28.18
N THR A 122 23.87 24.89 27.80
CA THR A 122 23.19 25.89 28.65
C THR A 122 21.84 25.39 29.10
N HIS A 123 21.36 24.35 28.44
CA HIS A 123 19.99 23.94 28.58
C HIS A 123 19.84 22.58 28.00
N LEU A 124 18.64 22.07 28.10
CA LEU A 124 18.38 20.69 27.85
C LEU A 124 16.98 20.58 27.34
N ASP A 125 16.77 19.87 26.25
CA ASP A 125 15.43 19.51 25.81
C ASP A 125 15.46 18.12 25.12
N ALA A 126 14.33 17.72 24.54
CA ALA A 126 14.16 16.33 24.09
C ALA A 126 13.50 16.25 22.72
N HIS A 127 14.18 15.58 21.78
CA HIS A 127 13.68 15.35 20.44
C HIS A 127 12.39 14.52 20.53
N GLN A 128 11.35 14.95 19.82
CA GLN A 128 10.03 14.29 19.86
C GLN A 128 9.39 14.20 21.24
N GLY A 129 9.81 15.07 22.18
CA GLY A 129 9.38 14.97 23.58
C GLY A 129 9.32 13.50 24.02
N ALA A 130 10.41 12.76 23.74
CA ALA A 130 10.55 11.37 24.16
C ALA A 130 10.55 11.24 25.69
N VAL A 131 11.02 12.25 26.40
CA VAL A 131 10.94 12.19 27.87
C VAL A 131 9.51 12.34 28.42
N LEU A 132 8.51 12.31 27.56
CA LEU A 132 7.13 12.40 28.03
C LEU A 132 6.58 11.23 28.86
N ARG A 133 7.15 10.03 28.74
CA ARG A 133 6.78 8.97 29.67
C ARG A 133 7.19 9.40 31.09
N PRO A 134 6.23 9.37 32.05
CA PRO A 134 6.39 9.99 33.40
C PRO A 134 7.72 9.64 34.11
N ASP A 135 7.88 8.37 34.49
CA ASP A 135 9.14 7.62 34.44
C ASP A 135 10.43 8.43 34.05
N LEU A 136 10.53 8.70 32.75
CA LEU A 136 11.63 9.42 32.11
C LEU A 136 11.58 10.92 32.35
N ALA A 137 10.41 11.52 32.27
CA ALA A 137 10.28 12.94 32.60
C ALA A 137 10.92 13.24 33.96
N GLU A 138 10.75 12.30 34.88
CA GLU A 138 11.34 12.44 36.19
C GLU A 138 12.87 12.42 36.04
N VAL A 139 13.37 11.48 35.27
CA VAL A 139 14.81 11.45 34.96
C VAL A 139 15.28 12.80 34.37
N TYR A 140 14.54 13.28 33.35
CA TYR A 140 14.89 14.50 32.62
C TYR A 140 15.08 15.67 33.54
N LEU A 141 14.13 15.90 34.43
CA LEU A 141 14.20 17.03 35.34
C LEU A 141 15.30 16.83 36.34
N ARG A 142 15.45 15.61 36.83
CA ARG A 142 16.49 15.35 37.82
C ARG A 142 17.89 15.65 37.22
N LEU A 143 18.12 15.15 36.01
CA LEU A 143 19.32 15.44 35.28
C LEU A 143 19.57 16.91 35.13
N ALA A 144 18.56 17.67 34.75
CA ALA A 144 18.77 19.09 34.47
C ALA A 144 19.32 19.82 35.70
N GLU A 145 18.80 19.41 36.85
CA GLU A 145 19.19 19.98 38.10
C GLU A 145 20.63 19.55 38.37
N ALA A 146 20.86 18.25 38.39
CA ALA A 146 22.20 17.69 38.60
C ALA A 146 23.29 18.38 37.75
N TYR A 147 23.02 18.66 36.49
CA TYR A 147 24.03 19.29 35.64
C TYR A 147 23.93 20.77 35.53
N ARG A 148 23.04 21.37 36.32
CA ARG A 148 22.83 22.82 36.33
C ARG A 148 22.59 23.34 34.90
N LEU A 149 21.66 22.68 34.22
CA LEU A 149 21.25 23.05 32.85
C LEU A 149 19.75 23.31 32.88
N VAL A 150 19.27 24.39 32.25
CA VAL A 150 17.81 24.62 32.29
C VAL A 150 17.05 23.78 31.28
N PRO A 151 16.04 23.06 31.75
CA PRO A 151 15.22 22.22 30.91
C PRO A 151 14.06 22.98 30.31
N LEU A 152 13.61 22.51 29.15
CA LEU A 152 12.48 23.04 28.45
C LEU A 152 11.24 22.49 29.13
N VAL A 153 10.46 23.36 29.78
CA VAL A 153 9.18 22.96 30.41
C VAL A 153 8.01 23.81 29.87
N PRO A 154 7.07 23.19 29.16
CA PRO A 154 5.99 24.04 28.61
C PRO A 154 5.00 24.41 29.68
N GLU A 155 4.32 25.54 29.52
CA GLU A 155 3.33 26.03 30.50
C GLU A 155 2.11 25.08 30.60
N SER A 156 1.67 24.57 29.46
CA SER A 156 0.64 23.57 29.46
C SER A 156 1.08 22.54 28.49
N LEU A 157 0.61 21.31 28.65
CA LEU A 157 0.89 20.31 27.62
C LEU A 157 -0.29 19.96 26.72
N GLU A 158 -1.30 20.83 26.68
CA GLU A 158 -2.35 20.73 25.67
C GLU A 158 -1.70 20.89 24.28
N GLY A 159 -2.18 20.08 23.31
CA GLY A 159 -1.71 20.20 21.94
C GLY A 159 -0.33 19.60 21.72
N LEU A 160 0.20 18.88 22.70
CA LEU A 160 1.44 18.19 22.41
C LEU A 160 1.20 16.71 22.09
N GLY A 161 -0.06 16.28 21.97
CA GLY A 161 -0.36 14.86 21.81
C GLY A 161 0.31 13.94 22.84
N VAL A 162 0.37 14.33 24.10
CA VAL A 162 0.75 13.37 25.12
C VAL A 162 -0.24 12.18 25.14
N PRO A 163 0.23 10.93 25.22
CA PRO A 163 -0.78 9.88 25.54
C PRO A 163 -1.46 10.15 26.89
N PRO A 164 -2.82 10.20 26.88
CA PRO A 164 -3.65 10.52 28.06
C PRO A 164 -3.25 9.80 29.35
N PRO A 165 -2.91 8.51 29.28
CA PRO A 165 -2.52 7.88 30.56
C PRO A 165 -1.33 8.54 31.26
N PHE A 166 -0.54 9.29 30.49
CA PHE A 166 0.61 10.00 31.06
C PHE A 166 0.21 11.28 31.78
N LEU A 167 -0.86 11.90 31.31
CA LEU A 167 -1.31 13.18 31.86
C LEU A 167 -1.30 13.28 33.37
N PRO A 168 -2.04 12.40 34.10
CA PRO A 168 -2.06 12.61 35.55
C PRO A 168 -0.67 12.87 36.17
N GLU A 169 0.33 12.04 35.85
CA GLU A 169 1.64 12.16 36.55
C GLU A 169 2.49 13.26 35.99
N LEU A 170 2.31 13.53 34.69
CA LEU A 170 2.99 14.64 34.11
C LEU A 170 2.53 15.92 34.80
N GLU A 171 1.22 16.20 34.69
CA GLU A 171 0.57 17.36 35.31
C GLU A 171 1.06 17.50 36.73
N ARG A 172 1.22 16.35 37.35
CA ARG A 172 1.66 16.30 38.70
C ARG A 172 3.03 16.99 38.87
N LEU A 173 4.07 16.48 38.21
CA LEU A 173 5.43 17.00 38.46
C LEU A 173 5.74 18.30 37.71
N LEU A 174 4.93 18.56 36.68
CA LEU A 174 4.92 19.88 36.02
C LEU A 174 4.47 20.96 37.02
N TYR A 175 3.35 20.72 37.69
CA TYR A 175 2.86 21.59 38.76
C TYR A 175 3.85 21.75 39.93
N GLU A 176 4.50 20.64 40.29
CA GLU A 176 5.48 20.62 41.38
C GLU A 176 6.87 21.18 41.08
N THR A 177 7.20 21.44 39.80
CA THR A 177 8.57 21.86 39.48
C THR A 177 8.88 23.33 39.81
N PRO A 178 10.04 23.58 40.45
CA PRO A 178 10.60 24.92 40.64
C PRO A 178 11.08 25.54 39.34
N PHE A 179 10.93 24.84 38.23
CA PHE A 179 11.51 25.32 36.99
C PHE A 179 10.56 26.26 36.25
N PRO A 180 11.11 27.33 35.63
CA PRO A 180 10.35 28.26 34.81
C PRO A 180 9.73 27.54 33.65
N GLN A 181 8.53 27.96 33.30
CA GLN A 181 7.84 27.40 32.15
C GLN A 181 7.73 28.43 31.05
N VAL A 182 7.74 27.93 29.82
CA VAL A 182 7.59 28.79 28.68
C VAL A 182 6.25 28.62 27.97
N ARG A 183 5.85 29.62 27.21
CA ARG A 183 4.64 29.49 26.43
C ARG A 183 5.09 28.92 25.08
N PHE A 184 4.78 27.66 24.82
CA PHE A 184 5.38 26.90 23.73
C PHE A 184 4.75 27.18 22.39
N LEU A 185 5.57 27.25 21.36
CA LEU A 185 5.10 27.47 19.97
C LEU A 185 5.80 26.57 18.96
N ASP A 186 5.02 25.78 18.23
CA ASP A 186 5.55 24.90 17.19
C ASP A 186 4.83 25.03 15.84
N PRO A 187 5.51 25.65 14.87
CA PRO A 187 5.00 25.78 13.52
C PRO A 187 5.24 24.49 12.73
N TYR A 188 5.92 23.51 13.32
CA TYR A 188 6.03 22.15 12.74
C TYR A 188 4.60 21.52 12.84
N GLY A 189 4.26 20.72 11.84
CA GLY A 189 2.88 20.30 11.64
C GLY A 189 2.17 21.22 10.67
N LEU A 190 2.52 22.50 10.60
CA LEU A 190 1.83 23.41 9.67
C LEU A 190 2.41 23.44 8.25
N PRO A 191 1.55 23.51 7.22
CA PRO A 191 1.97 23.49 5.80
C PRO A 191 3.05 24.53 5.41
N PRO A 192 4.12 24.08 4.73
CA PRO A 192 5.30 24.90 4.42
C PRO A 192 5.00 26.27 3.85
N GLU A 193 3.95 26.40 3.06
CA GLU A 193 3.71 27.65 2.37
C GLU A 193 3.04 28.68 3.27
N GLU A 194 2.62 28.25 4.45
CA GLU A 194 2.03 29.16 5.40
C GLU A 194 2.99 29.59 6.47
N ARG A 195 4.24 29.15 6.34
CA ARG A 195 5.26 29.42 7.35
C ARG A 195 5.63 30.88 7.52
N LEU A 196 5.89 31.52 6.40
CA LEU A 196 6.08 32.95 6.42
C LEU A 196 5.00 33.66 7.29
N GLY A 197 3.73 33.39 6.98
CA GLY A 197 2.63 34.07 7.64
C GLY A 197 2.59 33.75 9.13
N PHE A 198 3.01 32.53 9.45
CA PHE A 198 3.12 32.13 10.85
C PHE A 198 4.09 33.04 11.54
N TYR A 199 5.27 33.27 10.96
CA TYR A 199 6.26 34.08 11.63
C TYR A 199 5.81 35.52 11.66
N LEU A 200 5.24 36.02 10.55
CA LEU A 200 4.76 37.40 10.55
C LEU A 200 3.69 37.67 11.61
N ASP A 201 2.86 36.67 11.87
CA ASP A 201 1.80 36.81 12.86
C ASP A 201 2.25 36.81 14.28
N LEU A 202 3.51 36.47 14.51
CA LEU A 202 4.01 36.54 15.87
C LEU A 202 3.88 37.96 16.41
N ALA A 203 3.76 38.91 15.48
CA ALA A 203 3.66 40.32 15.80
C ALA A 203 2.44 40.53 16.67
N HIS A 204 1.42 39.70 16.51
CA HIS A 204 0.22 39.86 17.27
C HIS A 204 0.22 39.26 18.69
N LEU A 205 1.29 38.61 19.13
CA LEU A 205 1.22 37.97 20.45
C LEU A 205 1.26 39.03 21.55
N PRO A 206 0.46 38.84 22.61
CA PRO A 206 0.52 39.72 23.78
C PRO A 206 1.83 39.52 24.56
N PRO A 207 2.14 40.39 25.55
CA PRO A 207 3.28 40.15 26.46
C PRO A 207 3.36 38.74 27.06
N GLY A 208 4.49 38.38 27.64
CA GLY A 208 4.73 36.98 28.01
C GLY A 208 6.05 36.43 27.50
N LEU A 209 6.41 35.24 28.01
CA LEU A 209 7.68 34.61 27.67
C LEU A 209 7.45 33.45 26.69
N TYR A 210 7.84 33.65 25.44
CA TYR A 210 7.60 32.64 24.41
C TYR A 210 8.83 31.87 23.96
N TYR A 211 8.57 30.62 23.60
CA TYR A 211 9.56 29.71 23.15
C TYR A 211 9.13 29.21 21.80
N LEU A 212 9.87 29.57 20.77
CA LEU A 212 9.50 29.15 19.44
C LEU A 212 10.63 28.32 18.89
N VAL A 213 10.29 27.16 18.37
CA VAL A 213 11.26 26.22 17.85
C VAL A 213 11.24 26.23 16.32
N HIS A 214 12.41 26.19 15.68
CA HIS A 214 12.47 25.99 14.25
C HIS A 214 13.44 24.86 13.93
N HIS A 215 13.37 24.40 12.68
CA HIS A 215 14.13 23.26 12.20
C HIS A 215 14.84 23.66 10.93
N SER A 216 15.22 24.93 10.81
CA SER A 216 15.86 25.45 9.60
C SER A 216 17.00 24.56 9.13
N ALA A 217 17.03 24.31 7.83
CA ALA A 217 18.06 23.53 7.18
C ALA A 217 18.29 24.18 5.83
N LEU A 218 19.53 24.20 5.35
CA LEU A 218 19.77 24.82 4.05
C LEU A 218 19.22 23.93 2.95
N PRO A 219 18.73 24.52 1.88
CA PRO A 219 18.30 23.67 0.76
C PRO A 219 19.44 22.95 -0.01
N THR A 220 19.61 21.67 0.29
CA THR A 220 20.76 20.88 -0.09
C THR A 220 20.43 19.42 -0.50
N PRO A 221 21.19 18.84 -1.44
CA PRO A 221 20.89 17.41 -1.72
C PRO A 221 20.90 16.52 -0.45
N GLU A 222 21.90 16.69 0.41
CA GLU A 222 21.89 15.98 1.66
C GLU A 222 20.63 16.28 2.45
N GLY A 223 20.27 17.57 2.58
CA GLY A 223 19.07 17.96 3.29
C GLY A 223 17.81 17.36 2.67
N ARG A 224 17.71 17.34 1.34
CA ARG A 224 16.50 16.78 0.71
C ARG A 224 16.37 15.31 0.85
N ALA A 225 17.36 14.60 1.31
CA ALA A 225 17.08 13.25 1.65
C ALA A 225 16.16 13.15 2.87
N LEU A 226 15.87 14.22 3.59
CA LEU A 226 15.02 14.06 4.76
C LEU A 226 13.60 14.31 4.33
N PRO A 227 12.67 13.43 4.73
CA PRO A 227 11.25 13.51 4.33
C PRO A 227 10.62 14.87 4.63
N ASP A 228 10.98 15.50 5.76
CA ASP A 228 10.34 16.75 6.14
C ASP A 228 11.10 17.96 5.65
N TRP A 229 11.88 17.80 4.59
CA TRP A 229 12.65 18.93 4.12
C TRP A 229 11.86 20.16 3.73
N PRO A 230 10.65 19.98 3.14
CA PRO A 230 9.99 21.23 2.76
C PRO A 230 9.72 22.06 4.00
N THR A 231 9.44 21.42 5.11
CA THR A 231 9.10 22.25 6.22
C THR A 231 10.37 22.84 6.83
N ARG A 232 11.47 22.09 6.84
CA ARG A 232 12.77 22.60 7.30
C ARG A 232 13.30 23.82 6.46
N GLU A 233 13.13 23.77 5.14
CA GLU A 233 13.54 24.88 4.31
C GLU A 233 12.63 26.09 4.49
N ALA A 234 11.38 25.87 4.79
CA ALA A 234 10.49 26.99 4.86
C ALA A 234 10.87 27.80 6.09
N ASP A 235 11.27 27.08 7.15
CA ASP A 235 11.73 27.71 8.36
C ASP A 235 12.90 28.62 8.01
N TYR A 236 13.86 28.05 7.28
CA TYR A 236 15.05 28.76 6.90
C TYR A 236 14.77 30.02 6.07
N PHE A 237 14.02 29.88 4.98
CA PHE A 237 13.67 31.06 4.22
C PHE A 237 12.81 32.07 4.98
N ALA A 238 11.90 31.64 5.84
CA ALA A 238 11.05 32.61 6.53
C ALA A 238 11.95 33.42 7.45
N LEU A 239 12.72 32.72 8.27
CA LEU A 239 13.66 33.41 9.15
C LEU A 239 14.62 34.38 8.43
N SER A 240 14.96 34.13 7.17
CA SER A 240 15.83 35.05 6.47
C SER A 240 15.08 36.17 5.82
N HIS A 241 13.77 36.16 5.93
CA HIS A 241 12.99 37.17 5.23
C HIS A 241 12.93 38.53 5.97
N PRO A 242 13.32 39.64 5.31
CA PRO A 242 13.44 40.90 6.05
C PRO A 242 12.21 41.25 6.89
N GLU A 243 11.01 40.99 6.38
CA GLU A 243 9.80 41.17 7.19
C GLU A 243 9.78 40.44 8.50
N VAL A 244 10.17 39.17 8.47
CA VAL A 244 10.25 38.37 9.66
C VAL A 244 11.31 38.87 10.59
N ARG A 245 12.40 39.37 10.04
CA ARG A 245 13.47 39.84 10.87
C ARG A 245 13.07 41.04 11.68
N ARG A 246 12.35 41.93 11.02
CA ARG A 246 11.66 43.03 11.68
C ARG A 246 10.68 42.65 12.81
N VAL A 247 9.76 41.71 12.53
CA VAL A 247 8.87 41.18 13.57
C VAL A 247 9.71 40.68 14.77
N LEU A 248 10.66 39.76 14.52
CA LEU A 248 11.50 39.23 15.59
C LEU A 248 12.18 40.30 16.41
N ALA A 249 12.58 41.40 15.77
CA ALA A 249 13.22 42.47 16.52
C ALA A 249 12.28 43.06 17.57
N GLU A 250 10.97 42.87 17.39
CA GLU A 250 10.01 43.46 18.32
C GLU A 250 9.99 42.77 19.66
N PHE A 251 10.64 41.62 19.77
CA PHE A 251 10.70 40.90 21.03
C PHE A 251 12.02 41.18 21.72
N HIS A 252 12.02 41.20 23.03
CA HIS A 252 13.30 41.19 23.69
C HIS A 252 13.82 39.78 23.53
N PRO A 253 15.03 39.62 22.94
CA PRO A 253 15.53 38.26 22.63
C PRO A 253 16.16 37.73 23.89
N LEU A 254 15.89 36.49 24.27
CA LEU A 254 16.50 35.92 25.47
C LEU A 254 17.21 34.60 25.16
N THR A 255 18.37 34.40 25.77
CA THR A 255 19.10 33.14 25.68
C THR A 255 18.89 32.27 26.92
N TRP A 256 19.12 30.97 26.82
CA TRP A 256 19.01 30.13 28.01
C TRP A 256 20.19 30.40 28.92
N ARG A 257 21.31 30.81 28.29
CA ARG A 257 22.50 31.16 29.04
C ARG A 257 22.11 32.18 30.11
N ALA A 258 21.40 33.23 29.69
CA ALA A 258 20.94 34.28 30.57
C ALA A 258 20.04 33.70 31.66
N VAL A 259 19.16 32.82 31.27
CA VAL A 259 18.22 32.28 32.22
C VAL A 259 18.95 31.40 33.25
N ARG A 260 19.96 30.70 32.78
CA ARG A 260 20.73 29.80 33.61
C ARG A 260 21.50 30.57 34.66
N GLU A 261 22.09 31.71 34.28
CA GLU A 261 22.80 32.54 35.21
C GLU A 261 21.87 32.83 36.35
N ALA A 262 20.66 33.23 36.02
CA ALA A 262 19.66 33.59 37.00
C ALA A 262 19.04 32.44 37.79
N LEU A 263 19.18 31.17 37.42
CA LEU A 263 18.65 30.10 38.27
C LEU A 263 19.69 29.30 39.05
N PHE A 264 20.93 29.29 38.58
CA PHE A 264 21.92 28.36 39.11
C PHE A 264 23.15 29.09 39.66
N ASP B 2 47.32 -19.22 -7.72
CA ASP B 2 46.67 -20.28 -6.89
C ASP B 2 45.15 -20.06 -6.83
N LEU B 3 44.73 -19.01 -6.13
CA LEU B 3 43.33 -18.65 -6.04
C LEU B 3 42.80 -18.29 -7.41
N LEU B 4 43.60 -17.56 -8.19
CA LEU B 4 43.26 -17.30 -9.57
C LEU B 4 43.08 -18.62 -10.29
N GLU B 5 43.94 -19.58 -9.93
CA GLU B 5 43.90 -20.88 -10.55
C GLU B 5 42.54 -21.52 -10.32
N ARG B 6 42.19 -21.72 -9.05
CA ARG B 6 40.89 -22.30 -8.69
C ARG B 6 39.64 -21.44 -8.96
N LEU B 7 39.80 -20.25 -9.52
CA LEU B 7 38.66 -19.49 -9.99
C LEU B 7 38.59 -19.68 -11.49
N GLY B 8 39.61 -20.34 -12.02
CA GLY B 8 39.73 -20.59 -13.45
C GLY B 8 40.07 -19.30 -14.13
N LEU B 9 40.99 -18.56 -13.52
CA LEU B 9 41.33 -17.23 -14.02
C LEU B 9 42.83 -17.02 -14.11
N GLY B 10 43.61 -18.05 -13.73
CA GLY B 10 45.06 -18.06 -13.96
C GLY B 10 45.39 -17.47 -15.33
N GLY B 11 46.38 -16.57 -15.33
CA GLY B 11 46.83 -15.88 -16.54
C GLY B 11 46.14 -14.56 -16.91
N ARG B 12 44.90 -14.36 -16.45
CA ARG B 12 44.15 -13.14 -16.82
C ARG B 12 44.62 -11.93 -16.00
N ARG B 13 44.29 -10.75 -16.53
CA ARG B 13 44.37 -9.50 -15.80
C ARG B 13 43.06 -9.32 -15.00
N VAL B 14 43.09 -9.56 -13.70
CA VAL B 14 41.86 -9.46 -12.95
C VAL B 14 41.84 -8.38 -11.87
N LEU B 15 40.77 -7.59 -11.91
CA LEU B 15 40.59 -6.44 -11.05
C LEU B 15 39.43 -6.49 -10.06
N ILE B 16 39.71 -6.33 -8.78
CA ILE B 16 38.65 -5.91 -7.85
C ILE B 16 38.69 -4.39 -7.67
N LEU B 17 37.70 -3.68 -8.17
CA LEU B 17 37.56 -2.24 -7.96
C LEU B 17 36.72 -1.91 -6.68
N HIS B 18 37.33 -1.34 -5.65
CA HIS B 18 36.68 -1.30 -4.36
C HIS B 18 36.42 0.13 -3.90
N HIS B 19 35.15 0.50 -3.72
CA HIS B 19 34.69 1.80 -3.22
C HIS B 19 34.72 1.82 -1.70
N ASP B 20 35.51 2.73 -1.13
CA ASP B 20 35.67 2.86 0.31
C ASP B 20 34.76 3.91 0.95
N ASP B 21 34.70 3.89 2.29
CA ASP B 21 33.96 4.87 3.13
C ASP B 21 32.48 5.09 2.75
N LEU B 22 31.81 4.11 2.17
CA LEU B 22 30.41 4.28 1.92
C LEU B 22 29.76 4.38 3.29
N GLY B 23 28.65 5.11 3.36
CA GLY B 23 28.00 5.33 4.64
C GLY B 23 28.55 6.57 5.39
N LEU B 24 29.65 7.14 4.89
CA LEU B 24 30.27 8.26 5.53
C LEU B 24 29.49 9.54 5.29
N THR B 25 29.20 9.80 4.03
CA THR B 25 28.46 10.99 3.65
C THR B 25 27.47 10.58 2.61
N HIS B 26 26.47 11.44 2.48
CA HIS B 26 25.47 11.30 1.47
C HIS B 26 26.16 11.50 0.11
N ALA B 27 27.27 12.22 0.09
CA ALA B 27 27.96 12.34 -1.19
C ALA B 27 28.65 11.05 -1.63
N GLN B 28 29.13 10.24 -0.70
CA GLN B 28 29.75 8.95 -1.06
C GLN B 28 28.70 8.00 -1.59
N ASN B 29 27.67 7.76 -0.78
CA ASN B 29 26.60 6.91 -1.21
C ASN B 29 26.15 7.33 -2.61
N GLY B 30 25.89 8.62 -2.80
CA GLY B 30 25.51 9.11 -4.11
C GLY B 30 26.42 8.66 -5.25
N ALA B 31 27.73 8.68 -4.98
CA ALA B 31 28.68 8.35 -6.00
C ALA B 31 28.57 6.84 -6.30
N TYR B 32 28.33 6.02 -5.26
CA TYR B 32 28.20 4.60 -5.45
C TYR B 32 27.05 4.26 -6.42
N GLN B 33 25.83 4.69 -6.09
CA GLN B 33 24.74 4.71 -7.05
C GLN B 33 25.15 5.24 -8.42
N ALA B 34 25.65 6.45 -8.46
CA ALA B 34 25.95 7.09 -9.74
C ALA B 34 26.81 6.20 -10.67
N LEU B 35 27.62 5.35 -10.05
CA LEU B 35 28.71 4.63 -10.70
C LEU B 35 28.26 3.21 -11.05
N GLY B 36 27.16 2.79 -10.44
CA GLY B 36 26.54 1.50 -10.65
C GLY B 36 27.48 0.32 -10.57
N LEU B 37 28.52 0.35 -9.74
CA LEU B 37 29.43 -0.80 -9.68
C LEU B 37 29.22 -1.56 -8.41
N PRO B 38 29.44 -2.87 -8.46
CA PRO B 38 29.00 -3.66 -7.32
C PRO B 38 29.77 -3.48 -6.03
N THR B 39 31.08 -3.23 -6.10
CA THR B 39 31.94 -3.45 -4.92
C THR B 39 32.28 -2.18 -4.10
N GLY B 40 32.09 -2.25 -2.79
CA GLY B 40 32.59 -1.27 -1.86
C GLY B 40 32.43 -1.80 -0.44
N SER B 41 32.75 -1.00 0.57
CA SER B 41 32.46 -1.39 1.94
C SER B 41 31.96 -0.19 2.70
N VAL B 42 31.34 -0.42 3.86
CA VAL B 42 30.43 0.51 4.46
C VAL B 42 30.93 0.75 5.89
N MET B 43 31.11 2.03 6.27
CA MET B 43 31.47 2.41 7.64
C MET B 43 30.16 2.38 8.45
N VAL B 44 29.99 1.31 9.21
CA VAL B 44 28.78 1.09 9.94
C VAL B 44 28.50 2.19 10.97
N PRO B 45 29.55 2.78 11.59
CA PRO B 45 29.11 3.92 12.42
C PRO B 45 28.80 5.19 11.65
N GLY B 46 28.76 5.11 10.34
CA GLY B 46 28.49 6.29 9.54
C GLY B 46 27.01 6.59 9.58
N ALA B 47 26.67 7.86 9.51
CA ALA B 47 25.29 8.26 9.49
C ALA B 47 24.52 7.70 8.28
N TRP B 48 25.21 7.34 7.19
CA TRP B 48 24.46 6.94 6.00
C TRP B 48 24.63 5.48 5.72
N ALA B 49 25.15 4.79 6.72
CA ALA B 49 25.34 3.35 6.72
C ALA B 49 24.11 2.65 6.19
N SER B 50 22.92 3.02 6.68
CA SER B 50 21.72 2.27 6.31
C SER B 50 21.09 2.72 5.01
N GLY B 51 21.75 3.62 4.27
CA GLY B 51 21.24 4.09 2.97
C GLY B 51 21.91 3.46 1.74
N VAL B 52 22.58 2.33 1.89
CA VAL B 52 23.30 1.77 0.74
C VAL B 52 22.88 0.37 0.50
N LYS B 53 22.74 0.02 -0.76
CA LYS B 53 22.48 -1.35 -1.10
C LYS B 53 23.13 -1.61 -2.44
N GLY B 54 23.67 -2.81 -2.60
CA GLY B 54 24.33 -3.24 -3.82
C GLY B 54 24.82 -4.66 -3.64
N GLU B 55 25.35 -5.27 -4.71
CA GLU B 55 25.49 -6.71 -4.69
C GLU B 55 26.80 -7.20 -4.11
N ASP B 56 27.79 -6.30 -4.01
CA ASP B 56 29.08 -6.68 -3.44
C ASP B 56 29.59 -5.72 -2.36
N LEU B 57 28.97 -5.82 -1.17
CA LEU B 57 29.23 -4.89 -0.09
C LEU B 57 29.90 -5.56 1.06
N GLY B 58 30.85 -4.88 1.69
CA GLY B 58 31.59 -5.50 2.79
C GLY B 58 31.49 -4.53 3.92
N VAL B 59 32.08 -4.87 5.05
CA VAL B 59 32.11 -3.93 6.12
C VAL B 59 33.51 -3.31 6.24
N HIS B 60 33.56 -1.99 5.98
CA HIS B 60 34.71 -1.12 6.24
C HIS B 60 34.80 -0.80 7.73
N LEU B 61 35.56 -1.59 8.49
CA LEU B 61 35.65 -1.49 9.96
C LEU B 61 36.31 -0.19 10.34
N VAL B 62 35.76 0.49 11.34
CA VAL B 62 36.43 1.70 11.75
C VAL B 62 36.85 1.69 13.19
N LEU B 63 38.07 2.14 13.45
CA LEU B 63 38.53 2.41 14.83
C LEU B 63 39.09 3.82 15.03
N THR B 64 38.97 4.67 13.99
CA THR B 64 39.48 6.02 14.06
C THR B 64 38.60 7.00 13.31
N SER B 65 38.48 8.21 13.86
CA SER B 65 37.72 9.31 13.25
C SER B 65 38.56 10.61 13.02
N GLU B 66 39.26 10.70 11.89
CA GLU B 66 40.23 11.76 11.59
C GLU B 66 39.71 13.19 11.47
N TRP B 67 38.54 13.38 10.86
CA TRP B 67 38.10 14.74 10.58
C TRP B 67 37.53 15.44 11.80
N PRO B 68 37.47 16.80 11.75
CA PRO B 68 36.90 17.46 12.94
C PRO B 68 35.37 17.26 12.98
N ALA B 69 34.78 17.07 11.78
CA ALA B 69 33.44 16.52 11.56
C ALA B 69 33.33 16.17 10.09
N PRO B 70 32.55 15.13 9.72
CA PRO B 70 31.73 14.29 10.60
C PRO B 70 32.63 13.42 11.48
N ARG B 71 32.26 13.11 12.71
CA ARG B 71 33.03 12.16 13.44
C ARG B 71 32.15 10.93 13.77
N MET B 72 32.77 9.78 14.06
CA MET B 72 32.07 8.52 14.32
C MET B 72 32.31 8.04 15.78
N ARG B 73 31.33 7.37 16.41
CA ARG B 73 31.48 6.87 17.78
C ARG B 73 31.52 5.33 17.84
N PRO B 74 32.19 4.75 18.85
CA PRO B 74 32.13 3.29 18.96
C PRO B 74 30.71 2.81 19.23
N LEU B 75 30.32 1.66 18.67
CA LEU B 75 29.04 1.07 19.00
C LEU B 75 29.02 0.58 20.45
N THR B 76 30.11 0.00 20.92
CA THR B 76 30.17 -0.58 22.26
C THR B 76 30.81 0.45 23.12
N GLU B 77 30.85 0.21 24.43
CA GLU B 77 31.33 1.24 25.30
C GLU B 77 32.65 0.97 26.00
N GLY B 78 33.52 0.16 25.39
CA GLY B 78 34.94 0.02 25.84
C GLY B 78 35.67 1.36 25.84
N GLU B 79 36.35 1.64 26.96
CA GLU B 79 36.96 2.95 27.22
C GLU B 79 38.18 3.23 26.40
N SER B 80 38.84 2.18 25.97
CA SER B 80 40.10 2.35 25.29
C SER B 80 39.88 2.68 23.80
N LEU B 81 38.62 2.74 23.39
CA LEU B 81 38.32 2.95 22.00
C LEU B 81 37.95 4.38 21.73
N ARG B 82 37.73 5.12 22.83
CA ARG B 82 37.27 6.49 22.75
C ARG B 82 38.28 7.52 23.22
N ASP B 83 37.97 8.79 23.05
CA ASP B 83 38.89 9.88 23.23
C ASP B 83 38.13 11.16 23.16
N GLU B 84 38.21 12.11 24.11
CA GLU B 84 37.92 12.05 25.52
C GLU B 84 36.51 12.68 25.47
N ALA B 85 36.07 12.96 24.24
CA ALA B 85 34.74 13.40 23.85
C ALA B 85 33.87 12.21 23.43
N GLY B 86 34.47 11.03 23.47
CA GLY B 86 33.76 9.78 23.26
C GLY B 86 33.73 9.36 21.80
N TYR B 87 34.56 10.03 20.99
CA TYR B 87 34.76 9.61 19.62
C TYR B 87 35.93 8.61 19.48
N PHE B 88 36.03 8.03 18.29
CA PHE B 88 37.16 7.25 17.94
C PHE B 88 38.28 8.23 17.88
N PRO B 89 39.51 7.77 18.15
CA PRO B 89 40.57 8.74 18.17
C PRO B 89 40.88 9.21 16.78
N GLU B 90 41.62 10.32 16.71
CA GLU B 90 41.77 11.04 15.45
C GLU B 90 42.93 10.56 14.60
N SER B 91 43.85 9.83 15.24
CA SER B 91 45.06 9.25 14.62
C SER B 91 45.29 7.76 14.99
N LEU B 92 45.89 7.01 14.05
CA LEU B 92 46.43 5.67 14.36
C LEU B 92 47.31 5.68 15.61
N GLU B 93 48.06 6.77 15.78
CA GLU B 93 48.99 6.85 16.87
C GLU B 93 48.26 6.92 18.22
N ALA B 94 47.22 7.75 18.25
CA ALA B 94 46.40 7.89 19.44
C ALA B 94 45.77 6.52 19.74
N LEU B 95 45.31 5.86 18.68
CA LEU B 95 44.63 4.61 18.80
C LEU B 95 45.56 3.50 19.32
N TRP B 96 46.64 3.27 18.57
CA TRP B 96 47.54 2.14 18.84
C TRP B 96 48.15 2.27 20.22
N ARG B 97 48.36 3.48 20.69
CA ARG B 97 48.87 3.64 22.05
C ARG B 97 47.86 3.36 23.16
N LYS B 98 46.56 3.28 22.88
CA LYS B 98 45.62 2.87 23.97
C LYS B 98 44.64 1.72 23.77
N ALA B 99 44.26 1.44 22.54
CA ALA B 99 43.29 0.39 22.27
C ALA B 99 43.63 -1.00 22.89
N ARG B 100 42.71 -1.59 23.66
CA ARG B 100 42.82 -2.99 24.11
C ARG B 100 42.22 -3.93 23.08
N ALA B 101 42.81 -5.13 22.98
CA ALA B 101 42.41 -6.06 21.92
C ALA B 101 41.01 -6.66 22.17
N GLU B 102 40.69 -6.96 23.43
CA GLU B 102 39.40 -7.52 23.78
C GLU B 102 38.28 -6.58 23.39
N GLU B 103 38.41 -5.31 23.83
CA GLU B 103 37.51 -4.22 23.43
C GLU B 103 37.39 -4.05 21.93
N VAL B 104 38.51 -4.03 21.20
CA VAL B 104 38.50 -3.88 19.74
C VAL B 104 37.67 -5.00 19.12
N GLU B 105 37.84 -6.20 19.69
CA GLU B 105 37.14 -7.35 19.22
C GLU B 105 35.63 -7.21 19.38
N ARG B 106 35.18 -6.81 20.56
CA ARG B 106 33.77 -6.55 20.85
C ARG B 106 33.23 -5.54 19.85
N GLU B 107 33.97 -4.45 19.66
CA GLU B 107 33.61 -3.40 18.75
C GLU B 107 33.47 -3.82 17.29
N LEU B 108 34.46 -4.53 16.77
CA LEU B 108 34.40 -4.95 15.38
C LEU B 108 33.31 -6.02 15.20
N LYS B 109 33.15 -6.85 16.24
CA LYS B 109 32.07 -7.83 16.24
C LYS B 109 30.72 -7.09 16.12
N ALA B 110 30.56 -6.06 16.97
CA ALA B 110 29.38 -5.24 16.96
C ALA B 110 29.19 -4.65 15.59
N GLN B 111 30.27 -4.16 14.99
CA GLN B 111 30.11 -3.49 13.70
C GLN B 111 29.72 -4.51 12.67
N ILE B 112 30.24 -5.73 12.80
CA ILE B 112 29.88 -6.77 11.83
C ILE B 112 28.40 -7.21 11.90
N GLN B 113 27.96 -7.50 13.12
CA GLN B 113 26.57 -7.81 13.37
C GLN B 113 25.64 -6.75 12.78
N ALA B 114 25.87 -5.50 13.17
CA ALA B 114 25.10 -4.39 12.64
C ALA B 114 25.14 -4.33 11.11
N ALA B 115 26.27 -4.64 10.48
CA ALA B 115 26.28 -4.59 9.02
C ALA B 115 25.36 -5.68 8.43
N ALA B 116 25.30 -6.84 9.10
CA ALA B 116 24.50 -7.98 8.60
C ALA B 116 23.07 -7.58 8.53
N LYS B 117 22.62 -6.78 9.49
CA LYS B 117 21.25 -6.30 9.48
C LYS B 117 20.95 -5.40 8.31
N LEU B 118 21.95 -4.77 7.71
CA LEU B 118 21.62 -3.81 6.64
C LEU B 118 21.87 -4.30 5.23
N PHE B 119 22.70 -5.33 5.07
CA PHE B 119 22.95 -5.92 3.74
C PHE B 119 23.62 -7.27 3.87
N SER B 120 23.99 -7.88 2.74
CA SER B 120 24.76 -9.13 2.82
C SER B 120 26.25 -8.94 2.57
N PRO B 121 27.01 -8.87 3.67
CA PRO B 121 28.41 -8.50 3.65
C PRO B 121 29.17 -9.63 2.98
N THR B 122 30.14 -9.31 2.13
CA THR B 122 30.94 -10.36 1.54
C THR B 122 32.38 -10.27 2.03
N HIS B 123 32.82 -9.07 2.39
CA HIS B 123 34.20 -8.92 2.82
C HIS B 123 34.40 -8.06 4.03
N LEU B 124 35.66 -7.83 4.34
CA LEU B 124 36.07 -7.18 5.54
C LEU B 124 37.30 -6.38 5.20
N ASP B 125 37.26 -5.07 5.40
CA ASP B 125 38.48 -4.28 5.37
C ASP B 125 38.54 -3.29 6.54
N ALA B 126 39.62 -2.54 6.64
CA ALA B 126 39.82 -1.68 7.81
C ALA B 126 40.08 -0.30 7.31
N HIS B 127 39.42 0.66 7.91
CA HIS B 127 39.61 2.04 7.54
C HIS B 127 40.97 2.49 8.09
N GLN B 128 41.73 3.21 7.24
CA GLN B 128 43.12 3.63 7.53
C GLN B 128 44.05 2.47 7.96
N GLY B 129 43.71 1.23 7.58
CA GLY B 129 44.40 0.03 8.07
C GLY B 129 44.69 0.08 9.57
N ALA B 130 43.69 0.45 10.37
CA ALA B 130 43.86 0.48 11.81
C ALA B 130 44.11 -0.90 12.39
N VAL B 131 43.98 -1.94 11.60
CA VAL B 131 44.21 -3.30 12.12
C VAL B 131 45.67 -3.74 12.03
N LEU B 132 46.53 -2.88 11.47
CA LEU B 132 47.95 -3.16 11.33
C LEU B 132 48.75 -3.42 12.62
N ARG B 133 48.21 -3.05 13.77
CA ARG B 133 48.89 -3.40 15.01
C ARG B 133 48.67 -4.92 15.19
N PRO B 134 49.77 -5.71 15.28
CA PRO B 134 49.84 -7.19 15.06
C PRO B 134 48.71 -7.97 15.75
N ASP B 135 48.81 -8.04 17.05
CA ASP B 135 47.69 -7.91 17.96
C ASP B 135 46.27 -7.91 17.37
N LEU B 136 45.92 -6.79 16.71
CA LEU B 136 44.64 -6.56 16.14
C LEU B 136 44.57 -7.11 14.74
N ALA B 137 45.70 -7.29 14.08
CA ALA B 137 45.63 -7.93 12.74
C ALA B 137 45.15 -9.34 12.99
N GLU B 138 45.63 -9.93 14.07
CA GLU B 138 45.27 -11.30 14.43
C GLU B 138 43.75 -11.33 14.64
N VAL B 139 43.25 -10.55 15.60
CA VAL B 139 41.80 -10.36 15.76
C VAL B 139 41.06 -10.33 14.42
N TYR B 140 41.53 -9.46 13.54
CA TYR B 140 40.85 -9.19 12.29
C TYR B 140 40.69 -10.38 11.40
N LEU B 141 41.67 -11.29 11.37
CA LEU B 141 41.61 -12.46 10.47
C LEU B 141 40.79 -13.59 11.09
N ARG B 142 40.85 -13.65 12.40
CA ARG B 142 40.06 -14.58 13.17
C ARG B 142 38.58 -14.32 12.90
N LEU B 143 38.14 -13.07 13.08
CA LEU B 143 36.82 -12.63 12.71
C LEU B 143 36.50 -12.91 11.23
N ALA B 144 37.42 -12.70 10.31
CA ALA B 144 37.05 -12.93 8.90
C ALA B 144 36.65 -14.42 8.75
N GLU B 145 37.42 -15.25 9.48
CA GLU B 145 37.19 -16.68 9.61
C GLU B 145 35.79 -16.86 10.15
N ALA B 146 35.63 -16.47 11.41
CA ALA B 146 34.42 -16.66 12.20
C ALA B 146 33.11 -16.20 11.56
N TYR B 147 33.15 -15.35 10.53
CA TYR B 147 31.92 -14.87 9.90
C TYR B 147 31.91 -15.16 8.43
N ARG B 148 32.80 -16.03 7.97
CA ARG B 148 32.86 -16.33 6.53
C ARG B 148 32.84 -15.10 5.60
N LEU B 149 33.70 -14.11 5.88
CA LEU B 149 33.90 -12.97 4.99
C LEU B 149 35.34 -12.88 4.61
N VAL B 150 35.65 -12.69 3.34
CA VAL B 150 37.07 -12.59 2.96
C VAL B 150 37.71 -11.26 3.41
N PRO B 151 38.85 -11.33 4.14
CA PRO B 151 39.58 -10.13 4.55
C PRO B 151 40.45 -9.55 3.44
N LEU B 152 40.50 -8.22 3.39
CA LEU B 152 41.57 -7.53 2.67
C LEU B 152 42.96 -7.90 3.22
N VAL B 153 43.75 -8.60 2.39
CA VAL B 153 45.15 -8.90 2.72
C VAL B 153 46.07 -8.57 1.54
N PRO B 154 47.03 -7.65 1.75
CA PRO B 154 47.89 -7.26 0.60
C PRO B 154 49.08 -8.17 0.41
N GLU B 155 49.69 -8.08 -0.78
CA GLU B 155 50.83 -8.91 -1.11
C GLU B 155 52.07 -8.40 -0.43
N SER B 156 52.37 -7.13 -0.67
CA SER B 156 53.47 -6.43 -0.02
C SER B 156 52.90 -5.44 0.96
N LEU B 157 53.59 -5.17 2.06
CA LEU B 157 53.09 -4.10 2.93
C LEU B 157 53.89 -2.81 2.84
N GLU B 158 54.68 -2.71 1.77
CA GLU B 158 55.51 -1.57 1.42
C GLU B 158 54.66 -0.31 1.25
N GLY B 159 55.19 0.84 1.67
CA GLY B 159 54.48 2.11 1.57
C GLY B 159 53.07 2.10 2.15
N LEU B 160 52.87 1.45 3.28
CA LEU B 160 51.61 1.63 4.02
C LEU B 160 51.93 2.27 5.36
N GLY B 161 53.15 2.82 5.47
CA GLY B 161 53.65 3.43 6.68
C GLY B 161 53.46 2.60 7.94
N VAL B 162 53.70 1.29 7.88
CA VAL B 162 53.59 0.48 9.09
C VAL B 162 54.77 0.77 10.02
N PRO B 163 54.50 1.15 11.28
CA PRO B 163 55.58 1.35 12.26
C PRO B 163 56.51 0.19 12.09
N PRO B 164 57.80 0.47 11.87
CA PRO B 164 58.78 -0.60 11.57
C PRO B 164 58.76 -1.81 12.53
N PRO B 165 58.65 -1.60 13.84
CA PRO B 165 58.67 -2.77 14.70
C PRO B 165 57.46 -3.72 14.54
N PHE B 166 56.52 -3.41 13.64
CA PHE B 166 55.38 -4.28 13.40
C PHE B 166 55.63 -5.22 12.23
N LEU B 167 56.47 -4.80 11.27
CA LEU B 167 56.80 -5.60 10.10
C LEU B 167 57.09 -7.07 10.37
N PRO B 168 57.93 -7.36 11.39
CA PRO B 168 58.19 -8.80 11.62
C PRO B 168 56.91 -9.62 11.84
N GLU B 169 56.15 -9.35 12.90
CA GLU B 169 54.88 -10.07 13.17
C GLU B 169 53.86 -10.08 12.04
N LEU B 170 53.67 -8.94 11.39
CA LEU B 170 52.81 -8.85 10.26
C LEU B 170 53.30 -9.67 9.12
N GLU B 171 54.61 -9.81 8.98
CA GLU B 171 55.12 -10.61 7.86
C GLU B 171 54.86 -12.09 8.16
N ARG B 172 54.97 -12.45 9.43
CA ARG B 172 54.81 -13.81 9.87
C ARG B 172 53.41 -14.28 9.56
N LEU B 173 52.43 -13.59 10.14
CA LEU B 173 51.07 -13.99 9.93
C LEU B 173 50.59 -13.70 8.53
N LEU B 174 51.11 -12.68 7.90
CA LEU B 174 50.81 -12.51 6.49
C LEU B 174 51.26 -13.76 5.74
N TYR B 175 52.36 -14.35 6.18
CA TYR B 175 52.91 -15.53 5.53
C TYR B 175 52.09 -16.80 5.81
N GLU B 176 51.73 -17.00 7.07
CA GLU B 176 50.92 -18.13 7.51
C GLU B 176 49.42 -18.10 7.18
N THR B 177 48.90 -17.01 6.65
CA THR B 177 47.46 -16.99 6.49
C THR B 177 47.12 -17.75 5.23
N PRO B 178 46.08 -18.63 5.31
CA PRO B 178 45.44 -19.30 4.16
C PRO B 178 44.78 -18.33 3.21
N PHE B 179 44.51 -17.10 3.66
CA PHE B 179 43.70 -16.16 2.87
C PHE B 179 44.49 -15.61 1.70
N PRO B 180 43.82 -15.38 0.57
CA PRO B 180 44.50 -14.84 -0.59
C PRO B 180 44.92 -13.37 -0.42
N GLN B 181 46.08 -13.02 -0.98
CA GLN B 181 46.63 -11.68 -0.95
C GLN B 181 46.42 -10.98 -2.27
N VAL B 182 46.03 -9.71 -2.23
CA VAL B 182 45.78 -8.97 -3.47
C VAL B 182 46.89 -8.02 -3.76
N ARG B 183 46.97 -7.57 -4.99
CA ARG B 183 47.92 -6.57 -5.34
C ARG B 183 47.27 -5.22 -5.19
N PHE B 184 47.66 -4.57 -4.10
CA PHE B 184 47.08 -3.33 -3.60
C PHE B 184 47.40 -2.11 -4.46
N LEU B 185 46.39 -1.41 -4.98
CA LEU B 185 46.62 -0.12 -5.63
C LEU B 185 45.75 0.97 -4.98
N ASP B 186 46.35 2.13 -4.74
CA ASP B 186 45.65 3.24 -4.13
C ASP B 186 46.12 4.57 -4.73
N PRO B 187 45.28 5.21 -5.56
CA PRO B 187 45.67 6.54 -6.04
C PRO B 187 45.47 7.67 -4.97
N TYR B 188 45.02 7.28 -3.77
CA TYR B 188 44.96 8.19 -2.62
C TYR B 188 46.42 8.56 -2.22
N GLY B 189 46.70 9.85 -2.16
CA GLY B 189 48.08 10.34 -2.12
C GLY B 189 48.31 11.19 -3.35
N LEU B 190 48.12 10.61 -4.53
CA LEU B 190 48.42 11.32 -5.80
C LEU B 190 47.47 12.50 -6.11
N PRO B 191 48.05 13.65 -6.48
CA PRO B 191 47.32 14.88 -6.80
C PRO B 191 46.07 14.72 -7.69
N PRO B 192 44.96 15.34 -7.28
CA PRO B 192 43.66 15.34 -7.93
C PRO B 192 43.68 15.48 -9.44
N GLU B 193 44.46 16.42 -9.95
CA GLU B 193 44.47 16.65 -11.40
C GLU B 193 45.22 15.58 -12.18
N GLU B 194 45.94 14.70 -11.50
CA GLU B 194 46.64 13.64 -12.22
C GLU B 194 45.78 12.40 -12.35
N ARG B 195 45.11 12.03 -11.26
CA ARG B 195 44.04 11.01 -11.20
C ARG B 195 43.54 10.40 -12.51
N LEU B 196 43.04 11.21 -13.44
CA LEU B 196 42.65 10.66 -14.73
C LEU B 196 43.78 9.83 -15.38
N GLY B 197 44.99 10.37 -15.34
CA GLY B 197 46.16 9.65 -15.78
C GLY B 197 46.29 8.31 -15.08
N PHE B 198 46.22 8.32 -13.75
CA PHE B 198 46.48 7.10 -12.98
C PHE B 198 45.59 5.95 -13.47
N TYR B 199 44.34 6.29 -13.80
CA TYR B 199 43.38 5.30 -14.20
C TYR B 199 43.67 4.80 -15.57
N LEU B 200 44.01 5.69 -16.50
CA LEU B 200 44.36 5.25 -17.85
C LEU B 200 45.61 4.35 -17.85
N ASP B 201 46.62 4.72 -17.06
CA ASP B 201 47.85 3.92 -16.93
C ASP B 201 47.69 2.55 -16.32
N LEU B 202 46.45 2.15 -16.12
CA LEU B 202 46.25 0.79 -15.68
C LEU B 202 46.27 -0.14 -16.89
N ALA B 203 45.98 0.41 -18.07
CA ALA B 203 46.19 -0.28 -19.35
C ALA B 203 47.53 -1.04 -19.35
N HIS B 204 48.56 -0.46 -18.73
CA HIS B 204 49.88 -1.06 -18.77
C HIS B 204 50.15 -2.11 -17.69
N LEU B 205 49.12 -2.76 -17.16
CA LEU B 205 49.38 -3.67 -16.03
C LEU B 205 49.35 -5.14 -16.46
N PRO B 206 50.40 -5.91 -16.09
CA PRO B 206 50.51 -7.36 -16.38
C PRO B 206 49.37 -8.12 -15.77
N PRO B 207 49.18 -9.41 -16.15
CA PRO B 207 48.30 -10.30 -15.39
C PRO B 207 48.60 -10.28 -13.90
N GLY B 208 47.60 -10.67 -13.10
CA GLY B 208 47.68 -10.67 -11.66
C GLY B 208 46.32 -10.34 -11.06
N LEU B 209 46.28 -10.38 -9.72
CA LEU B 209 45.10 -10.05 -8.95
C LEU B 209 45.18 -8.65 -8.35
N TYR B 210 44.60 -7.66 -9.01
CA TYR B 210 44.67 -6.32 -8.45
C TYR B 210 43.44 -5.81 -7.69
N TYR B 211 43.70 -5.25 -6.50
CA TYR B 211 42.71 -4.54 -5.67
C TYR B 211 42.90 -3.06 -5.84
N LEU B 212 41.99 -2.41 -6.54
CA LEU B 212 42.01 -0.94 -6.67
C LEU B 212 40.97 -0.22 -5.81
N VAL B 213 41.40 0.53 -4.79
CA VAL B 213 40.45 1.26 -3.94
C VAL B 213 40.22 2.67 -4.43
N HIS B 214 38.96 3.08 -4.53
CA HIS B 214 38.61 4.48 -4.81
C HIS B 214 37.73 5.10 -3.70
N HIS B 215 37.71 6.43 -3.61
CA HIS B 215 36.83 7.12 -2.64
C HIS B 215 35.90 8.07 -3.40
N SER B 216 35.34 7.61 -4.50
CA SER B 216 34.51 8.48 -5.25
C SER B 216 33.41 9.06 -4.38
N ALA B 217 33.17 10.35 -4.60
CA ALA B 217 32.11 11.09 -3.97
C ALA B 217 31.58 12.14 -4.95
N LEU B 218 30.31 12.54 -4.79
CA LEU B 218 29.68 13.45 -5.72
C LEU B 218 29.82 14.91 -5.25
N PRO B 219 30.02 15.85 -6.20
CA PRO B 219 30.17 17.27 -5.84
C PRO B 219 28.98 17.73 -5.01
N THR B 220 29.16 18.15 -3.77
CA THR B 220 28.08 18.39 -2.79
C THR B 220 28.55 19.21 -1.59
N PRO B 221 27.75 20.22 -1.17
CA PRO B 221 28.15 20.98 0.01
C PRO B 221 28.52 20.01 1.13
N GLU B 222 27.70 18.99 1.37
CA GLU B 222 28.09 18.06 2.41
C GLU B 222 29.42 17.32 2.08
N GLY B 223 29.62 16.98 0.82
CA GLY B 223 30.81 16.28 0.41
C GLY B 223 31.98 17.16 0.70
N ARG B 224 31.88 18.41 0.26
CA ARG B 224 32.97 19.36 0.43
C ARG B 224 33.25 19.84 1.83
N ALA B 225 32.46 19.41 2.81
CA ALA B 225 32.82 19.58 4.20
C ALA B 225 34.01 18.71 4.54
N LEU B 226 34.33 17.71 3.74
CA LEU B 226 35.55 16.92 3.98
C LEU B 226 36.75 17.59 3.34
N PRO B 227 37.86 17.69 4.10
CA PRO B 227 39.07 18.34 3.55
C PRO B 227 39.63 17.61 2.34
N ASP B 228 39.49 16.30 2.24
CA ASP B 228 40.02 15.64 1.04
C ASP B 228 39.03 15.56 -0.16
N TRP B 229 38.00 16.39 -0.19
CA TRP B 229 37.02 16.29 -1.26
C TRP B 229 37.62 16.41 -2.64
N PRO B 230 38.61 17.29 -2.84
CA PRO B 230 39.11 17.37 -4.23
C PRO B 230 39.45 16.01 -4.84
N THR B 231 39.97 15.10 -4.02
CA THR B 231 40.49 13.83 -4.53
C THR B 231 39.36 12.79 -4.65
N ARG B 232 38.47 12.76 -3.65
CA ARG B 232 37.18 12.06 -3.78
C ARG B 232 36.43 12.36 -5.06
N GLU B 233 36.25 13.64 -5.39
CA GLU B 233 35.53 13.98 -6.60
C GLU B 233 36.36 13.67 -7.83
N ALA B 234 37.67 13.64 -7.67
CA ALA B 234 38.54 13.32 -8.81
C ALA B 234 38.33 11.85 -9.20
N ASP B 235 38.30 10.96 -8.21
CA ASP B 235 37.97 9.55 -8.43
C ASP B 235 36.65 9.49 -9.16
N TYR B 236 35.64 10.24 -8.70
CA TYR B 236 34.35 10.06 -9.34
C TYR B 236 34.42 10.41 -10.81
N PHE B 237 35.02 11.53 -11.14
CA PHE B 237 35.08 11.94 -12.54
C PHE B 237 35.89 11.01 -13.43
N ALA B 238 36.93 10.44 -12.84
CA ALA B 238 37.74 9.45 -13.52
C ALA B 238 36.92 8.23 -13.85
N LEU B 239 36.37 7.56 -12.84
CA LEU B 239 35.59 6.36 -13.08
C LEU B 239 34.35 6.54 -13.96
N SER B 240 33.82 7.76 -14.03
CA SER B 240 32.65 7.98 -14.88
C SER B 240 33.07 8.46 -16.26
N HIS B 241 34.37 8.55 -16.48
CA HIS B 241 34.87 8.82 -17.83
C HIS B 241 34.94 7.55 -18.72
N PRO B 242 34.28 7.61 -19.91
CA PRO B 242 34.16 6.53 -20.90
C PRO B 242 35.52 5.89 -21.30
N GLU B 243 36.58 6.68 -21.42
CA GLU B 243 37.93 6.16 -21.58
C GLU B 243 38.31 5.19 -20.49
N VAL B 244 38.15 5.64 -19.24
CA VAL B 244 38.56 4.87 -18.08
C VAL B 244 37.64 3.67 -17.92
N ARG B 245 36.38 3.77 -18.30
CA ARG B 245 35.51 2.60 -18.20
C ARG B 245 35.98 1.49 -19.16
N ARG B 246 36.44 1.94 -20.32
CA ARG B 246 36.91 1.09 -21.41
C ARG B 246 38.21 0.35 -21.02
N VAL B 247 39.06 1.03 -20.28
CA VAL B 247 40.34 0.48 -19.85
C VAL B 247 40.06 -0.52 -18.73
N LEU B 248 39.01 -0.25 -17.97
CA LEU B 248 38.65 -1.12 -16.87
C LEU B 248 37.98 -2.35 -17.43
N ALA B 249 37.28 -2.16 -18.55
CA ALA B 249 36.69 -3.26 -19.31
C ALA B 249 37.72 -4.35 -19.65
N GLU B 250 38.91 -3.98 -20.13
CA GLU B 250 39.96 -4.96 -20.46
C GLU B 250 40.38 -5.84 -19.27
N PHE B 251 39.75 -5.67 -18.11
CA PHE B 251 40.10 -6.47 -16.95
C PHE B 251 38.98 -7.42 -16.73
N HIS B 252 39.27 -8.58 -16.14
CA HIS B 252 38.19 -9.41 -15.70
C HIS B 252 37.72 -8.92 -14.32
N PRO B 253 36.56 -8.23 -14.28
CA PRO B 253 35.96 -7.75 -13.02
C PRO B 253 35.67 -8.92 -12.08
N LEU B 254 36.06 -8.82 -10.82
CA LEU B 254 35.85 -9.93 -9.92
C LEU B 254 35.25 -9.44 -8.62
N THR B 255 34.15 -10.03 -8.17
CA THR B 255 33.56 -9.51 -6.95
C THR B 255 34.14 -10.23 -5.75
N TRP B 256 34.07 -9.62 -4.58
CA TRP B 256 34.49 -10.30 -3.38
C TRP B 256 33.55 -11.46 -3.10
N ARG B 257 32.33 -11.35 -3.63
CA ARG B 257 31.31 -12.36 -3.43
C ARG B 257 31.79 -13.70 -4.03
N ALA B 258 32.20 -13.63 -5.30
CA ALA B 258 32.78 -14.74 -6.04
C ALA B 258 33.91 -15.33 -5.24
N VAL B 259 34.83 -14.48 -4.81
CA VAL B 259 35.93 -14.98 -4.00
C VAL B 259 35.40 -15.75 -2.79
N ARG B 260 34.31 -15.28 -2.22
CA ARG B 260 33.88 -15.88 -0.97
C ARG B 260 33.37 -17.31 -1.08
N GLU B 261 32.54 -17.57 -2.10
CA GLU B 261 32.07 -18.93 -2.43
C GLU B 261 33.24 -19.89 -2.65
N ALA B 262 34.20 -19.46 -3.46
CA ALA B 262 35.41 -20.23 -3.69
C ALA B 262 36.20 -20.60 -2.42
N LEU B 263 36.00 -19.93 -1.28
CA LEU B 263 36.86 -20.17 -0.10
C LEU B 263 36.14 -20.66 1.15
N PHE B 264 34.83 -20.52 1.20
CA PHE B 264 34.10 -20.90 2.42
C PHE B 264 33.15 -22.13 2.31
N ASP C 2 10.25 -1.17 7.04
CA ASP C 2 11.48 -0.89 6.25
C ASP C 2 11.43 -1.47 4.83
N LEU C 3 11.02 -2.73 4.74
CA LEU C 3 10.92 -3.36 3.43
C LEU C 3 9.76 -2.79 2.63
N LEU C 4 8.62 -2.57 3.29
CA LEU C 4 7.47 -1.92 2.67
C LEU C 4 7.85 -0.53 2.16
N GLU C 5 8.90 -0.01 2.79
CA GLU C 5 9.43 1.29 2.50
C GLU C 5 10.19 1.26 1.18
N ARG C 6 11.27 0.49 1.11
CA ARG C 6 12.01 0.37 -0.16
C ARG C 6 11.17 -0.26 -1.27
N LEU C 7 9.85 -0.18 -1.14
CA LEU C 7 8.94 -0.71 -2.13
C LEU C 7 7.85 0.27 -2.44
N GLY C 8 7.47 1.07 -1.43
CA GLY C 8 6.48 2.12 -1.60
C GLY C 8 5.10 1.76 -1.05
N LEU C 9 5.08 0.91 -0.04
CA LEU C 9 3.84 0.38 0.50
C LEU C 9 3.82 0.59 1.99
N GLY C 10 4.76 1.43 2.46
CA GLY C 10 4.81 1.83 3.85
C GLY C 10 3.41 2.16 4.33
N GLY C 11 3.06 1.68 5.52
CA GLY C 11 1.75 1.99 6.10
C GLY C 11 0.53 1.37 5.43
N ARG C 12 0.66 0.90 4.18
CA ARG C 12 -0.39 0.08 3.55
C ARG C 12 -0.51 -1.30 4.26
N ARG C 13 -1.69 -1.94 4.11
CA ARG C 13 -1.92 -3.34 4.54
C ARG C 13 -1.54 -4.30 3.41
N VAL C 14 -0.44 -5.04 3.61
CA VAL C 14 0.12 -5.84 2.53
C VAL C 14 0.28 -7.37 2.81
N LEU C 15 -0.28 -8.15 1.88
CA LEU C 15 -0.34 -9.62 1.96
C LEU C 15 0.55 -10.40 1.00
N ILE C 16 1.26 -11.39 1.53
CA ILE C 16 1.66 -12.51 0.69
C ILE C 16 0.81 -13.78 0.97
N LEU C 17 -0.03 -14.10 -0.02
CA LEU C 17 -0.75 -15.38 -0.09
C LEU C 17 0.08 -16.52 -0.69
N HIS C 18 0.48 -17.45 0.17
CA HIS C 18 1.33 -18.52 -0.26
C HIS C 18 0.65 -19.92 -0.22
N HIS C 19 0.67 -20.59 -1.37
CA HIS C 19 0.21 -21.98 -1.53
C HIS C 19 1.35 -22.94 -1.31
N ASP C 20 1.29 -23.62 -0.20
CA ASP C 20 2.24 -24.64 0.11
C ASP C 20 1.99 -25.96 -0.64
N ASP C 21 2.99 -26.84 -0.63
CA ASP C 21 2.77 -28.26 -0.93
C ASP C 21 2.45 -28.65 -2.39
N LEU C 22 2.57 -27.71 -3.33
CA LEU C 22 2.48 -28.02 -4.75
C LEU C 22 3.40 -29.17 -5.18
N GLY C 23 2.91 -29.96 -6.16
CA GLY C 23 3.60 -31.19 -6.55
C GLY C 23 3.43 -32.40 -5.63
N LEU C 24 2.77 -32.24 -4.49
CA LEU C 24 2.58 -33.39 -3.64
C LEU C 24 1.53 -34.37 -4.23
N THR C 25 0.38 -33.82 -4.60
CA THR C 25 -0.68 -34.52 -5.25
C THR C 25 -1.23 -33.69 -6.39
N HIS C 26 -1.84 -34.39 -7.33
CA HIS C 26 -2.63 -33.84 -8.40
C HIS C 26 -3.74 -32.92 -7.84
N ALA C 27 -4.22 -33.23 -6.63
CA ALA C 27 -5.28 -32.39 -6.05
C ALA C 27 -4.71 -31.03 -5.59
N GLN C 28 -3.44 -30.96 -5.16
CA GLN C 28 -2.87 -29.62 -4.89
C GLN C 28 -2.79 -28.81 -6.19
N ASN C 29 -2.07 -29.35 -7.18
CA ASN C 29 -1.85 -28.60 -8.39
C ASN C 29 -3.21 -28.09 -8.89
N GLY C 30 -4.23 -28.92 -8.78
CA GLY C 30 -5.53 -28.56 -9.29
C GLY C 30 -6.06 -27.37 -8.57
N ALA C 31 -5.92 -27.34 -7.26
CA ALA C 31 -6.38 -26.20 -6.47
C ALA C 31 -5.58 -24.99 -6.93
N TYR C 32 -4.27 -25.18 -7.09
CA TYR C 32 -3.46 -24.09 -7.60
C TYR C 32 -4.03 -23.57 -8.92
N GLN C 33 -4.15 -24.44 -9.91
CA GLN C 33 -4.73 -23.99 -11.17
C GLN C 33 -6.07 -23.37 -10.97
N ALA C 34 -6.95 -24.00 -10.20
CA ALA C 34 -8.31 -23.49 -10.04
C ALA C 34 -8.37 -22.09 -9.42
N LEU C 35 -7.52 -21.82 -8.45
CA LEU C 35 -7.53 -20.58 -7.68
C LEU C 35 -7.06 -19.32 -8.46
N GLY C 36 -6.28 -19.54 -9.54
CA GLY C 36 -5.69 -18.48 -10.35
C GLY C 36 -4.76 -17.48 -9.66
N LEU C 37 -4.04 -17.91 -8.62
CA LEU C 37 -3.23 -17.02 -7.79
C LEU C 37 -1.78 -17.31 -8.11
N PRO C 38 -0.87 -16.32 -7.97
CA PRO C 38 0.48 -16.57 -8.53
C PRO C 38 1.46 -17.27 -7.62
N THR C 39 1.32 -17.11 -6.29
CA THR C 39 2.37 -17.56 -5.32
C THR C 39 2.19 -18.95 -4.65
N GLY C 40 3.22 -19.76 -4.73
CA GLY C 40 3.34 -20.90 -3.85
C GLY C 40 4.67 -21.55 -4.09
N SER C 41 4.96 -22.66 -3.39
CA SER C 41 6.23 -23.37 -3.58
C SER C 41 5.96 -24.85 -3.90
N VAL C 42 7.00 -25.59 -4.31
CA VAL C 42 6.82 -26.86 -4.95
C VAL C 42 7.73 -27.93 -4.33
N MET C 43 7.15 -29.04 -3.89
CA MET C 43 7.97 -30.09 -3.31
C MET C 43 8.58 -30.76 -4.54
N VAL C 44 9.90 -30.67 -4.67
CA VAL C 44 10.50 -31.14 -5.91
C VAL C 44 10.46 -32.64 -5.98
N PRO C 45 10.71 -33.37 -4.85
CA PRO C 45 10.54 -34.84 -4.96
C PRO C 45 9.05 -35.29 -5.04
N GLY C 46 8.11 -34.34 -5.04
CA GLY C 46 6.70 -34.67 -5.25
C GLY C 46 6.49 -35.20 -6.67
N ALA C 47 5.64 -36.21 -6.84
CA ALA C 47 5.48 -36.78 -8.17
C ALA C 47 4.77 -35.83 -9.16
N TRP C 48 4.25 -34.71 -8.69
CA TRP C 48 3.58 -33.79 -9.63
C TRP C 48 4.28 -32.47 -9.68
N ALA C 49 5.54 -32.47 -9.26
CA ALA C 49 6.39 -31.29 -9.33
C ALA C 49 6.41 -30.75 -10.74
N SER C 50 6.59 -31.62 -11.74
CA SER C 50 6.68 -31.21 -13.15
C SER C 50 5.35 -30.63 -13.66
N GLY C 51 4.27 -30.89 -12.95
CA GLY C 51 2.98 -30.46 -13.43
C GLY C 51 2.60 -29.05 -13.14
N VAL C 52 3.51 -28.23 -12.62
CA VAL C 52 3.09 -26.88 -12.13
C VAL C 52 3.73 -25.73 -12.88
N LYS C 53 2.91 -24.74 -13.25
CA LYS C 53 3.38 -23.58 -13.98
C LYS C 53 2.69 -22.35 -13.41
N GLY C 54 3.47 -21.35 -12.99
CA GLY C 54 2.91 -20.08 -12.46
C GLY C 54 3.91 -18.94 -12.34
N GLU C 55 3.40 -17.74 -12.09
CA GLU C 55 4.21 -16.52 -12.15
C GLU C 55 5.00 -16.17 -10.88
N ASP C 56 4.58 -16.72 -9.73
CA ASP C 56 5.37 -16.58 -8.50
C ASP C 56 5.61 -17.91 -7.74
N LEU C 57 6.49 -18.75 -8.27
CA LEU C 57 6.72 -20.07 -7.67
C LEU C 57 8.05 -20.21 -7.02
N GLY C 58 8.08 -20.62 -5.75
CA GLY C 58 9.35 -20.93 -5.05
C GLY C 58 9.62 -22.42 -4.95
N VAL C 59 10.63 -22.82 -4.21
CA VAL C 59 10.82 -24.24 -3.94
C VAL C 59 10.58 -24.61 -2.47
N HIS C 60 9.47 -25.32 -2.19
CA HIS C 60 9.24 -26.00 -0.92
C HIS C 60 10.28 -27.09 -0.76
N LEU C 61 11.28 -26.78 0.05
CA LEU C 61 12.37 -27.71 0.30
C LEU C 61 11.87 -28.80 1.19
N VAL C 62 12.32 -30.02 0.97
CA VAL C 62 11.83 -31.08 1.83
C VAL C 62 12.88 -32.02 2.30
N LEU C 63 12.86 -32.32 3.60
CA LEU C 63 13.66 -33.40 4.20
C LEU C 63 12.90 -34.33 5.12
N THR C 64 11.58 -34.18 5.22
CA THR C 64 10.75 -35.17 5.94
C THR C 64 9.58 -35.62 5.08
N SER C 65 9.06 -36.79 5.39
CA SER C 65 7.88 -37.35 4.70
C SER C 65 6.94 -38.04 5.72
N GLU C 66 5.98 -37.28 6.22
CA GLU C 66 5.10 -37.67 7.36
C GLU C 66 4.11 -38.80 7.07
N TRP C 67 3.49 -38.78 5.89
CA TRP C 67 2.43 -39.70 5.61
C TRP C 67 2.88 -41.12 5.36
N PRO C 68 1.97 -42.08 5.55
CA PRO C 68 2.40 -43.43 5.22
C PRO C 68 2.37 -43.64 3.68
N ALA C 69 1.59 -42.81 2.98
CA ALA C 69 1.62 -42.62 1.50
C ALA C 69 0.85 -41.34 1.16
N PRO C 70 1.25 -40.61 0.13
CA PRO C 70 2.41 -40.76 -0.74
C PRO C 70 3.63 -40.45 0.07
N ARG C 71 4.74 -41.07 -0.24
CA ARG C 71 5.93 -40.67 0.44
C ARG C 71 6.92 -40.16 -0.60
N MET C 72 7.85 -39.27 -0.17
CA MET C 72 9.00 -38.73 -0.97
C MET C 72 10.37 -39.38 -0.64
N ARG C 73 11.20 -39.58 -1.66
CA ARG C 73 12.63 -39.98 -1.46
C ARG C 73 13.61 -38.81 -1.71
N PRO C 74 14.83 -38.88 -1.16
CA PRO C 74 15.80 -37.81 -1.53
C PRO C 74 16.34 -37.99 -2.96
N LEU C 75 16.65 -36.88 -3.65
CA LEU C 75 17.35 -36.90 -4.92
C LEU C 75 18.77 -37.45 -4.71
N THR C 76 19.54 -36.83 -3.85
CA THR C 76 20.89 -37.30 -3.58
C THR C 76 20.83 -38.56 -2.78
N GLU C 77 21.93 -39.28 -2.75
CA GLU C 77 21.91 -40.55 -2.07
C GLU C 77 22.60 -40.58 -0.71
N GLY C 78 22.57 -39.45 0.01
CA GLY C 78 23.15 -39.34 1.36
C GLY C 78 22.48 -40.23 2.42
N GLU C 79 23.22 -41.20 2.95
CA GLU C 79 22.71 -42.14 3.97
C GLU C 79 21.93 -41.60 5.17
N SER C 80 22.25 -40.39 5.59
CA SER C 80 21.75 -39.93 6.88
C SER C 80 20.40 -39.31 6.68
N LEU C 81 20.03 -39.11 5.42
CA LEU C 81 18.77 -38.46 5.08
C LEU C 81 17.61 -39.43 4.88
N ARG C 82 17.87 -40.71 5.05
CA ARG C 82 16.91 -41.71 4.68
C ARG C 82 16.66 -42.68 5.82
N ASP C 83 15.46 -43.25 5.83
CA ASP C 83 14.96 -44.00 6.96
C ASP C 83 13.84 -44.92 6.52
N GLU C 84 14.03 -46.26 6.60
CA GLU C 84 15.21 -47.04 6.23
C GLU C 84 14.69 -47.89 5.08
N ALA C 85 13.46 -47.58 4.67
CA ALA C 85 12.92 -47.98 3.40
C ALA C 85 13.53 -47.06 2.34
N GLY C 86 14.34 -46.09 2.75
CA GLY C 86 14.92 -45.14 1.81
C GLY C 86 14.05 -43.94 1.55
N TYR C 87 13.19 -43.59 2.49
CA TYR C 87 12.40 -42.38 2.33
C TYR C 87 12.96 -41.30 3.21
N PHE C 88 12.56 -40.06 2.96
CA PHE C 88 12.81 -39.07 3.97
C PHE C 88 12.18 -39.59 5.27
N PRO C 89 12.75 -39.21 6.43
CA PRO C 89 12.18 -39.73 7.68
C PRO C 89 10.79 -39.15 7.94
N GLU C 90 10.02 -39.84 8.77
CA GLU C 90 8.62 -39.48 8.91
C GLU C 90 8.30 -38.36 9.89
N SER C 91 9.23 -38.10 10.81
CA SER C 91 9.15 -37.01 11.82
C SER C 91 10.40 -36.15 11.82
N LEU C 92 10.22 -34.87 12.20
CA LEU C 92 11.32 -33.96 12.56
C LEU C 92 12.30 -34.58 13.59
N GLU C 93 11.78 -35.13 14.67
CA GLU C 93 12.62 -35.79 15.64
C GLU C 93 13.59 -36.81 15.00
N ALA C 94 13.03 -37.55 14.06
CA ALA C 94 13.74 -38.62 13.44
C ALA C 94 14.81 -38.05 12.51
N LEU C 95 14.49 -36.90 11.92
CA LEU C 95 15.38 -36.20 10.97
C LEU C 95 16.61 -35.71 11.72
N TRP C 96 16.33 -34.88 12.73
CA TRP C 96 17.28 -34.14 13.53
C TRP C 96 18.27 -35.01 14.26
N ARG C 97 17.83 -36.16 14.72
CA ARG C 97 18.74 -36.95 15.47
C ARG C 97 19.76 -37.63 14.57
N LYS C 98 19.62 -37.57 13.23
CA LYS C 98 20.67 -38.26 12.37
C LYS C 98 21.21 -37.55 11.12
N ALA C 99 20.45 -36.59 10.57
CA ALA C 99 20.89 -35.81 9.43
C ALA C 99 22.28 -35.17 9.60
N ARG C 100 23.13 -35.26 8.60
CA ARG C 100 24.40 -34.63 8.62
C ARG C 100 24.27 -33.44 7.71
N ALA C 101 24.90 -32.34 8.09
CA ALA C 101 24.67 -31.06 7.39
C ALA C 101 25.18 -31.04 5.94
N GLU C 102 26.28 -31.74 5.66
CA GLU C 102 26.82 -31.79 4.30
C GLU C 102 25.75 -32.37 3.39
N GLU C 103 25.42 -33.63 3.69
CA GLU C 103 24.39 -34.38 3.01
C GLU C 103 23.16 -33.51 2.83
N VAL C 104 22.75 -32.83 3.87
CA VAL C 104 21.55 -32.02 3.76
C VAL C 104 21.72 -30.93 2.71
N GLU C 105 22.97 -30.52 2.51
CA GLU C 105 23.21 -29.32 1.70
C GLU C 105 23.20 -29.74 0.28
N ARG C 106 23.87 -30.87 0.00
CA ARG C 106 23.87 -31.48 -1.34
C ARG C 106 22.40 -31.56 -1.81
N GLU C 107 21.64 -32.33 -1.03
CA GLU C 107 20.24 -32.53 -1.23
C GLU C 107 19.48 -31.26 -1.48
N LEU C 108 19.62 -30.26 -0.64
CA LEU C 108 18.88 -29.05 -0.97
C LEU C 108 19.36 -28.31 -2.25
N LYS C 109 20.64 -28.43 -2.60
CA LYS C 109 21.09 -27.84 -3.86
C LYS C 109 20.46 -28.63 -5.00
N ALA C 110 20.57 -29.96 -4.94
CA ALA C 110 19.87 -30.86 -5.82
C ALA C 110 18.43 -30.37 -6.02
N GLN C 111 17.68 -30.25 -4.94
CA GLN C 111 16.31 -29.85 -5.11
C GLN C 111 16.24 -28.51 -5.81
N ILE C 112 17.10 -27.58 -5.46
CA ILE C 112 16.97 -26.24 -6.02
C ILE C 112 17.34 -26.24 -7.50
N GLN C 113 18.38 -26.98 -7.86
CA GLN C 113 18.79 -27.01 -9.25
C GLN C 113 17.70 -27.54 -10.16
N ALA C 114 17.24 -28.74 -9.79
CA ALA C 114 16.04 -29.39 -10.35
C ALA C 114 14.84 -28.45 -10.49
N ALA C 115 14.46 -27.68 -9.47
CA ALA C 115 13.41 -26.69 -9.74
C ALA C 115 13.65 -25.77 -10.97
N ALA C 116 14.91 -25.37 -11.19
CA ALA C 116 15.26 -24.38 -12.20
C ALA C 116 14.94 -24.94 -13.57
N LYS C 117 15.29 -26.22 -13.74
CA LYS C 117 14.73 -27.09 -14.78
C LYS C 117 13.20 -27.07 -14.96
N LEU C 118 12.40 -26.74 -13.94
CA LEU C 118 10.95 -26.82 -14.12
C LEU C 118 10.20 -25.49 -14.16
N PHE C 119 10.79 -24.46 -13.58
CA PHE C 119 10.17 -23.14 -13.59
C PHE C 119 11.25 -22.16 -13.12
N SER C 120 10.90 -20.86 -12.99
CA SER C 120 11.82 -19.82 -12.43
C SER C 120 11.57 -19.58 -10.95
N PRO C 121 12.31 -20.26 -10.08
CA PRO C 121 12.10 -20.15 -8.65
C PRO C 121 12.16 -18.68 -8.23
N THR C 122 11.24 -18.19 -7.40
CA THR C 122 11.37 -16.85 -6.89
C THR C 122 11.72 -16.83 -5.41
N HIS C 123 11.55 -17.96 -4.72
CA HIS C 123 11.71 -17.95 -3.26
C HIS C 123 12.05 -19.27 -2.64
N LEU C 124 12.07 -19.33 -1.31
CA LEU C 124 12.54 -20.55 -0.61
C LEU C 124 11.78 -20.75 0.68
N ASP C 125 11.54 -22.01 1.03
CA ASP C 125 10.94 -22.39 2.33
C ASP C 125 11.10 -23.86 2.57
N ALA C 126 10.73 -24.28 3.75
CA ALA C 126 10.93 -25.65 4.10
C ALA C 126 9.64 -26.17 4.63
N HIS C 127 9.32 -27.37 4.14
CA HIS C 127 8.17 -28.08 4.56
C HIS C 127 8.40 -28.53 6.01
N GLN C 128 7.42 -28.23 6.86
CA GLN C 128 7.46 -28.58 8.30
C GLN C 128 8.55 -27.90 9.14
N GLY C 129 9.09 -26.77 8.67
CA GLY C 129 10.33 -26.20 9.23
C GLY C 129 11.40 -27.24 9.53
N ALA C 130 11.76 -28.07 8.55
CA ALA C 130 12.76 -29.10 8.82
C ALA C 130 14.13 -28.48 9.06
N VAL C 131 14.30 -27.26 8.59
CA VAL C 131 15.53 -26.51 8.70
C VAL C 131 15.70 -25.82 10.07
N LEU C 132 14.80 -26.04 11.02
CA LEU C 132 14.90 -25.35 12.28
C LEU C 132 15.98 -25.89 13.23
N ARG C 133 16.64 -26.98 12.85
CA ARG C 133 17.89 -27.34 13.51
C ARG C 133 19.00 -26.37 13.05
N PRO C 134 19.66 -25.63 14.00
CA PRO C 134 20.23 -24.28 13.69
C PRO C 134 21.35 -24.33 12.67
N ASP C 135 22.26 -25.26 12.87
CA ASP C 135 22.83 -26.03 11.83
C ASP C 135 22.28 -25.77 10.39
N LEU C 136 21.15 -26.43 10.11
CA LEU C 136 20.53 -26.42 8.82
C LEU C 136 19.99 -25.06 8.53
N ALA C 137 19.55 -24.37 9.56
CA ALA C 137 19.08 -23.02 9.36
C ALA C 137 20.19 -22.13 8.78
N GLU C 138 21.45 -22.46 9.07
CA GLU C 138 22.53 -21.65 8.52
C GLU C 138 22.59 -21.97 7.02
N VAL C 139 22.72 -23.27 6.71
CA VAL C 139 22.63 -23.76 5.33
C VAL C 139 21.47 -23.10 4.55
N TYR C 140 20.26 -23.27 5.08
CA TYR C 140 19.07 -22.78 4.42
C TYR C 140 19.30 -21.34 3.96
N LEU C 141 19.69 -20.47 4.89
CA LEU C 141 19.85 -19.02 4.61
C LEU C 141 20.98 -18.72 3.66
N ARG C 142 22.04 -19.51 3.76
CA ARG C 142 23.18 -19.36 2.90
C ARG C 142 22.80 -19.65 1.44
N LEU C 143 22.22 -20.84 1.18
CA LEU C 143 21.66 -21.15 -0.14
C LEU C 143 20.71 -20.08 -0.64
N ALA C 144 19.83 -19.57 0.23
CA ALA C 144 18.86 -18.60 -0.24
C ALA C 144 19.59 -17.54 -1.02
N GLU C 145 20.66 -17.05 -0.38
CA GLU C 145 21.62 -16.05 -0.89
C GLU C 145 22.46 -16.57 -2.11
N ALA C 146 23.12 -17.72 -1.96
CA ALA C 146 23.84 -18.33 -3.07
C ALA C 146 23.03 -18.40 -4.39
N TYR C 147 21.70 -18.35 -4.35
CA TYR C 147 20.92 -18.57 -5.57
C TYR C 147 19.97 -17.44 -5.74
N ARG C 148 20.16 -16.40 -4.95
CA ARG C 148 19.36 -15.17 -5.06
C ARG C 148 17.85 -15.47 -5.07
N LEU C 149 17.43 -16.23 -4.05
CA LEU C 149 16.01 -16.50 -3.75
C LEU C 149 15.68 -16.01 -2.33
N VAL C 150 14.62 -15.22 -2.20
CA VAL C 150 14.28 -14.72 -0.87
C VAL C 150 13.76 -15.87 0.00
N PRO C 151 14.25 -16.01 1.24
CA PRO C 151 13.85 -17.19 1.98
C PRO C 151 12.77 -16.81 2.99
N LEU C 152 12.04 -17.81 3.48
CA LEU C 152 10.99 -17.54 4.43
C LEU C 152 11.67 -17.33 5.75
N VAL C 153 11.45 -16.17 6.36
CA VAL C 153 11.97 -15.88 7.68
C VAL C 153 10.87 -15.25 8.51
N PRO C 154 10.50 -15.93 9.59
CA PRO C 154 9.38 -15.51 10.45
C PRO C 154 9.69 -14.37 11.44
N GLU C 155 8.77 -13.41 11.55
CA GLU C 155 8.80 -12.30 12.56
C GLU C 155 9.24 -12.81 13.91
N SER C 156 8.47 -13.74 14.46
CA SER C 156 8.80 -14.37 15.72
C SER C 156 8.66 -15.89 15.56
N LEU C 157 9.37 -16.68 16.35
CA LEU C 157 9.23 -18.14 16.19
C LEU C 157 8.47 -18.83 17.32
N GLU C 158 7.48 -18.11 17.83
CA GLU C 158 6.60 -18.62 18.86
C GLU C 158 5.57 -19.54 18.21
N GLY C 159 5.28 -20.63 18.90
CA GLY C 159 4.26 -21.56 18.44
C GLY C 159 4.57 -22.35 17.18
N LEU C 160 5.75 -22.18 16.58
CA LEU C 160 6.19 -23.13 15.56
C LEU C 160 6.79 -24.35 16.26
N GLY C 161 6.59 -24.38 17.58
CA GLY C 161 7.06 -25.45 18.44
C GLY C 161 8.49 -25.90 18.18
N VAL C 162 9.46 -25.01 18.33
CA VAL C 162 10.86 -25.41 18.13
C VAL C 162 11.34 -26.12 19.39
N PRO C 163 12.20 -27.16 19.25
CA PRO C 163 12.76 -27.72 20.51
C PRO C 163 13.52 -26.61 21.24
N PRO C 164 13.19 -26.37 22.54
CA PRO C 164 13.80 -25.31 23.33
C PRO C 164 15.32 -25.11 23.18
N PRO C 165 16.14 -26.19 23.19
CA PRO C 165 17.57 -25.92 23.07
C PRO C 165 17.98 -25.10 21.86
N PHE C 166 17.13 -25.07 20.83
CA PHE C 166 17.42 -24.45 19.57
C PHE C 166 17.07 -22.97 19.57
N LEU C 167 16.26 -22.52 20.52
CA LEU C 167 15.77 -21.15 20.49
C LEU C 167 16.85 -20.09 20.52
N PRO C 168 17.84 -20.23 21.41
CA PRO C 168 18.80 -19.14 21.39
C PRO C 168 19.57 -19.02 20.07
N GLU C 169 20.11 -20.12 19.51
CA GLU C 169 20.78 -20.02 18.21
C GLU C 169 19.91 -19.55 17.08
N LEU C 170 18.63 -19.84 17.13
CA LEU C 170 17.76 -19.42 16.06
C LEU C 170 17.45 -17.96 16.19
N GLU C 171 17.26 -17.51 17.42
CA GLU C 171 17.04 -16.11 17.73
C GLU C 171 18.22 -15.34 17.16
N ARG C 172 19.40 -15.90 17.36
CA ARG C 172 20.66 -15.30 16.94
C ARG C 172 20.58 -14.88 15.49
N LEU C 173 20.65 -15.86 14.59
CA LEU C 173 20.64 -15.58 13.17
C LEU C 173 19.33 -15.07 12.62
N LEU C 174 18.21 -15.30 13.32
CA LEU C 174 16.98 -14.61 12.90
C LEU C 174 17.27 -13.11 12.92
N TYR C 175 18.11 -12.71 13.86
CA TYR C 175 18.33 -11.31 14.20
C TYR C 175 19.58 -10.83 13.43
N GLU C 176 20.61 -11.66 13.33
CA GLU C 176 21.76 -11.41 12.45
C GLU C 176 21.55 -11.53 10.89
N THR C 177 20.31 -11.46 10.39
CA THR C 177 20.11 -11.65 8.95
C THR C 177 19.58 -10.39 8.28
N PRO C 178 20.04 -10.13 7.04
CA PRO C 178 19.56 -8.95 6.32
C PRO C 178 18.14 -9.16 5.87
N PHE C 179 17.75 -10.44 5.78
CA PHE C 179 16.50 -10.85 5.15
C PHE C 179 15.25 -10.41 5.84
N PRO C 180 14.20 -10.11 5.06
CA PRO C 180 12.98 -9.55 5.63
C PRO C 180 12.35 -10.55 6.57
N GLN C 181 11.41 -10.13 7.39
CA GLN C 181 10.85 -11.05 8.32
C GLN C 181 9.41 -10.77 8.25
N VAL C 182 8.57 -11.79 8.39
CA VAL C 182 7.15 -11.58 8.11
C VAL C 182 6.25 -12.08 9.19
N ARG C 183 5.17 -11.35 9.43
CA ARG C 183 4.16 -11.82 10.37
C ARG C 183 3.51 -13.05 9.75
N PHE C 184 3.94 -14.19 10.26
CA PHE C 184 3.59 -15.49 9.78
C PHE C 184 2.17 -15.85 10.24
N LEU C 185 1.25 -16.09 9.31
CA LEU C 185 -0.14 -16.48 9.65
C LEU C 185 -0.54 -17.91 9.18
N ASP C 186 -0.89 -18.79 10.11
CA ASP C 186 -1.16 -20.20 9.76
C ASP C 186 -2.44 -20.81 10.35
N PRO C 187 -3.48 -20.99 9.51
CA PRO C 187 -4.78 -21.51 9.92
C PRO C 187 -4.87 -23.06 9.91
N TYR C 188 -3.84 -23.72 9.37
CA TYR C 188 -3.66 -25.16 9.46
C TYR C 188 -3.55 -25.47 10.97
N GLY C 189 -4.29 -26.48 11.43
CA GLY C 189 -4.38 -26.75 12.85
C GLY C 189 -5.62 -26.13 13.45
N LEU C 190 -6.30 -25.23 12.74
CA LEU C 190 -7.61 -24.74 13.16
C LEU C 190 -8.72 -25.62 12.57
N PRO C 191 -9.81 -25.87 13.32
CA PRO C 191 -10.85 -26.79 12.84
C PRO C 191 -11.56 -26.33 11.54
N PRO C 192 -11.61 -27.21 10.52
CA PRO C 192 -12.08 -26.95 9.16
C PRO C 192 -13.29 -26.02 9.00
N GLU C 193 -14.23 -26.06 9.94
CA GLU C 193 -15.50 -25.30 9.84
C GLU C 193 -15.34 -23.80 10.13
N GLU C 194 -14.34 -23.45 10.94
CA GLU C 194 -14.09 -22.06 11.31
C GLU C 194 -13.16 -21.34 10.36
N ARG C 195 -12.33 -22.11 9.67
CA ARG C 195 -11.58 -21.69 8.47
C ARG C 195 -12.17 -20.57 7.63
N LEU C 196 -13.40 -20.69 7.15
CA LEU C 196 -13.97 -19.59 6.38
C LEU C 196 -13.92 -18.28 7.18
N GLY C 197 -14.46 -18.31 8.41
CA GLY C 197 -14.43 -17.17 9.32
C GLY C 197 -13.05 -16.55 9.50
N PHE C 198 -12.08 -17.38 9.86
CA PHE C 198 -10.68 -16.98 9.99
C PHE C 198 -10.23 -16.05 8.86
N TYR C 199 -10.54 -16.42 7.62
CA TYR C 199 -10.18 -15.62 6.43
C TYR C 199 -10.90 -14.29 6.38
N LEU C 200 -12.16 -14.26 6.82
CA LEU C 200 -12.89 -13.01 6.91
C LEU C 200 -12.29 -12.08 8.00
N ASP C 201 -11.97 -12.64 9.17
CA ASP C 201 -11.23 -11.98 10.28
C ASP C 201 -9.84 -11.42 9.93
N LEU C 202 -9.57 -11.24 8.65
CA LEU C 202 -8.32 -10.63 8.24
C LEU C 202 -8.57 -9.14 8.13
N ALA C 203 -9.75 -8.80 7.61
CA ALA C 203 -10.21 -7.42 7.56
C ALA C 203 -9.98 -6.67 8.90
N HIS C 204 -10.00 -7.39 10.02
CA HIS C 204 -9.69 -6.80 11.34
C HIS C 204 -8.19 -6.66 11.55
N LEU C 205 -7.42 -6.48 10.48
CA LEU C 205 -5.99 -6.38 10.70
C LEU C 205 -5.50 -4.96 10.49
N PRO C 206 -4.57 -4.51 11.35
CA PRO C 206 -3.86 -3.24 11.16
C PRO C 206 -3.09 -3.25 9.83
N PRO C 207 -2.50 -2.11 9.43
CA PRO C 207 -1.47 -2.19 8.37
C PRO C 207 -0.23 -3.00 8.82
N GLY C 208 0.64 -3.33 7.88
CA GLY C 208 1.81 -4.16 8.17
C GLY C 208 2.08 -5.17 7.06
N LEU C 209 2.92 -6.16 7.36
CA LEU C 209 3.24 -7.16 6.34
C LEU C 209 2.98 -8.58 6.80
N TYR C 210 2.04 -9.20 6.10
CA TYR C 210 1.55 -10.49 6.52
C TYR C 210 1.83 -11.61 5.52
N TYR C 211 2.08 -12.80 6.04
CA TYR C 211 2.37 -13.93 5.17
C TYR C 211 1.43 -15.08 5.45
N LEU C 212 0.38 -15.20 4.63
CA LEU C 212 -0.63 -16.22 4.81
C LEU C 212 -0.35 -17.51 4.03
N VAL C 213 0.06 -18.55 4.74
CA VAL C 213 0.27 -19.89 4.12
C VAL C 213 -1.07 -20.67 4.02
N HIS C 214 -1.41 -21.16 2.83
CA HIS C 214 -2.59 -22.04 2.66
C HIS C 214 -2.26 -23.37 1.95
N HIS C 215 -2.96 -24.44 2.31
CA HIS C 215 -2.76 -25.80 1.72
C HIS C 215 -3.85 -26.31 0.78
N SER C 216 -4.46 -25.43 -0.01
CA SER C 216 -5.56 -25.77 -0.86
C SER C 216 -5.38 -27.01 -1.71
N ALA C 217 -6.42 -27.84 -1.70
CA ALA C 217 -6.54 -29.00 -2.59
C ALA C 217 -7.94 -29.05 -3.10
N LEU C 218 -8.08 -29.59 -4.30
CA LEU C 218 -9.37 -29.93 -4.82
C LEU C 218 -9.90 -31.22 -4.19
N PRO C 219 -11.22 -31.28 -3.92
CA PRO C 219 -11.90 -32.52 -3.46
C PRO C 219 -11.74 -33.58 -4.52
N THR C 220 -11.01 -34.64 -4.22
CA THR C 220 -10.63 -35.67 -5.16
C THR C 220 -10.27 -36.93 -4.39
N PRO C 221 -10.60 -38.12 -4.92
CA PRO C 221 -10.25 -39.36 -4.27
C PRO C 221 -8.77 -39.37 -3.90
N GLU C 222 -7.89 -39.08 -4.85
CA GLU C 222 -6.45 -39.01 -4.52
C GLU C 222 -6.17 -38.01 -3.40
N GLY C 223 -6.71 -36.81 -3.56
CA GLY C 223 -6.68 -35.82 -2.50
C GLY C 223 -7.08 -36.38 -1.16
N ARG C 224 -8.17 -37.13 -1.11
CA ARG C 224 -8.65 -37.59 0.18
C ARG C 224 -7.88 -38.79 0.76
N ALA C 225 -6.88 -39.26 0.04
CA ALA C 225 -5.93 -40.18 0.66
C ALA C 225 -5.14 -39.52 1.78
N LEU C 226 -5.02 -38.20 1.80
CA LEU C 226 -4.19 -37.60 2.84
C LEU C 226 -5.00 -37.39 4.11
N PRO C 227 -4.44 -37.78 5.28
CA PRO C 227 -5.20 -37.62 6.52
C PRO C 227 -5.77 -36.23 6.72
N ASP C 228 -5.16 -35.19 6.18
CA ASP C 228 -5.59 -33.83 6.52
C ASP C 228 -6.48 -33.13 5.48
N TRP C 229 -7.11 -33.92 4.62
CA TRP C 229 -7.77 -33.32 3.47
C TRP C 229 -8.91 -32.41 3.88
N PRO C 230 -9.56 -32.70 5.02
CA PRO C 230 -10.70 -31.85 5.36
C PRO C 230 -10.23 -30.40 5.48
N THR C 231 -9.00 -30.22 6.00
CA THR C 231 -8.50 -28.87 6.21
C THR C 231 -8.02 -28.29 4.87
N ARG C 232 -7.27 -29.05 4.08
CA ARG C 232 -6.93 -28.59 2.74
C ARG C 232 -8.13 -28.21 1.90
N GLU C 233 -9.23 -28.94 2.00
CA GLU C 233 -10.35 -28.57 1.16
C GLU C 233 -11.07 -27.34 1.71
N ALA C 234 -10.97 -27.16 3.03
CA ALA C 234 -11.49 -25.94 3.62
C ALA C 234 -10.75 -24.69 3.05
N ASP C 235 -9.40 -24.76 3.06
CA ASP C 235 -8.53 -23.77 2.40
C ASP C 235 -9.04 -23.48 1.02
N TYR C 236 -9.16 -24.50 0.17
CA TYR C 236 -9.69 -24.26 -1.17
C TYR C 236 -11.08 -23.57 -1.15
N PHE C 237 -12.05 -24.14 -0.44
CA PHE C 237 -13.40 -23.54 -0.49
C PHE C 237 -13.49 -22.12 0.00
N ALA C 238 -12.73 -21.79 1.05
CA ALA C 238 -12.64 -20.41 1.56
C ALA C 238 -12.14 -19.49 0.46
N LEU C 239 -10.88 -19.68 0.03
CA LEU C 239 -10.25 -18.78 -0.91
C LEU C 239 -11.04 -18.54 -2.19
N SER C 240 -11.89 -19.48 -2.58
CA SER C 240 -12.70 -19.29 -3.77
C SER C 240 -14.10 -18.73 -3.46
N HIS C 241 -14.40 -18.44 -2.18
CA HIS C 241 -15.64 -17.68 -1.88
C HIS C 241 -15.42 -16.19 -2.20
N PRO C 242 -16.33 -15.56 -2.98
CA PRO C 242 -16.29 -14.10 -3.24
C PRO C 242 -16.13 -13.25 -1.98
N GLU C 243 -17.02 -13.42 -0.99
CA GLU C 243 -16.79 -12.87 0.36
C GLU C 243 -15.32 -12.73 0.71
N VAL C 244 -14.63 -13.87 0.78
CA VAL C 244 -13.21 -13.93 1.09
C VAL C 244 -12.38 -13.17 0.05
N ARG C 245 -12.70 -13.36 -1.23
CA ARG C 245 -11.93 -12.78 -2.31
C ARG C 245 -11.92 -11.26 -2.22
N ARG C 246 -12.98 -10.76 -1.61
CA ARG C 246 -13.15 -9.35 -1.36
C ARG C 246 -12.19 -8.96 -0.27
N VAL C 247 -12.39 -9.46 0.95
CA VAL C 247 -11.49 -9.16 2.05
C VAL C 247 -10.03 -9.16 1.57
N LEU C 248 -9.72 -10.06 0.66
CA LEU C 248 -8.36 -10.18 0.20
C LEU C 248 -7.96 -9.06 -0.73
N ALA C 249 -8.96 -8.46 -1.38
CA ALA C 249 -8.73 -7.37 -2.34
C ALA C 249 -8.34 -6.09 -1.60
N GLU C 250 -8.88 -5.91 -0.39
CA GLU C 250 -8.48 -4.82 0.48
C GLU C 250 -7.01 -4.89 0.88
N PHE C 251 -6.32 -6.00 0.65
CA PHE C 251 -4.90 -6.02 0.92
C PHE C 251 -4.17 -5.71 -0.36
N HIS C 252 -2.94 -5.23 -0.24
CA HIS C 252 -2.13 -5.07 -1.43
C HIS C 252 -1.39 -6.39 -1.67
N PRO C 253 -1.73 -7.04 -2.78
CA PRO C 253 -1.10 -8.33 -3.13
C PRO C 253 0.37 -8.09 -3.41
N LEU C 254 1.25 -8.95 -2.91
CA LEU C 254 2.66 -8.74 -3.08
C LEU C 254 3.32 -10.02 -3.43
N THR C 255 3.85 -10.17 -4.63
CA THR C 255 4.55 -11.41 -4.91
C THR C 255 5.96 -11.47 -4.29
N TRP C 256 6.50 -12.66 -4.09
CA TRP C 256 7.91 -12.82 -3.74
C TRP C 256 8.77 -12.41 -4.91
N ARG C 257 8.21 -12.37 -6.11
CA ARG C 257 9.03 -12.00 -7.27
C ARG C 257 9.39 -10.50 -7.11
N ALA C 258 8.37 -9.70 -6.78
CA ALA C 258 8.48 -8.31 -6.41
C ALA C 258 9.58 -8.18 -5.35
N VAL C 259 9.36 -8.73 -4.16
CA VAL C 259 10.41 -8.77 -3.11
C VAL C 259 11.80 -9.16 -3.63
N ARG C 260 11.86 -10.22 -4.41
CA ARG C 260 13.12 -10.64 -4.90
C ARG C 260 13.87 -9.51 -5.65
N GLU C 261 13.13 -8.73 -6.46
CA GLU C 261 13.71 -7.70 -7.35
C GLU C 261 14.27 -6.51 -6.58
N ALA C 262 13.54 -6.05 -5.57
CA ALA C 262 14.04 -5.11 -4.57
C ALA C 262 15.03 -5.68 -3.49
N LEU C 263 15.89 -6.65 -3.82
CA LEU C 263 16.79 -7.21 -2.83
C LEU C 263 18.00 -7.84 -3.48
N PHE C 264 17.96 -8.00 -4.79
CA PHE C 264 19.11 -8.60 -5.47
C PHE C 264 19.49 -7.88 -6.77
N ASP D 2 -24.75 -6.79 12.41
CA ASP D 2 -24.49 -7.51 11.12
C ASP D 2 -23.78 -6.69 10.01
N LEU D 3 -24.29 -5.47 9.70
CA LEU D 3 -23.52 -4.49 8.92
C LEU D 3 -22.31 -4.05 9.72
N LEU D 4 -22.56 -3.68 10.98
CA LEU D 4 -21.51 -3.48 11.98
C LEU D 4 -20.51 -4.63 11.97
N GLU D 5 -21.04 -5.86 12.03
CA GLU D 5 -20.24 -7.09 11.90
C GLU D 5 -19.28 -6.97 10.73
N ARG D 6 -19.79 -6.85 9.52
CA ARG D 6 -18.91 -6.82 8.34
C ARG D 6 -18.09 -5.54 8.14
N LEU D 7 -18.02 -4.70 9.16
CA LEU D 7 -17.22 -3.48 9.06
C LEU D 7 -16.14 -3.51 10.10
N GLY D 8 -16.23 -4.52 10.97
CA GLY D 8 -15.33 -4.65 12.09
C GLY D 8 -15.74 -3.69 13.17
N LEU D 9 -17.04 -3.55 13.39
CA LEU D 9 -17.51 -2.58 14.36
C LEU D 9 -18.59 -3.09 15.29
N GLY D 10 -19.03 -4.32 15.08
CA GLY D 10 -20.10 -4.88 15.93
C GLY D 10 -19.74 -4.69 17.39
N GLY D 11 -20.68 -4.22 18.20
CA GLY D 11 -20.44 -4.06 19.65
C GLY D 11 -19.80 -2.74 20.05
N ARG D 12 -19.27 -2.01 19.05
CA ARG D 12 -18.77 -0.63 19.21
C ARG D 12 -19.97 0.36 19.30
N ARG D 13 -19.67 1.58 19.75
CA ARG D 13 -20.65 2.65 19.71
C ARG D 13 -20.43 3.47 18.44
N VAL D 14 -21.28 3.32 17.43
CA VAL D 14 -20.98 4.04 16.17
C VAL D 14 -22.04 4.98 15.65
N LEU D 15 -21.58 6.14 15.15
CA LEU D 15 -22.44 7.24 14.72
C LEU D 15 -22.21 7.75 13.30
N ILE D 16 -23.28 7.87 12.53
CA ILE D 16 -23.24 8.61 11.29
C ILE D 16 -23.81 9.99 11.65
N LEU D 17 -23.00 11.03 11.50
CA LEU D 17 -23.44 12.37 11.82
C LEU D 17 -23.72 13.08 10.52
N HIS D 18 -24.94 13.56 10.35
CA HIS D 18 -25.35 13.94 9.01
C HIS D 18 -25.86 15.33 8.95
N HIS D 19 -25.21 16.13 8.10
CA HIS D 19 -25.63 17.51 7.84
C HIS D 19 -26.65 17.58 6.69
N ASP D 20 -27.87 17.95 7.04
CA ASP D 20 -28.96 18.11 6.11
C ASP D 20 -28.97 19.45 5.44
N ASP D 21 -29.65 19.55 4.30
CA ASP D 21 -30.04 20.82 3.65
C ASP D 21 -28.93 21.66 3.02
N LEU D 22 -27.78 21.08 2.79
CA LEU D 22 -26.69 21.83 2.14
C LEU D 22 -27.15 22.26 0.75
N GLY D 23 -26.70 23.43 0.32
CA GLY D 23 -27.04 23.97 -0.98
C GLY D 23 -28.24 24.87 -0.85
N LEU D 24 -28.96 24.75 0.26
CA LEU D 24 -30.15 25.55 0.48
C LEU D 24 -29.85 27.03 0.68
N THR D 25 -29.00 27.34 1.66
CA THR D 25 -28.50 28.69 1.81
C THR D 25 -26.98 28.70 1.91
N HIS D 26 -26.44 29.90 1.66
CA HIS D 26 -25.06 30.25 1.94
C HIS D 26 -24.74 30.02 3.43
N ALA D 27 -25.66 30.35 4.34
CA ALA D 27 -25.38 30.08 5.75
C ALA D 27 -25.23 28.59 6.12
N GLN D 28 -25.86 27.70 5.33
CA GLN D 28 -25.82 26.26 5.60
C GLN D 28 -24.46 25.74 5.18
N ASN D 29 -24.09 25.99 3.92
CA ASN D 29 -22.78 25.66 3.43
C ASN D 29 -21.69 26.19 4.35
N GLY D 30 -21.85 27.45 4.78
CA GLY D 30 -20.98 28.06 5.77
C GLY D 30 -20.73 27.17 6.96
N ALA D 31 -21.80 26.75 7.61
CA ALA D 31 -21.65 25.98 8.82
C ALA D 31 -21.03 24.62 8.46
N TYR D 32 -21.32 24.16 7.25
CA TYR D 32 -20.72 22.90 6.82
C TYR D 32 -19.18 22.99 6.78
N GLN D 33 -18.67 24.03 6.11
CA GLN D 33 -17.24 24.36 6.14
C GLN D 33 -16.78 24.57 7.55
N ALA D 34 -17.49 25.41 8.29
CA ALA D 34 -17.05 25.76 9.63
C ALA D 34 -16.89 24.51 10.46
N LEU D 35 -17.71 23.50 10.19
CA LEU D 35 -17.84 22.44 11.15
C LEU D 35 -16.76 21.39 10.98
N GLY D 36 -16.16 21.38 9.79
CA GLY D 36 -15.03 20.50 9.47
C GLY D 36 -15.40 19.05 9.26
N LEU D 37 -16.67 18.71 9.51
CA LEU D 37 -17.16 17.34 9.42
C LEU D 37 -17.43 16.83 7.97
N PRO D 38 -17.35 15.49 7.77
CA PRO D 38 -17.34 14.96 6.37
C PRO D 38 -18.69 14.82 5.63
N THR D 39 -19.79 14.68 6.39
CA THR D 39 -21.04 14.04 5.94
C THR D 39 -22.29 14.93 5.92
N GLY D 40 -22.85 15.08 4.74
CA GLY D 40 -24.12 15.77 4.62
C GLY D 40 -24.67 15.44 3.26
N SER D 41 -25.88 15.94 2.99
CA SER D 41 -26.48 15.75 1.65
C SER D 41 -26.92 17.10 1.19
N VAL D 42 -27.06 17.24 -0.12
CA VAL D 42 -27.20 18.54 -0.74
C VAL D 42 -28.53 18.57 -1.51
N MET D 43 -29.32 19.63 -1.32
CA MET D 43 -30.53 19.91 -2.11
C MET D 43 -30.11 20.48 -3.46
N VAL D 44 -30.08 19.64 -4.49
CA VAL D 44 -29.64 20.02 -5.85
C VAL D 44 -30.38 21.22 -6.50
N PRO D 45 -31.70 21.36 -6.29
CA PRO D 45 -32.31 22.62 -6.75
C PRO D 45 -32.02 23.86 -5.88
N GLY D 46 -31.24 23.71 -4.81
CA GLY D 46 -30.81 24.85 -4.01
C GLY D 46 -29.79 25.73 -4.75
N ALA D 47 -29.83 27.04 -4.50
CA ALA D 47 -29.01 27.96 -5.30
C ALA D 47 -27.51 27.77 -5.05
N TRP D 48 -27.19 27.23 -3.89
CA TRP D 48 -25.82 27.14 -3.44
C TRP D 48 -25.35 25.73 -3.54
N ALA D 49 -26.05 24.96 -4.36
CA ALA D 49 -25.75 23.54 -4.45
C ALA D 49 -24.36 23.35 -5.05
N SER D 50 -23.97 24.22 -5.98
CA SER D 50 -22.60 24.14 -6.55
C SER D 50 -21.52 24.59 -5.59
N GLY D 51 -21.84 25.41 -4.59
CA GLY D 51 -20.81 25.85 -3.65
C GLY D 51 -20.39 24.87 -2.55
N VAL D 52 -20.49 23.56 -2.76
CA VAL D 52 -20.14 22.66 -1.67
C VAL D 52 -19.20 21.57 -2.11
N LYS D 53 -18.20 21.27 -1.28
CA LYS D 53 -17.18 20.27 -1.51
C LYS D 53 -16.90 19.49 -0.20
N GLY D 54 -16.82 18.16 -0.27
CA GLY D 54 -16.70 17.32 0.94
C GLY D 54 -16.48 15.85 0.66
N GLU D 55 -15.82 15.18 1.58
CA GLU D 55 -15.47 13.78 1.41
C GLU D 55 -16.67 12.79 1.46
N ASP D 56 -17.76 13.14 2.17
CA ASP D 56 -18.90 12.21 2.32
C ASP D 56 -20.24 12.90 2.08
N LEU D 57 -20.47 13.29 0.85
CA LEU D 57 -21.61 14.06 0.46
C LEU D 57 -22.65 13.21 -0.29
N GLY D 58 -23.92 13.34 0.09
CA GLY D 58 -25.01 12.55 -0.54
C GLY D 58 -25.94 13.45 -1.32
N VAL D 59 -26.96 12.87 -1.96
CA VAL D 59 -28.02 13.74 -2.54
C VAL D 59 -29.35 13.78 -1.72
N HIS D 60 -29.65 14.97 -1.20
CA HIS D 60 -30.81 15.23 -0.39
C HIS D 60 -31.90 15.52 -1.39
N LEU D 61 -32.70 14.50 -1.66
CA LEU D 61 -33.75 14.57 -2.67
C LEU D 61 -34.87 15.49 -2.21
N VAL D 62 -35.37 16.31 -3.13
CA VAL D 62 -36.41 17.25 -2.74
C VAL D 62 -37.60 17.20 -3.68
N LEU D 63 -38.77 17.17 -3.05
CA LEU D 63 -40.03 17.19 -3.79
C LEU D 63 -40.98 18.14 -3.14
N THR D 64 -40.54 18.82 -2.07
CA THR D 64 -41.30 19.92 -1.47
C THR D 64 -40.46 21.16 -1.33
N SER D 65 -41.11 22.28 -1.05
CA SER D 65 -40.46 23.55 -0.78
C SER D 65 -41.33 24.34 0.25
N GLU D 66 -41.02 24.18 1.54
CA GLU D 66 -41.89 24.63 2.65
C GLU D 66 -41.96 26.12 2.84
N TRP D 67 -40.85 26.80 2.58
CA TRP D 67 -40.73 28.18 3.04
C TRP D 67 -41.34 29.14 2.03
N PRO D 68 -41.81 30.30 2.54
CA PRO D 68 -42.27 31.40 1.67
C PRO D 68 -41.15 31.86 0.71
N ALA D 69 -39.91 31.89 1.18
CA ALA D 69 -38.73 32.08 0.35
C ALA D 69 -37.62 31.63 1.27
N PRO D 70 -36.51 31.05 0.74
CA PRO D 70 -36.17 30.67 -0.63
C PRO D 70 -37.09 29.56 -1.14
N ARG D 71 -37.36 29.50 -2.43
CA ARG D 71 -38.13 28.38 -2.92
C ARG D 71 -37.37 27.66 -4.05
N MET D 72 -37.62 26.36 -4.15
CA MET D 72 -36.94 25.48 -5.05
C MET D 72 -37.94 25.04 -6.19
N ARG D 73 -37.42 24.84 -7.40
CA ARG D 73 -38.22 24.47 -8.58
C ARG D 73 -37.74 23.13 -9.11
N PRO D 74 -38.64 22.33 -9.72
CA PRO D 74 -38.21 21.03 -10.24
C PRO D 74 -37.25 21.20 -11.39
N LEU D 75 -36.31 20.28 -11.51
CA LEU D 75 -35.42 20.23 -12.63
C LEU D 75 -36.17 19.80 -13.88
N THR D 76 -37.10 18.86 -13.79
CA THR D 76 -37.82 18.38 -14.97
C THR D 76 -39.13 19.11 -15.05
N GLU D 77 -39.88 18.97 -16.15
CA GLU D 77 -41.10 19.77 -16.28
C GLU D 77 -42.45 19.08 -16.00
N GLY D 78 -42.41 17.93 -15.34
CA GLY D 78 -43.63 17.25 -14.87
C GLY D 78 -44.60 18.04 -13.99
N GLU D 79 -45.85 18.13 -14.46
CA GLU D 79 -46.82 19.03 -13.87
C GLU D 79 -47.44 18.61 -12.59
N SER D 80 -47.36 17.32 -12.28
CA SER D 80 -47.88 16.88 -11.00
C SER D 80 -46.91 17.27 -9.90
N LEU D 81 -45.72 17.76 -10.32
CA LEU D 81 -44.62 18.08 -9.40
C LEU D 81 -44.60 19.50 -8.87
N ARG D 82 -45.36 20.40 -9.51
CA ARG D 82 -45.32 21.82 -9.22
C ARG D 82 -46.69 22.27 -8.80
N ASP D 83 -46.84 23.55 -8.43
CA ASP D 83 -48.02 24.05 -7.73
C ASP D 83 -47.78 25.56 -7.55
N GLU D 84 -48.63 26.50 -8.01
CA GLU D 84 -49.10 26.73 -9.39
C GLU D 84 -48.19 27.86 -9.91
N ALA D 85 -47.30 28.34 -9.03
CA ALA D 85 -46.19 29.22 -9.39
C ALA D 85 -45.07 28.47 -10.12
N GLY D 86 -45.14 27.13 -10.11
CA GLY D 86 -44.10 26.30 -10.70
C GLY D 86 -43.07 25.81 -9.70
N TYR D 87 -43.32 26.02 -8.41
CA TYR D 87 -42.43 25.55 -7.36
C TYR D 87 -42.79 24.16 -6.92
N PHE D 88 -41.93 23.50 -6.16
CA PHE D 88 -42.38 22.29 -5.50
C PHE D 88 -43.57 22.62 -4.58
N PRO D 89 -44.42 21.63 -4.24
CA PRO D 89 -45.47 21.89 -3.25
C PRO D 89 -44.87 22.29 -1.92
N GLU D 90 -45.63 23.05 -1.13
CA GLU D 90 -45.17 23.57 0.15
C GLU D 90 -45.41 22.65 1.35
N SER D 91 -46.26 21.64 1.17
CA SER D 91 -46.44 20.60 2.18
C SER D 91 -46.46 19.21 1.52
N LEU D 92 -46.16 18.18 2.35
CA LEU D 92 -46.36 16.79 1.93
C LEU D 92 -47.79 16.51 1.45
N GLU D 93 -48.76 17.04 2.17
CA GLU D 93 -50.14 16.77 1.84
C GLU D 93 -50.43 17.19 0.41
N ALA D 94 -50.05 18.42 0.07
CA ALA D 94 -50.19 18.94 -1.29
C ALA D 94 -49.47 18.14 -2.37
N LEU D 95 -48.36 17.50 -1.99
CA LEU D 95 -47.55 16.73 -2.93
C LEU D 95 -48.17 15.36 -3.18
N TRP D 96 -48.32 14.62 -2.09
CA TRP D 96 -48.87 13.28 -2.11
C TRP D 96 -50.23 13.21 -2.81
N ARG D 97 -51.05 14.23 -2.62
CA ARG D 97 -52.36 14.21 -3.22
C ARG D 97 -52.30 14.36 -4.75
N LYS D 98 -51.11 14.54 -5.32
CA LYS D 98 -51.03 14.72 -6.79
C LYS D 98 -49.76 14.31 -7.57
N ALA D 99 -48.66 14.07 -6.87
CA ALA D 99 -47.47 13.63 -7.56
C ALA D 99 -47.70 12.29 -8.25
N ARG D 100 -47.19 12.16 -9.47
CA ARG D 100 -47.22 10.89 -10.20
C ARG D 100 -45.86 10.24 -10.10
N ALA D 101 -45.85 8.96 -9.76
CA ALA D 101 -44.63 8.22 -9.54
C ALA D 101 -43.57 8.26 -10.68
N GLU D 102 -44.01 8.29 -11.94
CA GLU D 102 -43.08 8.38 -13.09
C GLU D 102 -42.47 9.76 -13.21
N GLU D 103 -43.27 10.78 -12.93
CA GLU D 103 -42.75 12.14 -12.96
C GLU D 103 -41.75 12.35 -11.82
N VAL D 104 -42.12 11.88 -10.63
CA VAL D 104 -41.25 11.92 -9.50
C VAL D 104 -39.97 11.25 -9.91
N GLU D 105 -40.10 10.11 -10.57
CA GLU D 105 -38.90 9.38 -10.89
C GLU D 105 -37.96 10.13 -11.83
N ARG D 106 -38.47 10.65 -12.94
CA ARG D 106 -37.64 11.45 -13.83
C ARG D 106 -36.89 12.52 -13.04
N GLU D 107 -37.64 13.29 -12.26
CA GLU D 107 -37.11 14.36 -11.44
C GLU D 107 -36.00 13.90 -10.51
N LEU D 108 -36.24 12.86 -9.74
CA LEU D 108 -35.20 12.41 -8.85
C LEU D 108 -34.00 11.88 -9.66
N LYS D 109 -34.25 11.26 -10.81
CA LYS D 109 -33.14 10.83 -11.66
C LYS D 109 -32.32 12.07 -12.11
N ALA D 110 -33.05 13.10 -12.52
CA ALA D 110 -32.46 14.37 -12.85
C ALA D 110 -31.62 14.82 -11.65
N GLN D 111 -32.20 14.90 -10.47
CA GLN D 111 -31.51 15.45 -9.34
C GLN D 111 -30.23 14.69 -9.08
N ILE D 112 -30.25 13.37 -9.21
CA ILE D 112 -29.05 12.59 -8.92
C ILE D 112 -27.99 12.77 -9.99
N GLN D 113 -28.40 12.82 -11.24
CA GLN D 113 -27.45 13.06 -12.29
C GLN D 113 -26.79 14.43 -12.16
N ALA D 114 -27.59 15.46 -11.86
CA ALA D 114 -27.05 16.80 -11.62
C ALA D 114 -26.07 16.74 -10.45
N ALA D 115 -26.42 16.02 -9.40
CA ALA D 115 -25.49 15.89 -8.30
C ALA D 115 -24.12 15.36 -8.77
N ALA D 116 -24.11 14.31 -9.60
CA ALA D 116 -22.87 13.66 -9.99
C ALA D 116 -21.98 14.69 -10.68
N LYS D 117 -22.60 15.60 -11.43
CA LYS D 117 -21.85 16.62 -12.12
C LYS D 117 -21.09 17.56 -11.17
N LEU D 118 -21.45 17.58 -9.88
CA LEU D 118 -20.90 18.55 -8.91
C LEU D 118 -20.04 17.90 -7.83
N PHE D 119 -20.11 16.59 -7.65
CA PHE D 119 -19.31 15.89 -6.65
C PHE D 119 -19.61 14.42 -6.78
N SER D 120 -18.83 13.58 -6.09
CA SER D 120 -19.10 12.15 -6.02
C SER D 120 -19.97 11.80 -4.83
N PRO D 121 -21.25 11.52 -5.11
CA PRO D 121 -22.26 11.26 -4.10
C PRO D 121 -22.07 9.87 -3.51
N THR D 122 -22.24 9.76 -2.20
CA THR D 122 -22.12 8.48 -1.54
C THR D 122 -23.44 7.93 -1.12
N HIS D 123 -24.46 8.76 -1.02
CA HIS D 123 -25.71 8.31 -0.41
C HIS D 123 -26.98 9.03 -0.82
N LEU D 124 -28.07 8.68 -0.17
CA LEU D 124 -29.36 9.17 -0.62
C LEU D 124 -30.29 9.40 0.54
N ASP D 125 -30.93 10.56 0.56
CA ASP D 125 -32.07 10.79 1.44
C ASP D 125 -33.13 11.73 0.90
N ALA D 126 -34.14 11.97 1.72
CA ALA D 126 -35.31 12.73 1.24
C ALA D 126 -35.57 13.81 2.20
N HIS D 127 -35.57 15.03 1.67
CA HIS D 127 -36.04 16.18 2.39
C HIS D 127 -37.45 15.94 2.86
N GLN D 128 -37.64 16.22 4.13
CA GLN D 128 -38.88 15.93 4.90
C GLN D 128 -39.59 14.56 4.70
N GLY D 129 -38.81 13.50 4.45
CA GLY D 129 -39.34 12.18 4.07
C GLY D 129 -40.47 12.20 3.06
N ALA D 130 -40.35 13.05 2.04
CA ALA D 130 -41.35 13.17 0.98
C ALA D 130 -41.56 11.85 0.27
N VAL D 131 -40.56 10.97 0.28
CA VAL D 131 -40.68 9.63 -0.31
C VAL D 131 -41.46 8.60 0.56
N LEU D 132 -42.29 9.07 1.47
CA LEU D 132 -42.97 8.13 2.33
C LEU D 132 -44.27 7.56 1.74
N ARG D 133 -44.78 8.16 0.68
CA ARG D 133 -45.81 7.50 -0.07
C ARG D 133 -45.17 6.24 -0.70
N PRO D 134 -45.72 5.05 -0.37
CA PRO D 134 -45.13 3.72 -0.65
C PRO D 134 -44.62 3.58 -2.08
N ASP D 135 -45.52 3.63 -3.04
CA ASP D 135 -45.32 4.24 -4.34
C ASP D 135 -43.91 4.79 -4.53
N LEU D 136 -43.68 5.96 -3.92
CA LEU D 136 -42.46 6.72 -4.02
C LEU D 136 -41.33 6.11 -3.26
N ALA D 137 -41.61 5.60 -2.08
CA ALA D 137 -40.59 4.90 -1.33
C ALA D 137 -39.96 3.84 -2.22
N GLU D 138 -40.78 3.15 -3.01
CA GLU D 138 -40.26 2.07 -3.86
C GLU D 138 -39.31 2.65 -4.93
N VAL D 139 -39.74 3.75 -5.55
CA VAL D 139 -38.86 4.52 -6.44
C VAL D 139 -37.52 4.86 -5.76
N TYR D 140 -37.58 5.27 -4.49
CA TYR D 140 -36.41 5.68 -3.75
C TYR D 140 -35.39 4.51 -3.67
N LEU D 141 -35.82 3.38 -3.13
CA LEU D 141 -34.96 2.21 -3.03
C LEU D 141 -34.46 1.69 -4.39
N ARG D 142 -35.26 1.88 -5.43
CA ARG D 142 -34.87 1.41 -6.74
C ARG D 142 -33.75 2.28 -7.35
N LEU D 143 -33.89 3.61 -7.22
CA LEU D 143 -32.86 4.54 -7.63
C LEU D 143 -31.55 4.35 -6.84
N ALA D 144 -31.68 4.02 -5.56
CA ALA D 144 -30.50 3.85 -4.72
C ALA D 144 -29.64 2.65 -5.18
N GLU D 145 -30.33 1.53 -5.49
CA GLU D 145 -29.73 0.34 -6.14
C GLU D 145 -29.16 0.69 -7.52
N ALA D 146 -29.95 1.39 -8.32
CA ALA D 146 -29.51 1.80 -9.63
C ALA D 146 -28.26 2.66 -9.69
N TYR D 147 -27.93 3.39 -8.63
CA TYR D 147 -26.78 4.31 -8.70
C TYR D 147 -25.75 3.96 -7.66
N ARG D 148 -25.95 2.81 -7.04
CA ARG D 148 -25.00 2.29 -6.10
C ARG D 148 -24.77 3.38 -5.07
N LEU D 149 -25.87 3.90 -4.52
CA LEU D 149 -25.87 4.95 -3.50
C LEU D 149 -26.59 4.45 -2.26
N VAL D 150 -25.96 4.41 -1.09
CA VAL D 150 -26.72 3.85 0.05
C VAL D 150 -27.90 4.76 0.44
N PRO D 151 -29.07 4.17 0.72
CA PRO D 151 -30.19 5.01 1.10
C PRO D 151 -30.33 5.15 2.61
N LEU D 152 -30.91 6.28 3.04
CA LEU D 152 -31.25 6.43 4.44
C LEU D 152 -32.51 5.61 4.74
N VAL D 153 -32.41 4.69 5.70
CA VAL D 153 -33.51 3.80 6.06
C VAL D 153 -33.60 3.69 7.61
N PRO D 154 -34.75 4.10 8.18
CA PRO D 154 -34.92 4.13 9.63
C PRO D 154 -35.22 2.74 10.14
N GLU D 155 -34.91 2.52 11.40
CA GLU D 155 -35.12 1.23 12.01
C GLU D 155 -36.59 1.12 12.34
N SER D 156 -37.07 2.08 13.11
CA SER D 156 -38.47 2.24 13.36
C SER D 156 -38.90 3.50 12.65
N LEU D 157 -40.16 3.55 12.24
CA LEU D 157 -40.64 4.78 11.68
C LEU D 157 -41.67 5.46 12.59
N GLU D 158 -41.53 5.16 13.87
CA GLU D 158 -42.22 5.87 14.94
C GLU D 158 -41.82 7.33 14.99
N GLY D 159 -42.81 8.19 15.16
CA GLY D 159 -42.56 9.62 15.24
C GLY D 159 -42.07 10.28 13.95
N LEU D 160 -42.15 9.63 12.81
CA LEU D 160 -41.82 10.37 11.59
C LEU D 160 -43.09 10.93 10.98
N GLY D 161 -44.14 11.00 11.80
CA GLY D 161 -45.46 11.47 11.38
C GLY D 161 -45.86 10.92 10.03
N VAL D 162 -45.66 9.61 9.82
CA VAL D 162 -46.13 8.96 8.59
C VAL D 162 -47.64 8.87 8.68
N PRO D 163 -48.38 9.24 7.63
CA PRO D 163 -49.84 8.93 7.60
C PRO D 163 -50.16 7.45 7.87
N PRO D 164 -51.02 7.13 8.89
CA PRO D 164 -51.27 5.74 9.32
C PRO D 164 -51.50 4.71 8.18
N PRO D 165 -52.34 5.05 7.15
CA PRO D 165 -52.54 4.15 5.99
C PRO D 165 -51.31 3.70 5.22
N PHE D 166 -50.18 4.36 5.42
CA PHE D 166 -48.97 4.01 4.70
C PHE D 166 -48.16 3.03 5.50
N LEU D 167 -48.37 3.01 6.82
CA LEU D 167 -47.59 2.14 7.71
C LEU D 167 -47.45 0.69 7.23
N PRO D 168 -48.57 0.02 6.96
CA PRO D 168 -48.42 -1.35 6.59
C PRO D 168 -47.60 -1.50 5.33
N GLU D 169 -47.84 -0.73 4.27
CA GLU D 169 -46.97 -0.87 3.10
C GLU D 169 -45.48 -0.63 3.37
N LEU D 170 -45.19 0.39 4.17
CA LEU D 170 -43.82 0.77 4.49
C LEU D 170 -43.11 -0.27 5.35
N GLU D 171 -43.77 -0.67 6.44
CA GLU D 171 -43.39 -1.83 7.20
C GLU D 171 -42.93 -2.97 6.29
N ARG D 172 -43.75 -3.30 5.31
CA ARG D 172 -43.45 -4.41 4.45
C ARG D 172 -42.10 -4.18 3.82
N LEU D 173 -41.92 -3.05 3.14
CA LEU D 173 -40.70 -2.88 2.37
C LEU D 173 -39.47 -2.55 3.21
N LEU D 174 -39.69 -1.91 4.34
CA LEU D 174 -38.66 -1.74 5.34
C LEU D 174 -38.14 -3.11 5.76
N TYR D 175 -39.06 -4.04 5.98
CA TYR D 175 -38.68 -5.39 6.35
C TYR D 175 -38.10 -6.22 5.17
N GLU D 176 -38.42 -5.86 3.94
CA GLU D 176 -37.93 -6.60 2.79
C GLU D 176 -36.65 -6.04 2.22
N THR D 177 -36.38 -4.75 2.43
CA THR D 177 -35.19 -4.17 1.82
C THR D 177 -33.93 -4.85 2.37
N PRO D 178 -32.95 -5.14 1.49
CA PRO D 178 -31.73 -5.76 1.95
C PRO D 178 -30.86 -4.72 2.59
N PHE D 179 -31.15 -3.46 2.30
CA PHE D 179 -30.44 -2.28 2.82
C PHE D 179 -30.46 -2.13 4.34
N PRO D 180 -29.38 -1.53 4.90
CA PRO D 180 -29.20 -1.46 6.34
C PRO D 180 -30.08 -0.39 6.94
N GLN D 181 -30.44 -0.58 8.20
CA GLN D 181 -31.38 0.29 8.86
C GLN D 181 -30.67 0.99 9.99
N VAL D 182 -30.85 2.30 10.10
CA VAL D 182 -30.19 3.03 11.18
C VAL D 182 -31.15 3.41 12.29
N ARG D 183 -30.70 3.32 13.53
CA ARG D 183 -31.39 3.99 14.61
C ARG D 183 -31.33 5.50 14.42
N PHE D 184 -32.48 6.04 14.10
CA PHE D 184 -32.61 7.40 13.67
C PHE D 184 -32.69 8.35 14.88
N LEU D 185 -31.84 9.37 14.93
CA LEU D 185 -31.98 10.46 15.94
C LEU D 185 -32.18 11.86 15.32
N ASP D 186 -33.18 12.60 15.84
CA ASP D 186 -33.53 13.92 15.28
C ASP D 186 -33.96 15.03 16.26
N PRO D 187 -33.02 15.89 16.67
CA PRO D 187 -33.14 16.96 17.68
C PRO D 187 -33.98 18.14 17.16
N TYR D 188 -34.22 18.15 15.85
CA TYR D 188 -35.24 18.97 15.23
C TYR D 188 -36.64 18.67 15.95
N GLY D 189 -37.39 19.75 16.24
CA GLY D 189 -38.53 19.68 17.15
C GLY D 189 -38.19 20.16 18.56
N LEU D 190 -37.17 19.59 19.19
CA LEU D 190 -36.78 19.96 20.57
C LEU D 190 -36.27 21.40 20.62
N PRO D 191 -36.72 22.19 21.62
CA PRO D 191 -36.39 23.63 21.70
C PRO D 191 -34.90 23.99 21.70
N PRO D 192 -34.52 25.04 20.95
CA PRO D 192 -33.18 25.61 20.80
C PRO D 192 -32.29 25.60 22.06
N GLU D 193 -32.81 26.09 23.18
CA GLU D 193 -32.05 26.17 24.43
C GLU D 193 -31.73 24.81 25.01
N GLU D 194 -32.57 23.81 24.78
CA GLU D 194 -32.25 22.46 25.25
C GLU D 194 -31.23 21.72 24.36
N ARG D 195 -31.11 22.14 23.10
CA ARG D 195 -30.17 21.54 22.17
C ARG D 195 -28.82 21.10 22.74
N LEU D 196 -28.15 21.97 23.47
CA LEU D 196 -26.87 21.59 24.09
C LEU D 196 -27.03 20.28 24.86
N GLY D 197 -27.98 20.29 25.82
CA GLY D 197 -28.33 19.12 26.61
C GLY D 197 -28.47 17.85 25.79
N PHE D 198 -29.15 17.97 24.66
CA PHE D 198 -29.39 16.83 23.79
C PHE D 198 -28.11 16.11 23.33
N TYR D 199 -27.19 16.87 22.74
CA TYR D 199 -25.95 16.30 22.24
C TYR D 199 -25.10 15.75 23.37
N LEU D 200 -25.11 16.42 24.53
CA LEU D 200 -24.34 15.94 25.70
C LEU D 200 -24.85 14.58 26.16
N ASP D 201 -26.16 14.48 26.37
CA ASP D 201 -26.84 13.22 26.68
C ASP D 201 -26.60 12.06 25.74
N LEU D 202 -25.95 12.30 24.60
CA LEU D 202 -25.68 11.21 23.71
C LEU D 202 -24.78 10.21 24.38
N ALA D 203 -23.81 10.72 25.13
CA ALA D 203 -22.96 9.88 25.96
C ALA D 203 -23.71 8.68 26.58
N HIS D 204 -24.86 8.90 27.22
CA HIS D 204 -25.70 7.82 27.79
C HIS D 204 -26.08 6.60 26.90
N LEU D 205 -25.63 6.52 25.65
CA LEU D 205 -26.18 5.50 24.75
C LEU D 205 -25.39 4.19 24.71
N PRO D 206 -26.10 3.03 24.64
CA PRO D 206 -25.57 1.65 24.48
C PRO D 206 -24.85 1.50 23.16
N PRO D 207 -24.06 0.41 22.96
CA PRO D 207 -23.56 0.21 21.58
C PRO D 207 -24.71 0.16 20.56
N GLY D 208 -24.35 0.28 19.29
CA GLY D 208 -25.36 0.40 18.25
C GLY D 208 -24.86 1.23 17.08
N LEU D 209 -25.68 1.26 16.03
CA LEU D 209 -25.44 2.12 14.88
C LEU D 209 -26.45 3.28 14.85
N TYR D 210 -25.98 4.50 15.13
CA TYR D 210 -26.87 5.67 15.23
C TYR D 210 -26.68 6.63 14.09
N TYR D 211 -27.78 7.23 13.67
CA TYR D 211 -27.73 8.28 12.65
C TYR D 211 -28.31 9.54 13.27
N LEU D 212 -27.50 10.58 13.33
CA LEU D 212 -27.95 11.83 13.91
C LEU D 212 -27.97 12.88 12.83
N VAL D 213 -29.12 13.50 12.63
CA VAL D 213 -29.26 14.53 11.60
C VAL D 213 -29.22 15.86 12.32
N HIS D 214 -28.41 16.79 11.78
CA HIS D 214 -28.40 18.20 12.22
C HIS D 214 -28.61 19.13 11.03
N HIS D 215 -29.02 20.35 11.32
CA HIS D 215 -29.27 21.34 10.29
C HIS D 215 -28.44 22.57 10.59
N SER D 216 -27.16 22.40 10.88
CA SER D 216 -26.41 23.52 11.37
C SER D 216 -26.33 24.66 10.35
N ALA D 217 -26.51 25.89 10.83
CA ALA D 217 -26.35 27.09 9.97
C ALA D 217 -25.55 28.16 10.69
N LEU D 218 -24.79 28.96 9.96
CA LEU D 218 -24.12 30.12 10.58
C LEU D 218 -25.08 31.30 10.82
N PRO D 219 -24.90 32.05 11.92
CA PRO D 219 -25.68 33.29 12.07
C PRO D 219 -25.34 34.27 10.94
N THR D 220 -26.37 34.80 10.28
CA THR D 220 -26.28 35.50 8.98
C THR D 220 -27.64 35.98 8.61
N PRO D 221 -27.76 37.21 8.06
CA PRO D 221 -29.09 37.72 7.65
C PRO D 221 -29.76 36.78 6.66
N GLU D 222 -29.02 36.22 5.71
CA GLU D 222 -29.64 35.28 4.79
C GLU D 222 -30.13 34.04 5.57
N GLY D 223 -29.25 33.41 6.32
CA GLY D 223 -29.68 32.36 7.22
C GLY D 223 -30.93 32.69 8.07
N ARG D 224 -31.10 33.92 8.50
CA ARG D 224 -32.21 34.19 9.39
C ARG D 224 -33.45 34.61 8.65
N ALA D 225 -33.35 34.70 7.34
CA ALA D 225 -34.54 34.75 6.53
C ALA D 225 -35.37 33.47 6.72
N LEU D 226 -34.78 32.35 7.15
CA LEU D 226 -35.57 31.15 7.44
C LEU D 226 -36.20 31.17 8.82
N PRO D 227 -37.51 30.93 8.89
CA PRO D 227 -38.24 30.87 10.16
C PRO D 227 -37.68 29.88 11.16
N ASP D 228 -37.11 28.75 10.74
CA ASP D 228 -36.46 27.86 11.74
C ASP D 228 -34.99 28.22 12.11
N TRP D 229 -34.53 29.45 11.83
CA TRP D 229 -33.12 29.76 12.03
C TRP D 229 -32.60 29.46 13.43
N PRO D 230 -33.40 29.76 14.48
CA PRO D 230 -32.85 29.52 15.83
C PRO D 230 -32.44 28.06 16.07
N THR D 231 -33.16 27.12 15.48
CA THR D 231 -32.82 25.74 15.78
C THR D 231 -31.56 25.33 14.96
N ARG D 232 -31.46 25.81 13.72
CA ARG D 232 -30.28 25.64 12.88
C ARG D 232 -29.03 26.20 13.55
N GLU D 233 -29.21 27.38 14.16
CA GLU D 233 -28.08 27.94 14.81
C GLU D 233 -27.80 27.17 16.06
N ALA D 234 -28.84 26.72 16.77
CA ALA D 234 -28.58 25.92 17.98
C ALA D 234 -27.73 24.70 17.61
N ASP D 235 -28.05 24.06 16.47
CA ASP D 235 -27.31 22.90 16.02
C ASP D 235 -25.88 23.26 15.84
N TYR D 236 -25.60 24.37 15.16
CA TYR D 236 -24.20 24.69 14.90
C TYR D 236 -23.41 24.97 16.18
N PHE D 237 -23.96 25.78 17.06
CA PHE D 237 -23.27 26.11 18.28
C PHE D 237 -23.06 24.90 19.17
N ALA D 238 -24.05 24.02 19.29
CA ALA D 238 -23.87 22.79 20.06
C ALA D 238 -22.73 21.96 19.49
N LEU D 239 -22.76 21.69 18.19
CA LEU D 239 -21.75 20.85 17.59
C LEU D 239 -20.35 21.43 17.69
N SER D 240 -20.23 22.76 17.73
CA SER D 240 -18.93 23.42 17.74
C SER D 240 -18.42 23.65 19.17
N HIS D 241 -19.18 23.22 20.16
CA HIS D 241 -18.71 23.27 21.54
C HIS D 241 -17.81 22.09 21.90
N PRO D 242 -16.56 22.34 22.35
CA PRO D 242 -15.63 21.27 22.78
C PRO D 242 -16.22 20.13 23.65
N GLU D 243 -17.06 20.44 24.64
CA GLU D 243 -17.73 19.36 25.42
C GLU D 243 -18.40 18.34 24.48
N VAL D 244 -19.14 18.85 23.50
CA VAL D 244 -19.89 18.04 22.59
C VAL D 244 -18.95 17.33 21.63
N ARG D 245 -17.98 18.06 21.07
CA ARG D 245 -17.00 17.48 20.15
C ARG D 245 -16.34 16.26 20.77
N ARG D 246 -16.46 16.20 22.09
CA ARG D 246 -15.82 15.25 22.95
C ARG D 246 -16.76 14.08 23.25
N VAL D 247 -17.99 14.36 23.69
CA VAL D 247 -19.02 13.30 23.73
C VAL D 247 -19.07 12.55 22.40
N LEU D 248 -18.94 13.30 21.31
CA LEU D 248 -19.05 12.75 19.99
C LEU D 248 -17.87 11.89 19.66
N ALA D 249 -16.72 12.23 20.24
CA ALA D 249 -15.47 11.54 19.92
C ALA D 249 -15.44 10.13 20.53
N GLU D 250 -16.21 9.92 21.60
CA GLU D 250 -16.54 8.60 22.11
C GLU D 250 -17.41 7.71 21.19
N PHE D 251 -17.55 8.05 19.90
CA PHE D 251 -18.26 7.16 18.99
C PHE D 251 -17.33 6.89 17.85
N HIS D 252 -17.47 5.72 17.26
CA HIS D 252 -16.74 5.54 16.04
C HIS D 252 -17.48 6.36 14.97
N PRO D 253 -16.79 7.38 14.40
CA PRO D 253 -17.44 8.08 13.27
C PRO D 253 -17.51 7.13 12.05
N LEU D 254 -18.51 7.28 11.19
CA LEU D 254 -18.68 6.32 10.12
C LEU D 254 -19.32 7.00 8.95
N THR D 255 -18.71 6.94 7.80
CA THR D 255 -19.25 7.72 6.75
C THR D 255 -20.13 6.84 5.91
N TRP D 256 -21.13 7.43 5.27
CA TRP D 256 -21.82 6.71 4.25
C TRP D 256 -20.85 6.14 3.24
N ARG D 257 -19.73 6.85 3.01
CA ARG D 257 -18.75 6.41 2.00
C ARG D 257 -18.26 5.03 2.35
N ALA D 258 -17.96 4.84 3.63
CA ALA D 258 -17.56 3.53 4.10
C ALA D 258 -18.65 2.49 3.73
N VAL D 259 -19.84 2.65 4.33
CA VAL D 259 -20.99 1.79 4.06
C VAL D 259 -21.12 1.46 2.58
N ARG D 260 -20.95 2.47 1.74
CA ARG D 260 -21.15 2.28 0.33
C ARG D 260 -20.10 1.36 -0.33
N GLU D 261 -18.86 1.48 0.13
CA GLU D 261 -17.77 0.63 -0.34
C GLU D 261 -18.11 -0.78 0.06
N ALA D 262 -18.49 -0.98 1.32
CA ALA D 262 -18.81 -2.32 1.81
C ALA D 262 -20.15 -2.98 1.33
N LEU D 263 -20.93 -2.31 0.49
CA LEU D 263 -22.19 -2.90 0.00
C LEU D 263 -22.26 -3.07 -1.51
N PHE D 264 -21.70 -2.13 -2.26
CA PHE D 264 -21.75 -2.26 -3.72
C PHE D 264 -20.38 -2.71 -4.29
N ASP E 2 6.73 -78.30 -17.89
CA ASP E 2 7.58 -78.88 -16.82
C ASP E 2 7.53 -78.12 -15.48
N LEU E 3 7.31 -76.82 -15.52
CA LEU E 3 7.01 -76.11 -14.29
C LEU E 3 5.60 -76.46 -13.87
N LEU E 4 4.72 -76.66 -14.85
CA LEU E 4 3.39 -77.19 -14.56
C LEU E 4 3.52 -78.56 -13.94
N GLU E 5 4.43 -79.36 -14.50
CA GLU E 5 4.65 -80.70 -14.01
C GLU E 5 4.96 -80.76 -12.54
N ARG E 6 6.00 -80.04 -12.09
CA ARG E 6 6.35 -80.12 -10.67
C ARG E 6 5.40 -79.40 -9.75
N LEU E 7 4.43 -78.69 -10.29
CA LEU E 7 3.36 -78.10 -9.48
C LEU E 7 2.14 -79.04 -9.38
N GLY E 8 2.26 -80.19 -10.03
CA GLY E 8 1.13 -81.10 -10.20
C GLY E 8 -0.02 -80.37 -10.85
N LEU E 9 0.27 -79.61 -11.89
CA LEU E 9 -0.76 -78.88 -12.60
C LEU E 9 -0.61 -79.17 -14.08
N GLY E 10 0.15 -80.22 -14.39
CA GLY E 10 0.30 -80.68 -15.75
C GLY E 10 -1.06 -80.91 -16.39
N GLY E 11 -1.18 -80.47 -17.65
CA GLY E 11 -2.43 -80.59 -18.40
C GLY E 11 -3.53 -79.60 -18.04
N ARG E 12 -3.31 -78.75 -17.04
CA ARG E 12 -4.37 -77.82 -16.61
C ARG E 12 -4.30 -76.51 -17.43
N ARG E 13 -5.35 -75.70 -17.33
CA ARG E 13 -5.26 -74.32 -17.82
C ARG E 13 -4.96 -73.46 -16.60
N VAL E 14 -3.75 -72.91 -16.56
CA VAL E 14 -3.35 -72.14 -15.40
C VAL E 14 -2.95 -70.73 -15.80
N LEU E 15 -3.44 -69.79 -14.99
CA LEU E 15 -3.30 -68.38 -15.24
C LEU E 15 -2.59 -67.67 -14.10
N ILE E 16 -1.54 -66.93 -14.43
CA ILE E 16 -1.04 -65.87 -13.55
C ILE E 16 -1.54 -64.56 -14.09
N LEU E 17 -2.46 -63.97 -13.35
CA LEU E 17 -3.03 -62.65 -13.64
C LEU E 17 -2.30 -61.53 -12.89
N HIS E 18 -1.61 -60.65 -13.61
CA HIS E 18 -0.62 -59.76 -12.99
C HIS E 18 -0.91 -58.28 -13.19
N HIS E 19 -1.19 -57.58 -12.08
CA HIS E 19 -1.38 -56.13 -12.08
C HIS E 19 -0.05 -55.36 -12.17
N ASP E 20 0.10 -54.57 -13.24
CA ASP E 20 1.29 -53.72 -13.46
C ASP E 20 1.12 -52.33 -12.89
N ASP E 21 2.25 -51.64 -12.70
CA ASP E 21 2.29 -50.18 -12.38
C ASP E 21 1.75 -49.78 -11.01
N LEU E 22 1.75 -50.73 -10.08
CA LEU E 22 1.28 -50.35 -8.77
C LEU E 22 2.29 -49.39 -8.14
N GLY E 23 1.78 -48.39 -7.44
CA GLY E 23 2.66 -47.41 -6.83
C GLY E 23 2.73 -46.18 -7.69
N LEU E 24 2.37 -46.32 -8.97
CA LEU E 24 2.44 -45.20 -9.85
C LEU E 24 1.42 -44.14 -9.50
N THR E 25 0.17 -44.51 -9.22
CA THR E 25 -0.87 -43.52 -8.88
C THR E 25 -1.73 -44.08 -7.77
N HIS E 26 -2.56 -43.23 -7.20
CA HIS E 26 -3.54 -43.67 -6.24
C HIS E 26 -4.58 -44.51 -6.96
N ALA E 27 -5.04 -44.03 -8.11
CA ALA E 27 -5.95 -44.76 -8.98
C ALA E 27 -5.55 -46.20 -9.31
N GLN E 28 -4.26 -46.49 -9.53
CA GLN E 28 -3.81 -47.85 -9.80
C GLN E 28 -3.98 -48.66 -8.54
N ASN E 29 -3.44 -48.12 -7.45
CA ASN E 29 -3.52 -48.79 -6.18
C ASN E 29 -4.99 -48.99 -5.79
N GLY E 30 -5.83 -48.02 -6.09
CA GLY E 30 -7.25 -48.13 -5.83
C GLY E 30 -7.80 -49.37 -6.49
N ALA E 31 -7.47 -49.56 -7.76
CA ALA E 31 -7.94 -50.70 -8.52
C ALA E 31 -7.43 -51.99 -7.91
N TYR E 32 -6.13 -52.09 -7.67
CA TYR E 32 -5.61 -53.25 -6.97
C TYR E 32 -6.42 -53.61 -5.70
N GLN E 33 -6.67 -52.66 -4.81
CA GLN E 33 -7.43 -53.02 -3.61
C GLN E 33 -8.83 -53.48 -3.95
N ALA E 34 -9.45 -52.77 -4.89
CA ALA E 34 -10.86 -52.93 -5.20
C ALA E 34 -11.14 -54.34 -5.71
N LEU E 35 -10.24 -54.80 -6.55
CA LEU E 35 -10.49 -55.92 -7.39
C LEU E 35 -10.27 -57.25 -6.68
N GLY E 36 -9.70 -57.27 -5.49
CA GLY E 36 -9.66 -58.52 -4.72
C GLY E 36 -8.64 -59.57 -5.15
N LEU E 37 -7.90 -59.33 -6.23
CA LEU E 37 -6.88 -60.26 -6.75
C LEU E 37 -5.51 -60.00 -6.13
N PRO E 38 -4.68 -61.09 -6.04
CA PRO E 38 -3.48 -61.13 -5.25
C PRO E 38 -2.18 -60.63 -5.93
N THR E 39 -2.08 -60.74 -7.27
CA THR E 39 -0.79 -60.58 -7.97
C THR E 39 -0.59 -59.24 -8.66
N GLY E 40 0.55 -58.64 -8.36
CA GLY E 40 0.96 -57.42 -9.05
C GLY E 40 2.41 -57.09 -8.74
N SER E 41 2.93 -56.09 -9.47
CA SER E 41 4.25 -55.56 -9.15
C SER E 41 4.22 -54.06 -8.99
N VAL E 42 4.94 -53.62 -7.96
CA VAL E 42 5.02 -52.21 -7.54
C VAL E 42 6.25 -51.49 -8.12
N MET E 43 6.04 -50.27 -8.63
CA MET E 43 7.10 -49.39 -9.15
C MET E 43 7.64 -48.63 -7.94
N VAL E 44 8.64 -49.18 -7.28
CA VAL E 44 9.27 -48.54 -6.12
C VAL E 44 9.48 -46.99 -6.18
N PRO E 45 9.95 -46.45 -7.30
CA PRO E 45 10.03 -45.00 -7.24
C PRO E 45 8.70 -44.26 -7.41
N GLY E 46 7.55 -44.95 -7.37
CA GLY E 46 6.26 -44.28 -7.57
C GLY E 46 5.83 -43.67 -6.25
N ALA E 47 5.16 -42.54 -6.34
CA ALA E 47 4.67 -41.82 -5.18
C ALA E 47 3.90 -42.69 -4.18
N TRP E 48 3.26 -43.76 -4.67
CA TRP E 48 2.35 -44.51 -3.83
C TRP E 48 2.88 -45.86 -3.51
N ALA E 49 4.14 -46.10 -3.81
CA ALA E 49 4.69 -47.43 -3.58
C ALA E 49 4.43 -47.92 -2.17
N SER E 50 4.53 -47.04 -1.19
CA SER E 50 4.44 -47.45 0.22
C SER E 50 2.99 -47.78 0.65
N GLY E 51 2.02 -47.36 -0.18
CA GLY E 51 0.66 -47.58 0.16
C GLY E 51 0.03 -48.84 -0.39
N VAL E 52 0.81 -49.92 -0.59
CA VAL E 52 0.28 -51.16 -1.22
C VAL E 52 0.61 -52.44 -0.51
N LYS E 53 -0.40 -53.15 -0.06
CA LYS E 53 -0.14 -54.36 0.66
C LYS E 53 -0.92 -55.48 -0.05
N GLY E 54 -0.35 -56.68 -0.12
CA GLY E 54 -1.01 -57.77 -0.85
C GLY E 54 -0.18 -59.04 -0.75
N GLU E 55 -0.70 -60.18 -1.19
CA GLU E 55 -0.09 -61.48 -0.90
C GLU E 55 0.98 -61.87 -1.91
N ASP E 56 0.76 -61.48 -3.17
CA ASP E 56 1.69 -61.87 -4.18
C ASP E 56 2.14 -60.65 -4.96
N LEU E 57 2.94 -59.84 -4.30
CA LEU E 57 3.48 -58.59 -4.85
C LEU E 57 4.93 -58.77 -5.27
N GLY E 58 5.33 -58.16 -6.37
CA GLY E 58 6.75 -58.17 -6.71
C GLY E 58 7.20 -56.78 -7.08
N VAL E 59 8.44 -56.68 -7.60
CA VAL E 59 9.02 -55.37 -7.86
C VAL E 59 9.09 -55.10 -9.34
N HIS E 60 8.42 -54.02 -9.74
CA HIS E 60 8.33 -53.62 -11.12
C HIS E 60 9.45 -52.64 -11.38
N LEU E 61 10.64 -53.17 -11.65
CA LEU E 61 11.82 -52.34 -11.91
C LEU E 61 11.54 -51.23 -12.90
N VAL E 62 11.95 -49.99 -12.59
CA VAL E 62 11.80 -48.91 -13.58
C VAL E 62 13.09 -48.22 -14.01
N LEU E 63 13.16 -47.78 -15.27
CA LEU E 63 14.35 -47.06 -15.76
C LEU E 63 13.91 -46.02 -16.76
N THR E 64 12.61 -45.82 -16.83
CA THR E 64 12.05 -44.88 -17.77
C THR E 64 10.87 -44.26 -17.10
N SER E 65 10.51 -43.05 -17.50
CA SER E 65 9.37 -42.40 -16.94
C SER E 65 8.75 -41.58 -18.08
N GLU E 66 7.84 -42.24 -18.79
CA GLU E 66 7.29 -41.74 -20.06
C GLU E 66 6.34 -40.56 -20.02
N TRP E 67 5.62 -40.35 -18.91
CA TRP E 67 4.56 -39.34 -18.96
C TRP E 67 5.08 -37.96 -18.63
N PRO E 68 4.44 -36.93 -19.23
CA PRO E 68 4.70 -35.56 -18.81
C PRO E 68 4.78 -35.46 -17.25
N ALA E 69 3.84 -36.12 -16.56
CA ALA E 69 3.62 -36.05 -15.11
C ALA E 69 2.56 -37.09 -14.77
N PRO E 70 2.75 -37.92 -13.72
CA PRO E 70 3.84 -37.96 -12.73
C PRO E 70 5.12 -38.50 -13.32
N ARG E 71 6.24 -38.06 -12.79
CA ARG E 71 7.53 -38.46 -13.32
C ARG E 71 8.23 -39.06 -12.13
N MET E 72 9.16 -39.97 -12.39
CA MET E 72 9.86 -40.71 -11.36
C MET E 72 11.36 -40.43 -11.47
N ARG E 73 12.08 -40.60 -10.35
CA ARG E 73 13.51 -40.25 -10.29
C ARG E 73 14.29 -41.43 -9.83
N PRO E 74 15.55 -41.52 -10.23
CA PRO E 74 16.24 -42.73 -9.74
C PRO E 74 16.56 -42.65 -8.28
N LEU E 75 16.48 -43.77 -7.59
CA LEU E 75 16.86 -43.85 -6.21
C LEU E 75 18.32 -43.50 -6.07
N THR E 76 19.17 -43.85 -7.05
CA THR E 76 20.62 -43.64 -6.91
C THR E 76 21.07 -42.49 -7.77
N GLU E 77 22.33 -42.08 -7.67
CA GLU E 77 22.74 -40.93 -8.47
C GLU E 77 23.51 -41.16 -9.79
N GLY E 78 23.54 -42.41 -10.29
CA GLY E 78 24.02 -42.71 -11.66
C GLY E 78 23.61 -41.63 -12.66
N GLU E 79 24.57 -41.00 -13.33
CA GLU E 79 24.24 -39.92 -14.29
C GLU E 79 23.73 -40.46 -15.60
N SER E 80 24.21 -41.65 -15.94
CA SER E 80 23.71 -42.38 -17.11
C SER E 80 22.18 -42.69 -17.04
N LEU E 81 21.61 -42.69 -15.82
CA LEU E 81 20.23 -43.08 -15.60
C LEU E 81 19.27 -41.93 -15.72
N ARG E 82 19.76 -40.71 -15.72
CA ARG E 82 18.84 -39.57 -15.67
C ARG E 82 19.01 -38.70 -16.85
N ASP E 83 18.16 -37.69 -16.95
CA ASP E 83 18.11 -36.90 -18.13
C ASP E 83 17.63 -35.54 -17.74
N GLU E 84 18.31 -34.56 -18.31
CA GLU E 84 18.58 -33.24 -17.75
C GLU E 84 17.76 -32.65 -16.61
N ALA E 85 16.49 -33.07 -16.46
CA ALA E 85 15.69 -32.61 -15.30
C ALA E 85 15.96 -33.53 -14.11
N GLY E 86 16.64 -34.63 -14.35
CA GLY E 86 16.99 -35.57 -13.30
C GLY E 86 15.98 -36.69 -13.12
N TYR E 87 15.09 -36.84 -14.10
CA TYR E 87 14.17 -37.96 -14.06
C TYR E 87 14.76 -39.08 -14.85
N PHE E 88 14.21 -40.26 -14.67
CA PHE E 88 14.43 -41.32 -15.66
C PHE E 88 14.13 -40.79 -17.06
N PRO E 89 14.76 -41.39 -18.09
CA PRO E 89 14.59 -40.91 -19.46
C PRO E 89 13.17 -41.21 -19.94
N GLU E 90 12.64 -40.36 -20.78
CA GLU E 90 11.24 -40.53 -21.14
C GLU E 90 10.98 -41.56 -22.21
N SER E 91 12.02 -42.26 -22.68
CA SER E 91 11.87 -43.28 -23.72
C SER E 91 12.98 -44.33 -23.67
N LEU E 92 12.70 -45.51 -24.23
CA LEU E 92 13.61 -46.64 -24.17
C LEU E 92 14.85 -46.44 -25.04
N GLU E 93 14.73 -45.56 -26.03
CA GLU E 93 15.82 -45.24 -26.94
C GLU E 93 16.84 -44.41 -26.16
N ALA E 94 16.36 -43.27 -25.69
CA ALA E 94 17.08 -42.39 -24.77
C ALA E 94 17.80 -43.23 -23.72
N LEU E 95 17.08 -44.15 -23.11
CA LEU E 95 17.65 -45.01 -22.09
C LEU E 95 18.80 -45.83 -22.64
N TRP E 96 18.50 -46.59 -23.69
CA TRP E 96 19.42 -47.62 -24.21
C TRP E 96 20.70 -47.08 -24.84
N ARG E 97 20.65 -45.87 -25.37
CA ARG E 97 21.84 -45.27 -25.92
C ARG E 97 22.83 -44.73 -24.87
N LYS E 98 22.38 -44.49 -23.64
CA LYS E 98 23.28 -43.82 -22.66
C LYS E 98 23.49 -44.47 -21.31
N ALA E 99 22.68 -45.46 -20.96
CA ALA E 99 22.77 -45.98 -19.62
C ALA E 99 23.90 -47.01 -19.44
N ARG E 100 24.65 -46.91 -18.35
CA ARG E 100 25.74 -47.83 -18.06
C ARG E 100 25.34 -48.99 -17.16
N ALA E 101 25.64 -50.21 -17.61
CA ALA E 101 25.40 -51.44 -16.84
C ALA E 101 25.68 -51.42 -15.32
N GLU E 102 26.74 -50.75 -14.88
CA GLU E 102 27.05 -50.76 -13.42
C GLU E 102 26.07 -49.82 -12.71
N GLU E 103 25.86 -48.67 -13.32
CA GLU E 103 24.95 -47.70 -12.77
C GLU E 103 23.55 -48.26 -12.72
N VAL E 104 23.22 -49.10 -13.69
CA VAL E 104 21.91 -49.68 -13.74
C VAL E 104 21.84 -50.72 -12.63
N GLU E 105 22.80 -51.62 -12.58
CA GLU E 105 22.81 -52.63 -11.53
C GLU E 105 22.63 -52.08 -10.10
N ARG E 106 23.29 -50.95 -9.82
CA ARG E 106 23.19 -50.35 -8.48
C ARG E 106 21.77 -49.83 -8.25
N GLU E 107 21.23 -49.12 -9.24
CA GLU E 107 19.86 -48.62 -9.21
C GLU E 107 18.82 -49.73 -9.03
N LEU E 108 19.01 -50.87 -9.68
CA LEU E 108 18.02 -51.93 -9.52
C LEU E 108 18.12 -52.59 -8.18
N LYS E 109 19.35 -52.76 -7.69
CA LYS E 109 19.62 -53.30 -6.34
C LYS E 109 18.95 -52.40 -5.31
N ALA E 110 18.99 -51.09 -5.58
CA ALA E 110 18.41 -50.10 -4.71
C ALA E 110 16.93 -50.43 -4.62
N GLN E 111 16.27 -50.47 -5.77
CA GLN E 111 14.83 -50.65 -5.86
C GLN E 111 14.39 -51.97 -5.22
N ILE E 112 15.16 -53.03 -5.42
CA ILE E 112 14.78 -54.30 -4.83
C ILE E 112 14.83 -54.22 -3.31
N GLN E 113 15.87 -53.58 -2.80
CA GLN E 113 16.04 -53.50 -1.35
C GLN E 113 15.00 -52.61 -0.69
N ALA E 114 14.65 -51.53 -1.36
CA ALA E 114 13.63 -50.63 -0.89
C ALA E 114 12.32 -51.37 -0.80
N ALA E 115 12.09 -52.25 -1.75
CA ALA E 115 10.84 -52.94 -1.83
C ALA E 115 10.79 -53.98 -0.72
N ALA E 116 11.94 -54.60 -0.42
CA ALA E 116 11.93 -55.67 0.57
C ALA E 116 11.54 -55.09 1.93
N LYS E 117 11.54 -53.77 2.02
CA LYS E 117 11.20 -53.03 3.21
C LYS E 117 9.74 -52.63 3.21
N LEU E 118 9.05 -52.75 2.09
CA LEU E 118 7.66 -52.32 2.02
C LEU E 118 6.66 -53.49 2.02
N PHE E 119 7.15 -54.70 1.76
CA PHE E 119 6.31 -55.91 1.66
C PHE E 119 7.27 -57.07 1.34
N SER E 120 6.77 -58.31 1.30
CA SER E 120 7.61 -59.48 0.94
C SER E 120 7.61 -59.71 -0.57
N PRO E 121 8.66 -59.27 -1.28
CA PRO E 121 8.44 -59.44 -2.72
C PRO E 121 8.60 -60.93 -3.19
N THR E 122 7.91 -61.33 -4.26
CA THR E 122 7.93 -62.74 -4.72
C THR E 122 8.55 -62.84 -6.07
N HIS E 123 8.60 -61.73 -6.80
CA HIS E 123 9.06 -61.79 -8.17
C HIS E 123 9.58 -60.45 -8.69
N LEU E 124 9.96 -60.45 -9.94
CA LEU E 124 10.64 -59.34 -10.52
C LEU E 124 10.24 -59.22 -11.97
N ASP E 125 10.00 -58.01 -12.41
CA ASP E 125 9.75 -57.77 -13.82
C ASP E 125 10.15 -56.33 -14.11
N ALA E 126 10.09 -55.92 -15.37
CA ALA E 126 10.61 -54.62 -15.71
C ALA E 126 9.62 -53.81 -16.49
N HIS E 127 9.40 -52.58 -16.04
CA HIS E 127 8.48 -51.67 -16.69
C HIS E 127 8.98 -51.45 -18.13
N GLN E 128 8.07 -51.35 -19.10
CA GLN E 128 8.43 -51.27 -20.52
C GLN E 128 9.56 -52.22 -21.04
N GLY E 129 9.70 -53.41 -20.45
CA GLY E 129 10.79 -54.35 -20.82
C GLY E 129 12.13 -53.63 -21.03
N ALA E 130 12.46 -52.69 -20.13
CA ALA E 130 13.67 -51.87 -20.22
C ALA E 130 14.96 -52.65 -19.98
N VAL E 131 14.87 -53.89 -19.50
CA VAL E 131 16.05 -54.73 -19.35
C VAL E 131 16.36 -55.61 -20.58
N LEU E 132 15.70 -55.29 -21.70
CA LEU E 132 15.85 -56.08 -22.94
C LEU E 132 17.22 -55.91 -23.63
N ARG E 133 17.91 -54.81 -23.37
CA ARG E 133 19.29 -54.67 -23.86
C ARG E 133 20.13 -55.74 -23.15
N PRO E 134 20.78 -56.62 -23.95
CA PRO E 134 21.33 -57.93 -23.49
C PRO E 134 22.14 -57.80 -22.19
N ASP E 135 23.02 -56.82 -22.23
CA ASP E 135 23.88 -56.47 -21.14
C ASP E 135 23.04 -56.22 -19.85
N LEU E 136 21.96 -55.43 -19.96
CA LEU E 136 21.03 -55.25 -18.82
C LEU E 136 20.30 -56.51 -18.41
N ALA E 137 19.92 -57.32 -19.39
CA ALA E 137 19.15 -58.54 -19.14
C ALA E 137 19.88 -59.56 -18.32
N GLU E 138 21.20 -59.59 -18.47
CA GLU E 138 22.02 -60.51 -17.68
C GLU E 138 22.06 -60.01 -16.22
N VAL E 139 22.04 -58.68 -16.04
CA VAL E 139 21.91 -58.08 -14.73
C VAL E 139 20.60 -58.49 -14.08
N TYR E 140 19.53 -58.36 -14.85
CA TYR E 140 18.19 -58.66 -14.38
C TYR E 140 18.06 -60.11 -13.87
N LEU E 141 18.59 -61.07 -14.60
CA LEU E 141 18.51 -62.45 -14.15
C LEU E 141 19.42 -62.77 -12.97
N ARG E 142 20.53 -62.04 -12.84
CA ARG E 142 21.48 -62.36 -11.81
C ARG E 142 20.97 -61.74 -10.52
N LEU E 143 20.39 -60.56 -10.66
CA LEU E 143 19.69 -59.94 -9.56
C LEU E 143 18.54 -60.82 -9.06
N ALA E 144 17.79 -61.39 -9.99
CA ALA E 144 16.71 -62.28 -9.60
C ALA E 144 17.25 -63.48 -8.85
N GLU E 145 18.40 -63.97 -9.28
CA GLU E 145 18.99 -65.12 -8.65
C GLU E 145 19.44 -64.66 -7.28
N ALA E 146 20.16 -63.53 -7.26
CA ALA E 146 20.72 -63.00 -6.04
C ALA E 146 19.66 -62.89 -4.93
N TYR E 147 18.54 -62.22 -5.22
CA TYR E 147 17.55 -61.99 -4.19
C TYR E 147 16.46 -63.05 -4.11
N ARG E 148 16.66 -64.13 -4.87
CA ARG E 148 15.78 -65.29 -4.78
C ARG E 148 14.33 -64.86 -5.01
N LEU E 149 14.11 -64.25 -6.17
CA LEU E 149 12.82 -63.79 -6.62
C LEU E 149 12.68 -64.32 -8.04
N VAL E 150 11.54 -64.94 -8.38
CA VAL E 150 11.33 -65.39 -9.76
C VAL E 150 11.13 -64.22 -10.71
N PRO E 151 11.91 -64.16 -11.81
CA PRO E 151 11.83 -63.10 -12.81
C PRO E 151 10.82 -63.42 -13.88
N LEU E 152 10.15 -62.41 -14.42
CA LEU E 152 9.31 -62.65 -15.56
C LEU E 152 10.16 -62.93 -16.80
N VAL E 153 9.98 -64.12 -17.38
CA VAL E 153 10.67 -64.57 -18.60
C VAL E 153 9.68 -65.14 -19.61
N PRO E 154 9.48 -64.46 -20.75
CA PRO E 154 8.47 -64.96 -21.68
C PRO E 154 9.00 -66.14 -22.49
N GLU E 155 8.08 -67.01 -22.93
CA GLU E 155 8.40 -68.20 -23.71
C GLU E 155 9.02 -67.89 -25.08
N SER E 156 8.33 -67.01 -25.82
CA SER E 156 8.81 -66.45 -27.06
C SER E 156 8.96 -64.93 -26.80
N LEU E 157 9.91 -64.27 -27.45
CA LEU E 157 10.05 -62.82 -27.32
C LEU E 157 9.49 -62.06 -28.52
N GLU E 158 8.56 -62.74 -29.19
CA GLU E 158 7.99 -62.33 -30.44
C GLU E 158 6.98 -61.18 -30.28
N GLY E 159 7.12 -60.15 -31.12
CA GLY E 159 6.21 -58.99 -31.09
C GLY E 159 6.26 -58.27 -29.76
N LEU E 160 7.46 -58.16 -29.20
CA LEU E 160 7.64 -57.45 -27.92
C LEU E 160 8.31 -56.09 -28.11
N GLY E 161 8.63 -55.76 -29.37
CA GLY E 161 9.24 -54.48 -29.71
C GLY E 161 10.74 -54.56 -29.67
N VAL E 162 11.26 -55.71 -29.25
CA VAL E 162 12.69 -55.91 -29.10
C VAL E 162 13.44 -55.48 -30.36
N PRO E 163 14.30 -54.45 -30.27
CA PRO E 163 15.08 -54.09 -31.46
C PRO E 163 15.86 -55.29 -31.99
N PRO E 164 15.66 -55.63 -33.28
CA PRO E 164 16.27 -56.76 -33.99
C PRO E 164 17.69 -57.12 -33.49
N PRO E 165 18.65 -56.16 -33.49
CA PRO E 165 20.00 -56.42 -32.97
C PRO E 165 20.05 -57.29 -31.73
N PHE E 166 19.08 -57.11 -30.83
CA PHE E 166 19.10 -57.76 -29.52
C PHE E 166 18.78 -59.26 -29.54
N LEU E 167 17.89 -59.65 -30.46
CA LEU E 167 17.33 -61.01 -30.51
C LEU E 167 18.35 -62.13 -30.33
N PRO E 168 19.49 -62.07 -31.06
CA PRO E 168 20.61 -63.01 -30.78
C PRO E 168 20.93 -63.29 -29.29
N GLU E 169 21.59 -62.36 -28.60
CA GLU E 169 22.15 -62.62 -27.25
C GLU E 169 21.06 -62.73 -26.19
N LEU E 170 19.94 -62.08 -26.45
CA LEU E 170 18.75 -62.36 -25.69
C LEU E 170 18.44 -63.85 -25.75
N GLU E 171 18.12 -64.33 -26.97
CA GLU E 171 17.72 -65.73 -27.21
C GLU E 171 18.72 -66.70 -26.65
N ARG E 172 19.97 -66.27 -26.70
CA ARG E 172 21.08 -67.00 -26.17
C ARG E 172 20.76 -67.36 -24.72
N LEU E 173 20.80 -66.37 -23.82
CA LEU E 173 20.55 -66.60 -22.40
C LEU E 173 19.09 -66.94 -21.97
N LEU E 174 18.12 -66.74 -22.85
CA LEU E 174 16.74 -67.25 -22.65
C LEU E 174 16.76 -68.78 -22.71
N TYR E 175 17.67 -69.32 -23.52
CA TYR E 175 17.78 -70.77 -23.68
C TYR E 175 18.68 -71.36 -22.60
N GLU E 176 19.58 -70.53 -22.08
CA GLU E 176 20.51 -70.94 -21.02
C GLU E 176 19.91 -70.93 -19.62
N THR E 177 18.75 -70.28 -19.49
CA THR E 177 18.18 -70.02 -18.17
C THR E 177 17.55 -71.25 -17.53
N PRO E 178 17.92 -71.50 -16.27
CA PRO E 178 17.23 -72.50 -15.49
C PRO E 178 15.81 -72.04 -15.13
N PHE E 179 15.46 -70.77 -15.39
CA PHE E 179 14.17 -70.21 -14.98
C PHE E 179 12.99 -70.56 -15.90
N PRO E 180 11.79 -70.75 -15.32
CA PRO E 180 10.58 -71.05 -16.08
C PRO E 180 10.16 -69.90 -16.98
N GLN E 181 9.65 -70.25 -18.16
CA GLN E 181 9.24 -69.26 -19.14
C GLN E 181 7.71 -69.29 -19.18
N VAL E 182 7.09 -68.18 -19.53
CA VAL E 182 5.64 -68.12 -19.48
C VAL E 182 5.04 -67.64 -20.78
N ARG E 183 3.84 -68.12 -21.06
CA ARG E 183 3.17 -67.68 -22.25
C ARG E 183 2.54 -66.32 -21.96
N PHE E 184 3.20 -65.31 -22.51
CA PHE E 184 2.86 -63.90 -22.31
C PHE E 184 1.58 -63.47 -23.00
N LEU E 185 0.71 -62.74 -22.32
CA LEU E 185 -0.47 -62.12 -22.95
C LEU E 185 -0.59 -60.66 -22.52
N ASP E 186 -0.93 -59.75 -23.46
CA ASP E 186 -0.97 -58.30 -23.16
C ASP E 186 -1.98 -57.46 -23.97
N PRO E 187 -3.20 -57.26 -23.41
CA PRO E 187 -4.31 -56.48 -23.99
C PRO E 187 -4.05 -54.94 -24.08
N TYR E 188 -2.94 -54.49 -23.50
CA TYR E 188 -2.37 -53.19 -23.76
C TYR E 188 -2.08 -53.13 -25.28
N GLY E 189 -2.37 -52.00 -25.93
CA GLY E 189 -2.20 -51.96 -27.37
C GLY E 189 -3.49 -52.21 -28.13
N LEU E 190 -4.32 -53.17 -27.71
CA LEU E 190 -5.67 -53.35 -28.33
C LEU E 190 -6.67 -52.29 -27.85
N PRO E 191 -7.59 -51.86 -28.73
CA PRO E 191 -8.57 -50.85 -28.34
C PRO E 191 -9.42 -51.17 -27.07
N PRO E 192 -9.66 -50.15 -26.23
CA PRO E 192 -10.52 -50.15 -25.06
C PRO E 192 -11.87 -50.80 -25.29
N GLU E 193 -12.57 -50.41 -26.35
CA GLU E 193 -13.92 -50.92 -26.64
C GLU E 193 -13.87 -52.41 -26.91
N GLU E 194 -12.69 -52.96 -27.17
CA GLU E 194 -12.54 -54.40 -27.36
C GLU E 194 -11.97 -55.18 -26.16
N ARG E 195 -11.91 -54.58 -24.98
CA ARG E 195 -11.22 -55.21 -23.88
C ARG E 195 -12.00 -56.38 -23.28
N LEU E 196 -13.29 -56.16 -23.10
CA LEU E 196 -14.21 -57.17 -22.62
C LEU E 196 -14.05 -58.48 -23.39
N GLY E 197 -14.15 -58.36 -24.72
CA GLY E 197 -14.03 -59.47 -25.63
C GLY E 197 -12.70 -60.14 -25.49
N PHE E 198 -11.64 -59.36 -25.34
CA PHE E 198 -10.34 -59.95 -25.18
C PHE E 198 -10.35 -60.89 -24.00
N TYR E 199 -11.00 -60.47 -22.92
CA TYR E 199 -10.99 -61.29 -21.73
C TYR E 199 -11.89 -62.52 -21.91
N LEU E 200 -13.05 -62.31 -22.52
CA LEU E 200 -14.01 -63.36 -22.78
C LEU E 200 -13.35 -64.44 -23.67
N ASP E 201 -12.65 -64.03 -24.73
CA ASP E 201 -11.94 -64.99 -25.57
C ASP E 201 -10.90 -65.82 -24.83
N LEU E 202 -10.77 -65.66 -23.53
CA LEU E 202 -9.79 -66.48 -22.82
C LEU E 202 -10.29 -67.89 -22.67
N ALA E 203 -11.61 -68.04 -22.72
CA ALA E 203 -12.28 -69.33 -22.75
C ALA E 203 -11.75 -70.24 -23.86
N HIS E 204 -11.42 -69.68 -25.02
CA HIS E 204 -10.84 -70.46 -26.15
C HIS E 204 -9.40 -70.98 -25.95
N LEU E 205 -8.83 -70.85 -24.77
CA LEU E 205 -7.43 -71.21 -24.61
C LEU E 205 -7.23 -72.69 -24.25
N PRO E 206 -6.20 -73.29 -24.85
CA PRO E 206 -5.75 -74.64 -24.51
C PRO E 206 -5.15 -74.67 -23.11
N PRO E 207 -4.99 -75.87 -22.52
CA PRO E 207 -4.15 -76.08 -21.35
C PRO E 207 -2.78 -75.46 -21.51
N GLY E 208 -2.22 -74.99 -20.40
CA GLY E 208 -0.92 -74.35 -20.43
C GLY E 208 -0.76 -73.37 -19.30
N LEU E 209 0.39 -72.71 -19.29
CA LEU E 209 0.68 -71.71 -18.28
C LEU E 209 0.66 -70.32 -18.92
N TYR E 210 -0.38 -69.55 -18.56
CA TYR E 210 -0.53 -68.23 -19.13
C TYR E 210 -0.26 -67.15 -18.10
N TYR E 211 0.33 -66.06 -18.60
CA TYR E 211 0.72 -64.93 -17.81
C TYR E 211 0.06 -63.74 -18.44
N LEU E 212 -0.86 -63.10 -17.73
CA LEU E 212 -1.65 -62.05 -18.34
C LEU E 212 -1.47 -60.75 -17.57
N VAL E 213 -0.94 -59.75 -18.24
CA VAL E 213 -0.73 -58.47 -17.60
C VAL E 213 -1.91 -57.53 -17.83
N HIS E 214 -2.37 -56.88 -16.76
CA HIS E 214 -3.31 -55.78 -16.89
C HIS E 214 -2.79 -54.53 -16.15
N HIS E 215 -3.40 -53.39 -16.51
CA HIS E 215 -3.08 -52.08 -15.99
C HIS E 215 -4.29 -51.41 -15.37
N SER E 216 -5.14 -52.20 -14.75
CA SER E 216 -6.37 -51.66 -14.20
C SER E 216 -6.11 -50.50 -13.29
N ALA E 217 -6.90 -49.47 -13.49
CA ALA E 217 -6.92 -48.32 -12.61
C ALA E 217 -8.35 -47.81 -12.45
N LEU E 218 -8.70 -47.35 -11.24
CA LEU E 218 -10.02 -46.69 -11.02
C LEU E 218 -10.15 -45.37 -11.81
N PRO E 219 -11.28 -45.18 -12.48
CA PRO E 219 -11.55 -43.92 -13.15
C PRO E 219 -11.68 -42.71 -12.20
N THR E 220 -10.70 -41.83 -12.30
CA THR E 220 -10.44 -40.83 -11.27
C THR E 220 -9.75 -39.63 -11.91
N PRO E 221 -10.03 -38.39 -11.45
CA PRO E 221 -9.33 -37.22 -12.02
C PRO E 221 -7.81 -37.40 -12.02
N GLU E 222 -7.24 -37.83 -10.91
CA GLU E 222 -5.82 -38.17 -10.95
C GLU E 222 -5.49 -39.22 -12.07
N GLY E 223 -6.17 -40.37 -12.10
CA GLY E 223 -5.89 -41.38 -13.13
C GLY E 223 -6.01 -40.86 -14.55
N ARG E 224 -6.87 -39.89 -14.78
CA ARG E 224 -7.08 -39.45 -16.14
C ARG E 224 -6.09 -38.40 -16.62
N ALA E 225 -5.17 -38.08 -15.75
CA ALA E 225 -4.07 -37.27 -16.10
C ALA E 225 -3.16 -38.11 -16.96
N LEU E 226 -3.19 -39.42 -16.82
CA LEU E 226 -2.40 -40.28 -17.76
C LEU E 226 -3.09 -40.41 -19.14
N PRO E 227 -2.36 -40.10 -20.22
CA PRO E 227 -2.84 -40.33 -21.58
C PRO E 227 -3.43 -41.73 -21.87
N ASP E 228 -2.91 -42.80 -21.27
CA ASP E 228 -3.47 -44.13 -21.53
C ASP E 228 -4.61 -44.57 -20.58
N TRP E 229 -5.24 -43.59 -19.95
CA TRP E 229 -6.30 -43.90 -19.05
C TRP E 229 -7.43 -44.67 -19.72
N PRO E 230 -7.74 -44.40 -21.02
CA PRO E 230 -8.86 -45.22 -21.51
C PRO E 230 -8.60 -46.69 -21.41
N THR E 231 -7.38 -47.13 -21.66
CA THR E 231 -7.16 -48.59 -21.64
C THR E 231 -7.04 -49.18 -20.22
N ARG E 232 -6.48 -48.40 -19.30
CA ARG E 232 -6.35 -48.81 -17.92
C ARG E 232 -7.72 -48.97 -17.27
N GLU E 233 -8.64 -48.08 -17.61
CA GLU E 233 -9.97 -48.18 -17.09
C GLU E 233 -10.75 -49.35 -17.60
N ALA E 234 -10.52 -49.65 -18.87
CA ALA E 234 -11.11 -50.78 -19.55
C ALA E 234 -10.66 -52.07 -18.84
N ASP E 235 -9.37 -52.22 -18.57
CA ASP E 235 -8.97 -53.39 -17.81
C ASP E 235 -9.85 -53.52 -16.57
N TYR E 236 -10.04 -52.42 -15.90
CA TYR E 236 -10.63 -52.47 -14.59
C TYR E 236 -12.08 -52.92 -14.73
N PHE E 237 -12.77 -52.43 -15.75
CA PHE E 237 -14.16 -52.79 -15.94
C PHE E 237 -14.35 -54.19 -16.46
N ALA E 238 -13.40 -54.69 -17.25
CA ALA E 238 -13.48 -56.01 -17.84
C ALA E 238 -13.30 -56.99 -16.72
N LEU E 239 -12.29 -56.74 -15.88
CA LEU E 239 -12.03 -57.63 -14.79
C LEU E 239 -13.16 -57.67 -13.78
N SER E 240 -14.02 -56.67 -13.76
CA SER E 240 -15.05 -56.68 -12.74
C SER E 240 -16.39 -57.11 -13.28
N HIS E 241 -16.40 -57.52 -14.54
CA HIS E 241 -17.61 -58.04 -15.17
C HIS E 241 -17.85 -59.53 -14.77
N PRO E 242 -19.11 -59.88 -14.39
CA PRO E 242 -19.43 -61.26 -13.92
C PRO E 242 -19.03 -62.34 -14.92
N GLU E 243 -19.36 -62.11 -16.19
CA GLU E 243 -18.80 -62.85 -17.33
C GLU E 243 -17.31 -63.19 -17.25
N VAL E 244 -16.50 -62.20 -16.98
CA VAL E 244 -15.06 -62.35 -17.06
C VAL E 244 -14.63 -63.07 -15.82
N ARG E 245 -15.32 -62.79 -14.71
CA ARG E 245 -14.97 -63.46 -13.50
C ARG E 245 -15.23 -64.94 -13.57
N ARG E 246 -16.21 -65.30 -14.38
CA ARG E 246 -16.51 -66.68 -14.73
C ARG E 246 -15.44 -67.34 -15.60
N VAL E 247 -15.16 -66.72 -16.76
CA VAL E 247 -14.09 -67.17 -17.63
C VAL E 247 -12.85 -67.37 -16.79
N LEU E 248 -12.54 -66.39 -15.94
CA LEU E 248 -11.36 -66.46 -15.06
C LEU E 248 -11.34 -67.64 -14.09
N ALA E 249 -12.54 -67.97 -13.58
CA ALA E 249 -12.75 -69.03 -12.59
C ALA E 249 -12.36 -70.39 -13.13
N GLU E 250 -12.52 -70.57 -14.44
CA GLU E 250 -12.17 -71.80 -15.14
C GLU E 250 -10.67 -72.01 -15.30
N PHE E 251 -9.83 -71.12 -14.77
CA PHE E 251 -8.38 -71.35 -14.81
C PHE E 251 -7.96 -71.74 -13.44
N HIS E 252 -6.85 -72.47 -13.32
CA HIS E 252 -6.30 -72.66 -12.01
C HIS E 252 -5.36 -71.49 -11.82
N PRO E 253 -5.64 -70.68 -10.78
CA PRO E 253 -4.92 -69.42 -10.55
C PRO E 253 -3.61 -69.78 -9.85
N LEU E 254 -2.53 -69.09 -10.21
CA LEU E 254 -1.20 -69.43 -9.70
C LEU E 254 -0.46 -68.14 -9.35
N THR E 255 0.07 -68.09 -8.12
CA THR E 255 0.78 -66.90 -7.68
C THR E 255 2.26 -67.08 -7.76
N TRP E 256 2.98 -66.01 -8.09
CA TRP E 256 4.43 -66.06 -8.03
C TRP E 256 4.95 -66.60 -6.72
N ARG E 257 4.26 -66.30 -5.62
CA ARG E 257 4.68 -66.81 -4.33
C ARG E 257 4.85 -68.34 -4.40
N ALA E 258 3.88 -69.00 -5.05
CA ALA E 258 3.85 -70.45 -5.17
C ALA E 258 4.97 -70.92 -6.09
N VAL E 259 5.16 -70.27 -7.23
CA VAL E 259 6.25 -70.62 -8.13
C VAL E 259 7.57 -70.54 -7.37
N ARG E 260 7.62 -69.62 -6.42
CA ARG E 260 8.86 -69.32 -5.72
C ARG E 260 9.22 -70.39 -4.68
N GLU E 261 8.24 -70.82 -3.88
CA GLU E 261 8.42 -71.97 -3.00
C GLU E 261 8.90 -73.19 -3.77
N ALA E 262 8.52 -73.29 -5.05
CA ALA E 262 8.95 -74.41 -5.91
C ALA E 262 10.38 -74.32 -6.41
N LEU E 263 10.95 -73.13 -6.54
CA LEU E 263 12.27 -73.03 -7.16
C LEU E 263 13.41 -72.82 -6.18
N PHE E 264 13.14 -72.12 -5.07
CA PHE E 264 14.17 -71.67 -4.14
C PHE E 264 14.01 -72.33 -2.76
N ASP F 2 -42.84 62.02 -27.38
CA ASP F 2 -44.23 61.73 -27.77
C ASP F 2 -44.96 61.04 -26.64
N LEU F 3 -44.30 60.02 -26.07
CA LEU F 3 -44.83 59.35 -24.89
C LEU F 3 -44.90 60.34 -23.72
N LEU F 4 -43.83 61.10 -23.53
CA LEU F 4 -43.81 62.15 -22.53
C LEU F 4 -45.01 63.07 -22.71
N GLU F 5 -45.41 63.26 -23.97
CA GLU F 5 -46.60 64.03 -24.30
C GLU F 5 -47.85 63.37 -23.73
N ARG F 6 -48.13 62.15 -24.18
CA ARG F 6 -49.34 61.44 -23.78
C ARG F 6 -49.47 61.23 -22.28
N LEU F 7 -48.37 61.32 -21.55
CA LEU F 7 -48.43 61.30 -20.08
C LEU F 7 -48.44 62.69 -19.47
N GLY F 8 -48.40 63.72 -20.33
CA GLY F 8 -48.42 65.12 -19.88
C GLY F 8 -47.19 65.46 -19.07
N LEU F 9 -46.05 64.90 -19.48
CA LEU F 9 -44.73 65.15 -18.88
C LEU F 9 -43.78 65.67 -19.96
N GLY F 10 -44.35 66.33 -20.97
CA GLY F 10 -43.56 66.95 -22.02
C GLY F 10 -42.72 68.12 -21.49
N GLY F 11 -41.49 68.21 -21.98
CA GLY F 11 -40.55 69.29 -21.59
C GLY F 11 -39.77 69.02 -20.31
N ARG F 12 -40.34 68.17 -19.44
CA ARG F 12 -39.78 67.82 -18.13
C ARG F 12 -38.60 66.80 -18.21
N ARG F 13 -37.76 66.80 -17.17
CA ARG F 13 -36.76 65.74 -16.93
C ARG F 13 -37.37 64.55 -16.14
N VAL F 14 -37.57 63.41 -16.80
CA VAL F 14 -38.22 62.26 -16.14
C VAL F 14 -37.34 61.02 -16.05
N LEU F 15 -37.33 60.44 -14.86
CA LEU F 15 -36.50 59.29 -14.60
C LEU F 15 -37.30 58.06 -14.17
N ILE F 16 -36.99 56.97 -14.87
CA ILE F 16 -37.36 55.64 -14.44
C ILE F 16 -36.12 54.97 -13.85
N LEU F 17 -36.11 54.86 -12.52
CA LEU F 17 -34.99 54.26 -11.77
C LEU F 17 -35.21 52.77 -11.50
N HIS F 18 -34.30 51.92 -11.98
CA HIS F 18 -34.54 50.51 -12.09
C HIS F 18 -33.53 49.59 -11.40
N HIS F 19 -34.05 48.76 -10.48
CA HIS F 19 -33.21 47.87 -9.71
C HIS F 19 -33.15 46.52 -10.39
N ASP F 20 -32.00 46.16 -10.96
CA ASP F 20 -31.83 44.86 -11.60
C ASP F 20 -31.65 43.76 -10.60
N ASP F 21 -31.87 42.52 -11.07
CA ASP F 21 -31.37 41.28 -10.45
C ASP F 21 -32.03 40.93 -9.11
N LEU F 22 -33.24 41.43 -8.88
CA LEU F 22 -33.99 41.08 -7.71
C LEU F 22 -34.23 39.57 -7.68
N GLY F 23 -34.37 39.02 -6.48
CA GLY F 23 -34.58 37.58 -6.31
C GLY F 23 -33.35 36.72 -6.56
N LEU F 24 -32.29 37.32 -7.05
CA LEU F 24 -31.02 36.62 -7.21
C LEU F 24 -30.33 36.29 -5.89
N THR F 25 -30.34 37.23 -4.95
CA THR F 25 -29.91 36.92 -3.59
C THR F 25 -30.79 37.62 -2.60
N HIS F 26 -30.66 37.20 -1.36
CA HIS F 26 -31.25 37.89 -0.26
C HIS F 26 -30.72 39.34 -0.10
N ALA F 27 -29.43 39.52 -0.37
CA ALA F 27 -28.84 40.83 -0.23
C ALA F 27 -29.44 41.85 -1.23
N GLN F 28 -29.82 41.36 -2.42
CA GLN F 28 -30.40 42.26 -3.41
C GLN F 28 -31.72 42.65 -2.87
N ASN F 29 -32.53 41.67 -2.48
CA ASN F 29 -33.90 41.92 -2.09
C ASN F 29 -33.90 42.86 -0.91
N GLY F 30 -32.90 42.70 -0.08
CA GLY F 30 -32.81 43.51 1.10
C GLY F 30 -32.56 44.94 0.71
N ALA F 31 -31.69 45.13 -0.27
CA ALA F 31 -31.43 46.47 -0.78
C ALA F 31 -32.74 47.05 -1.33
N TYR F 32 -33.48 46.26 -2.09
CA TYR F 32 -34.72 46.72 -2.64
C TYR F 32 -35.67 47.17 -1.55
N GLN F 33 -35.82 46.36 -0.52
CA GLN F 33 -36.69 46.78 0.54
C GLN F 33 -36.22 48.04 1.25
N ALA F 34 -34.92 48.16 1.46
CA ALA F 34 -34.37 49.19 2.33
C ALA F 34 -34.47 50.59 1.73
N LEU F 35 -34.41 50.61 0.40
CA LEU F 35 -34.10 51.76 -0.39
C LEU F 35 -35.35 52.54 -0.64
N GLY F 36 -36.49 51.87 -0.48
CA GLY F 36 -37.77 52.53 -0.55
C GLY F 36 -38.26 52.86 -1.95
N LEU F 37 -37.67 52.36 -3.03
CA LEU F 37 -38.12 52.82 -4.32
C LEU F 37 -38.99 51.80 -5.05
N PRO F 38 -39.86 52.27 -5.97
CA PRO F 38 -40.83 51.33 -6.49
C PRO F 38 -40.32 50.33 -7.55
N THR F 39 -39.36 50.71 -8.37
CA THR F 39 -39.15 49.99 -9.63
C THR F 39 -37.94 49.04 -9.71
N GLY F 40 -38.18 47.81 -10.16
CA GLY F 40 -37.08 46.86 -10.41
C GLY F 40 -37.63 45.60 -11.04
N SER F 41 -36.78 44.67 -11.42
CA SER F 41 -37.29 43.44 -12.00
C SER F 41 -36.60 42.17 -11.44
N VAL F 42 -37.26 41.02 -11.60
CA VAL F 42 -37.01 39.88 -10.75
C VAL F 42 -36.54 38.69 -11.58
N MET F 43 -35.39 38.10 -11.22
CA MET F 43 -34.92 36.89 -11.93
C MET F 43 -35.75 35.70 -11.41
N VAL F 44 -36.67 35.22 -12.25
CA VAL F 44 -37.67 34.25 -11.77
C VAL F 44 -37.02 32.93 -11.34
N PRO F 45 -35.99 32.49 -12.06
CA PRO F 45 -35.26 31.33 -11.57
C PRO F 45 -34.42 31.60 -10.31
N GLY F 46 -34.47 32.80 -9.76
CA GLY F 46 -33.64 33.09 -8.59
C GLY F 46 -34.25 32.61 -7.29
N ALA F 47 -33.44 32.00 -6.44
CA ALA F 47 -33.88 31.48 -5.14
C ALA F 47 -34.83 32.38 -4.36
N TRP F 48 -34.69 33.69 -4.51
CA TRP F 48 -35.44 34.57 -3.65
C TRP F 48 -36.52 35.26 -4.42
N ALA F 49 -36.74 34.78 -5.63
CA ALA F 49 -37.72 35.37 -6.54
C ALA F 49 -39.08 35.51 -5.88
N SER F 50 -39.46 34.57 -5.03
CA SER F 50 -40.76 34.62 -4.33
C SER F 50 -40.75 35.48 -3.07
N GLY F 51 -39.63 36.12 -2.76
CA GLY F 51 -39.58 36.95 -1.57
C GLY F 51 -39.64 38.45 -1.79
N VAL F 52 -40.12 38.90 -2.95
CA VAL F 52 -39.99 40.31 -3.30
C VAL F 52 -41.32 40.89 -3.68
N LYS F 53 -41.82 41.82 -2.90
CA LYS F 53 -43.05 42.47 -3.30
C LYS F 53 -42.84 43.97 -3.49
N GLY F 54 -43.51 44.58 -4.45
CA GLY F 54 -43.49 46.03 -4.56
C GLY F 54 -44.39 46.59 -5.63
N GLU F 55 -44.53 47.90 -5.66
CA GLU F 55 -45.43 48.63 -6.58
C GLU F 55 -45.12 48.56 -8.08
N ASP F 56 -43.84 48.58 -8.45
CA ASP F 56 -43.51 48.54 -9.89
C ASP F 56 -42.51 47.44 -10.33
N LEU F 57 -42.91 46.18 -10.17
CA LEU F 57 -41.99 45.08 -10.43
C LEU F 57 -42.22 44.52 -11.80
N GLY F 58 -41.14 44.21 -12.52
CA GLY F 58 -41.21 43.53 -13.82
C GLY F 58 -40.49 42.20 -13.76
N VAL F 59 -40.33 41.54 -14.91
CA VAL F 59 -39.65 40.27 -14.92
C VAL F 59 -38.32 40.37 -15.63
N HIS F 60 -37.24 40.16 -14.89
CA HIS F 60 -35.87 40.14 -15.42
C HIS F 60 -35.65 38.76 -16.07
N LEU F 61 -35.73 38.70 -17.39
CA LEU F 61 -35.57 37.43 -18.12
C LEU F 61 -34.15 36.93 -18.03
N VAL F 62 -33.98 35.64 -17.78
CA VAL F 62 -32.63 35.10 -17.66
C VAL F 62 -32.39 33.92 -18.56
N LEU F 63 -31.21 33.92 -19.20
CA LEU F 63 -30.82 32.81 -20.06
C LEU F 63 -29.39 32.50 -19.83
N THR F 64 -28.77 33.23 -18.90
CA THR F 64 -27.37 33.00 -18.53
C THR F 64 -27.23 32.99 -17.01
N SER F 65 -26.14 32.39 -16.50
CA SER F 65 -25.88 32.33 -15.06
C SER F 65 -24.37 32.34 -14.93
N GLU F 66 -23.83 33.53 -14.70
CA GLU F 66 -22.39 33.80 -14.80
C GLU F 66 -21.59 33.37 -13.60
N TRP F 67 -22.22 33.42 -12.41
CA TRP F 67 -21.46 33.23 -11.18
C TRP F 67 -21.28 31.78 -10.88
N PRO F 68 -20.12 31.43 -10.30
CA PRO F 68 -19.87 30.09 -9.74
C PRO F 68 -20.98 29.65 -8.73
N ALA F 69 -21.51 30.62 -7.96
CA ALA F 69 -22.66 30.42 -7.08
C ALA F 69 -23.16 31.79 -6.65
N PRO F 70 -24.47 31.98 -6.59
CA PRO F 70 -25.50 30.99 -6.89
C PRO F 70 -25.65 30.75 -8.40
N ARG F 71 -26.16 29.58 -8.77
CA ARG F 71 -26.42 29.38 -10.16
C ARG F 71 -27.90 29.16 -10.37
N MET F 72 -28.43 29.62 -11.49
CA MET F 72 -29.81 29.39 -11.82
C MET F 72 -29.93 28.30 -12.91
N ARG F 73 -31.06 27.56 -12.87
CA ARG F 73 -31.39 26.47 -13.82
C ARG F 73 -32.63 26.81 -14.66
N PRO F 74 -32.67 26.37 -15.92
CA PRO F 74 -33.89 26.71 -16.64
C PRO F 74 -35.12 26.01 -16.06
N LEU F 75 -36.27 26.71 -16.10
CA LEU F 75 -37.59 26.18 -15.75
C LEU F 75 -38.04 25.03 -16.64
N THR F 76 -37.85 25.16 -17.95
CA THR F 76 -38.29 24.14 -18.92
C THR F 76 -37.06 23.35 -19.23
N GLU F 77 -37.21 22.21 -19.92
CA GLU F 77 -36.08 21.33 -20.19
C GLU F 77 -35.49 21.41 -21.60
N GLY F 78 -35.60 22.57 -22.26
CA GLY F 78 -34.97 22.76 -23.58
C GLY F 78 -33.49 22.41 -23.49
N GLU F 79 -33.03 21.47 -24.30
CA GLU F 79 -31.64 21.06 -24.17
C GLU F 79 -30.61 22.06 -24.57
N SER F 80 -31.02 23.03 -25.38
CA SER F 80 -30.10 23.98 -25.97
C SER F 80 -29.88 25.13 -25.01
N LEU F 81 -30.59 25.11 -23.88
CA LEU F 81 -30.59 26.22 -22.93
C LEU F 81 -29.62 26.02 -21.78
N ARG F 82 -29.06 24.81 -21.67
CA ARG F 82 -28.26 24.39 -20.50
C ARG F 82 -26.88 23.88 -20.84
N ASP F 83 -25.99 23.88 -19.85
CA ASP F 83 -24.62 23.49 -20.05
C ASP F 83 -24.06 23.08 -18.69
N GLU F 84 -23.45 21.87 -18.53
CA GLU F 84 -23.87 20.53 -18.95
C GLU F 84 -24.06 19.86 -17.59
N ALA F 85 -23.86 20.69 -16.56
CA ALA F 85 -24.31 20.45 -15.22
C ALA F 85 -25.82 20.76 -15.17
N GLY F 86 -26.34 21.33 -16.26
CA GLY F 86 -27.75 21.67 -16.37
C GLY F 86 -28.11 23.03 -15.83
N TYR F 87 -27.15 23.94 -15.78
CA TYR F 87 -27.44 25.34 -15.49
C TYR F 87 -27.51 26.11 -16.78
N PHE F 88 -28.04 27.32 -16.71
CA PHE F 88 -27.88 28.26 -17.82
C PHE F 88 -26.41 28.44 -18.11
N PRO F 89 -26.07 28.74 -19.38
CA PRO F 89 -24.68 28.92 -19.76
C PRO F 89 -24.03 30.07 -18.96
N GLU F 90 -22.73 29.94 -18.69
CA GLU F 90 -22.03 30.97 -17.90
C GLU F 90 -21.71 32.25 -18.69
N SER F 91 -21.65 32.15 -20.03
CA SER F 91 -21.42 33.32 -20.92
C SER F 91 -22.43 33.43 -22.05
N LEU F 92 -22.66 34.67 -22.49
CA LEU F 92 -23.53 35.01 -23.61
C LEU F 92 -23.06 34.35 -24.89
N GLU F 93 -21.75 34.31 -25.08
CA GLU F 93 -21.20 33.67 -26.24
C GLU F 93 -21.73 32.24 -26.33
N ALA F 94 -21.51 31.48 -25.26
CA ALA F 94 -22.00 30.12 -25.17
C ALA F 94 -23.50 30.08 -25.51
N LEU F 95 -24.26 30.98 -24.91
CA LEU F 95 -25.70 31.02 -25.11
C LEU F 95 -26.02 31.20 -26.59
N TRP F 96 -25.60 32.34 -27.12
CA TRP F 96 -25.85 32.75 -28.48
C TRP F 96 -25.40 31.71 -29.51
N ARG F 97 -24.29 31.03 -29.21
CA ARG F 97 -23.80 29.98 -30.07
C ARG F 97 -24.79 28.82 -30.19
N LYS F 98 -25.42 28.41 -29.08
CA LYS F 98 -26.23 27.17 -29.19
C LYS F 98 -27.73 27.17 -28.94
N ALA F 99 -28.33 28.32 -28.66
CA ALA F 99 -29.71 28.30 -28.22
C ALA F 99 -30.72 28.34 -29.36
N ARG F 100 -31.65 27.40 -29.39
CA ARG F 100 -32.75 27.49 -30.32
C ARG F 100 -33.86 28.40 -29.79
N ALA F 101 -34.44 29.17 -30.70
CA ALA F 101 -35.47 30.16 -30.42
C ALA F 101 -36.75 29.59 -29.84
N GLU F 102 -37.26 28.48 -30.38
CA GLU F 102 -38.54 27.92 -29.86
C GLU F 102 -38.32 27.51 -28.44
N GLU F 103 -37.14 26.94 -28.19
CA GLU F 103 -36.69 26.59 -26.85
C GLU F 103 -36.56 27.84 -25.96
N VAL F 104 -35.89 28.86 -26.45
CA VAL F 104 -35.89 30.11 -25.71
C VAL F 104 -37.32 30.60 -25.44
N GLU F 105 -38.19 30.49 -26.43
CA GLU F 105 -39.51 31.07 -26.30
C GLU F 105 -40.29 30.42 -25.16
N ARG F 106 -40.15 29.10 -25.07
CA ARG F 106 -40.92 28.31 -24.13
C ARG F 106 -40.45 28.72 -22.74
N GLU F 107 -39.13 28.81 -22.61
CA GLU F 107 -38.49 29.18 -21.37
C GLU F 107 -38.90 30.57 -20.92
N LEU F 108 -38.91 31.55 -21.82
CA LEU F 108 -39.34 32.86 -21.39
C LEU F 108 -40.82 32.88 -21.07
N LYS F 109 -41.61 32.15 -21.85
CA LYS F 109 -43.03 32.02 -21.55
C LYS F 109 -43.22 31.56 -20.09
N ALA F 110 -42.45 30.54 -19.73
CA ALA F 110 -42.56 29.92 -18.44
C ALA F 110 -42.26 30.96 -17.37
N GLN F 111 -41.25 31.78 -17.64
CA GLN F 111 -40.75 32.71 -16.65
C GLN F 111 -41.76 33.81 -16.38
N ILE F 112 -42.31 34.38 -17.45
CA ILE F 112 -43.34 35.41 -17.33
C ILE F 112 -44.56 34.89 -16.58
N GLN F 113 -44.93 33.66 -16.91
CA GLN F 113 -46.08 33.01 -16.30
C GLN F 113 -45.92 32.69 -14.83
N ALA F 114 -44.74 32.18 -14.46
CA ALA F 114 -44.40 32.10 -13.04
C ALA F 114 -44.41 33.49 -12.39
N ALA F 115 -43.82 34.49 -13.06
CA ALA F 115 -43.85 35.83 -12.53
C ALA F 115 -45.25 36.26 -12.18
N ALA F 116 -46.19 35.98 -13.07
CA ALA F 116 -47.55 36.48 -12.90
C ALA F 116 -48.20 35.89 -11.67
N LYS F 117 -47.83 34.67 -11.31
CA LYS F 117 -48.30 34.09 -10.05
C LYS F 117 -47.64 34.66 -8.78
N LEU F 118 -46.63 35.52 -8.91
CA LEU F 118 -45.94 36.02 -7.72
C LEU F 118 -46.12 37.48 -7.41
N PHE F 119 -46.50 38.29 -8.40
CA PHE F 119 -46.76 39.75 -8.23
C PHE F 119 -47.33 40.25 -9.53
N SER F 120 -47.80 41.49 -9.56
CA SER F 120 -48.39 41.99 -10.79
C SER F 120 -47.34 42.61 -11.70
N PRO F 121 -46.78 41.81 -12.63
CA PRO F 121 -45.70 42.28 -13.45
C PRO F 121 -46.15 43.46 -14.31
N THR F 122 -45.28 44.45 -14.44
CA THR F 122 -45.59 45.62 -15.24
C THR F 122 -44.65 45.78 -16.43
N HIS F 123 -43.53 45.05 -16.48
CA HIS F 123 -42.56 45.29 -17.54
C HIS F 123 -41.61 44.14 -17.80
N LEU F 124 -40.77 44.27 -18.81
CA LEU F 124 -39.98 43.16 -19.26
C LEU F 124 -38.58 43.63 -19.55
N ASP F 125 -37.58 42.89 -19.11
CA ASP F 125 -36.19 43.15 -19.56
C ASP F 125 -35.37 41.88 -19.49
N ALA F 126 -34.09 41.96 -19.87
CA ALA F 126 -33.28 40.77 -19.88
C ALA F 126 -31.92 40.97 -19.28
N HIS F 127 -31.63 40.12 -18.31
CA HIS F 127 -30.30 40.04 -17.73
C HIS F 127 -29.23 39.87 -18.80
N GLN F 128 -28.18 40.71 -18.73
CA GLN F 128 -27.02 40.73 -19.66
C GLN F 128 -27.35 41.01 -21.12
N GLY F 129 -28.57 41.50 -21.37
CA GLY F 129 -29.08 41.67 -22.74
C GLY F 129 -28.97 40.40 -23.60
N ALA F 130 -29.24 39.25 -23.00
CA ALA F 130 -29.21 37.97 -23.71
C ALA F 130 -30.14 37.93 -24.93
N VAL F 131 -31.22 38.71 -24.91
CA VAL F 131 -32.12 38.76 -26.06
C VAL F 131 -31.57 39.60 -27.21
N LEU F 132 -30.27 39.84 -27.25
CA LEU F 132 -29.72 40.64 -28.33
C LEU F 132 -29.55 39.91 -29.66
N ARG F 133 -29.28 38.60 -29.63
CA ARG F 133 -29.45 37.82 -30.84
C ARG F 133 -30.86 38.11 -31.37
N PRO F 134 -30.95 38.60 -32.61
CA PRO F 134 -32.11 39.32 -33.15
C PRO F 134 -33.37 38.43 -33.24
N ASP F 135 -33.16 37.28 -33.84
CA ASP F 135 -33.75 36.06 -33.41
C ASP F 135 -34.62 36.13 -32.12
N LEU F 136 -33.93 36.23 -30.98
CA LEU F 136 -34.52 36.29 -29.64
C LEU F 136 -35.17 37.64 -29.32
N ALA F 137 -34.55 38.74 -29.75
CA ALA F 137 -35.16 40.08 -29.65
C ALA F 137 -36.60 40.09 -30.19
N GLU F 138 -36.83 39.33 -31.24
CA GLU F 138 -38.13 39.34 -31.86
C GLU F 138 -39.09 38.61 -30.90
N VAL F 139 -38.62 37.49 -30.34
CA VAL F 139 -39.38 36.77 -29.30
C VAL F 139 -39.72 37.66 -28.12
N TYR F 140 -38.74 38.45 -27.70
CA TYR F 140 -38.88 39.35 -26.57
C TYR F 140 -40.00 40.35 -26.82
N LEU F 141 -39.97 40.98 -27.98
CA LEU F 141 -40.98 41.99 -28.30
C LEU F 141 -42.36 41.37 -28.50
N ARG F 142 -42.39 40.20 -29.11
CA ARG F 142 -43.66 39.56 -29.30
C ARG F 142 -44.22 39.23 -27.93
N LEU F 143 -43.36 38.70 -27.05
CA LEU F 143 -43.84 38.29 -25.74
C LEU F 143 -44.37 39.47 -24.90
N ALA F 144 -43.71 40.62 -24.99
CA ALA F 144 -44.13 41.78 -24.23
C ALA F 144 -45.55 42.14 -24.63
N GLU F 145 -45.76 42.06 -25.95
CA GLU F 145 -47.05 42.31 -26.57
C GLU F 145 -48.10 41.38 -25.99
N ALA F 146 -47.88 40.08 -26.18
CA ALA F 146 -48.84 39.06 -25.79
C ALA F 146 -49.28 39.26 -24.35
N TYR F 147 -48.34 39.50 -23.45
CA TYR F 147 -48.64 39.56 -22.03
C TYR F 147 -48.86 40.96 -21.53
N ARG F 148 -48.87 41.92 -22.45
CA ARG F 148 -49.18 43.32 -22.13
C ARG F 148 -48.26 43.81 -21.01
N LEU F 149 -46.97 43.68 -21.29
CA LEU F 149 -45.89 44.11 -20.40
C LEU F 149 -44.99 44.91 -21.26
N VAL F 150 -44.77 46.18 -20.87
CA VAL F 150 -43.89 47.08 -21.62
C VAL F 150 -42.41 46.63 -21.57
N PRO F 151 -41.79 46.39 -22.76
CA PRO F 151 -40.40 45.94 -22.76
C PRO F 151 -39.42 47.12 -22.67
N LEU F 152 -38.19 46.82 -22.27
CA LEU F 152 -37.14 47.82 -22.15
C LEU F 152 -36.56 47.85 -23.52
N VAL F 153 -36.39 49.05 -24.05
CA VAL F 153 -35.97 49.30 -25.43
C VAL F 153 -35.23 50.63 -25.43
N PRO F 154 -33.92 50.59 -25.71
CA PRO F 154 -33.19 51.85 -25.60
C PRO F 154 -33.34 52.74 -26.83
N GLU F 155 -32.91 53.99 -26.70
CA GLU F 155 -32.79 54.89 -27.83
C GLU F 155 -31.64 54.51 -28.76
N SER F 156 -30.44 54.59 -28.22
CA SER F 156 -29.25 54.22 -28.96
C SER F 156 -28.85 52.82 -28.51
N LEU F 157 -28.03 52.14 -29.31
CA LEU F 157 -27.50 50.83 -28.94
C LEU F 157 -25.95 50.83 -28.85
N GLU F 158 -25.42 52.05 -28.81
CA GLU F 158 -24.01 52.35 -28.59
C GLU F 158 -23.52 51.88 -27.22
N GLY F 159 -22.22 51.59 -27.13
CA GLY F 159 -21.59 51.22 -25.87
C GLY F 159 -22.36 50.16 -25.08
N LEU F 160 -23.07 49.27 -25.79
CA LEU F 160 -23.68 48.11 -25.15
C LEU F 160 -22.97 46.84 -25.58
N GLY F 161 -21.86 47.00 -26.31
CA GLY F 161 -21.07 45.87 -26.77
C GLY F 161 -21.86 44.84 -27.55
N VAL F 162 -22.96 45.27 -28.18
CA VAL F 162 -23.71 44.43 -29.10
C VAL F 162 -22.77 43.94 -30.20
N PRO F 163 -22.68 42.61 -30.41
CA PRO F 163 -21.88 42.12 -31.55
C PRO F 163 -22.29 42.79 -32.88
N PRO F 164 -21.32 43.45 -33.58
CA PRO F 164 -21.54 44.13 -34.87
C PRO F 164 -22.62 43.45 -35.75
N PRO F 165 -22.42 42.17 -36.14
CA PRO F 165 -23.44 41.51 -36.98
C PRO F 165 -24.93 41.64 -36.55
N PHE F 166 -25.20 41.85 -35.26
CA PHE F 166 -26.60 41.90 -34.81
C PHE F 166 -27.24 43.27 -35.08
N LEU F 167 -26.41 44.31 -35.12
CA LEU F 167 -26.90 45.68 -35.24
C LEU F 167 -27.97 45.90 -36.32
N PRO F 168 -27.72 45.45 -37.56
CA PRO F 168 -28.70 45.73 -38.61
C PRO F 168 -30.09 45.21 -38.27
N GLU F 169 -30.25 43.92 -37.98
CA GLU F 169 -31.59 43.37 -37.74
C GLU F 169 -32.22 43.96 -36.47
N LEU F 170 -31.37 44.37 -35.52
CA LEU F 170 -31.85 45.04 -34.32
C LEU F 170 -32.39 46.40 -34.63
N GLU F 171 -31.54 47.23 -35.24
CA GLU F 171 -31.88 48.62 -35.63
C GLU F 171 -33.26 48.67 -36.28
N ARG F 172 -33.53 47.57 -36.98
CA ARG F 172 -34.65 47.38 -37.83
C ARG F 172 -35.93 47.21 -37.01
N LEU F 173 -36.01 46.16 -36.19
CA LEU F 173 -37.17 45.98 -35.29
C LEU F 173 -37.27 47.07 -34.24
N LEU F 174 -36.13 47.55 -33.72
CA LEU F 174 -36.13 48.71 -32.82
C LEU F 174 -36.90 49.90 -33.41
N TYR F 175 -36.68 50.19 -34.70
CA TYR F 175 -37.34 51.30 -35.40
C TYR F 175 -38.82 51.01 -35.60
N GLU F 176 -39.11 49.74 -35.88
CA GLU F 176 -40.47 49.33 -36.21
C GLU F 176 -41.41 49.31 -35.02
N THR F 177 -40.92 48.78 -33.90
CA THR F 177 -41.70 48.65 -32.66
C THR F 177 -42.56 49.89 -32.22
N PRO F 178 -43.83 49.64 -31.84
CA PRO F 178 -44.69 50.71 -31.35
C PRO F 178 -44.27 51.16 -29.95
N PHE F 179 -43.44 50.36 -29.29
CA PHE F 179 -43.02 50.59 -27.90
C PHE F 179 -42.06 51.74 -27.80
N PRO F 180 -42.11 52.50 -26.69
CA PRO F 180 -41.25 53.67 -26.49
C PRO F 180 -39.78 53.31 -26.21
N GLN F 181 -38.90 54.26 -26.45
CA GLN F 181 -37.49 54.07 -26.24
C GLN F 181 -37.05 55.00 -25.12
N VAL F 182 -35.95 54.69 -24.47
CA VAL F 182 -35.51 55.44 -23.29
C VAL F 182 -34.04 55.70 -23.38
N ARG F 183 -33.60 56.80 -22.78
CA ARG F 183 -32.19 57.07 -22.73
C ARG F 183 -31.55 56.27 -21.61
N PHE F 184 -30.83 55.24 -22.04
CA PHE F 184 -30.25 54.21 -21.19
C PHE F 184 -28.98 54.73 -20.49
N LEU F 185 -28.93 54.62 -19.16
CA LEU F 185 -27.72 54.95 -18.38
C LEU F 185 -27.37 53.79 -17.48
N ASP F 186 -26.12 53.34 -17.56
CA ASP F 186 -25.65 52.21 -16.73
C ASP F 186 -24.27 52.42 -16.08
N PRO F 187 -24.25 52.71 -14.77
CA PRO F 187 -23.04 52.89 -13.96
C PRO F 187 -22.26 51.60 -13.72
N TYR F 188 -22.91 50.45 -13.93
CA TYR F 188 -22.22 49.16 -13.99
C TYR F 188 -21.15 49.27 -15.12
N GLY F 189 -19.94 48.81 -14.81
CA GLY F 189 -18.77 49.06 -15.66
C GLY F 189 -17.81 50.01 -14.98
N LEU F 190 -18.32 51.17 -14.54
CA LEU F 190 -17.50 52.23 -13.91
C LEU F 190 -16.98 51.81 -12.54
N PRO F 191 -15.78 52.28 -12.17
CA PRO F 191 -15.23 51.89 -10.86
C PRO F 191 -16.11 52.31 -9.66
N PRO F 192 -16.19 51.44 -8.64
CA PRO F 192 -16.83 51.58 -7.34
C PRO F 192 -16.72 52.97 -6.67
N GLU F 193 -15.49 53.45 -6.51
CA GLU F 193 -15.22 54.70 -5.75
C GLU F 193 -15.72 55.93 -6.48
N GLU F 194 -15.94 55.79 -7.79
CA GLU F 194 -16.42 56.93 -8.53
C GLU F 194 -17.93 56.95 -8.66
N ARG F 195 -18.57 55.85 -8.25
CA ARG F 195 -20.01 55.68 -8.37
C ARG F 195 -20.85 56.83 -7.84
N LEU F 196 -20.40 57.42 -6.74
CA LEU F 196 -21.13 58.54 -6.13
C LEU F 196 -21.14 59.72 -7.10
N GLY F 197 -19.99 60.01 -7.72
CA GLY F 197 -19.87 61.11 -8.68
C GLY F 197 -20.75 60.91 -9.90
N PHE F 198 -20.83 59.67 -10.37
CA PHE F 198 -21.70 59.37 -11.47
C PHE F 198 -23.14 59.77 -11.18
N TYR F 199 -23.62 59.53 -9.97
CA TYR F 199 -24.99 59.89 -9.64
C TYR F 199 -25.12 61.39 -9.53
N LEU F 200 -24.23 62.02 -8.78
CA LEU F 200 -24.25 63.49 -8.69
C LEU F 200 -24.31 64.19 -10.08
N ASP F 201 -23.58 63.64 -11.06
CA ASP F 201 -23.58 64.19 -12.40
C ASP F 201 -24.90 64.09 -13.15
N LEU F 202 -25.89 63.44 -12.57
CA LEU F 202 -27.16 63.37 -13.26
C LEU F 202 -27.82 64.72 -13.22
N ALA F 203 -27.27 65.58 -12.36
CA ALA F 203 -27.72 66.95 -12.21
C ALA F 203 -27.61 67.63 -13.55
N HIS F 204 -26.54 67.32 -14.26
CA HIS F 204 -26.23 67.95 -15.52
C HIS F 204 -27.16 67.64 -16.71
N LEU F 205 -28.03 66.64 -16.63
CA LEU F 205 -28.80 66.20 -17.82
C LEU F 205 -29.87 67.20 -18.25
N PRO F 206 -30.10 67.34 -19.58
CA PRO F 206 -31.19 68.15 -20.15
C PRO F 206 -32.54 67.48 -19.92
N PRO F 207 -33.67 68.16 -20.25
CA PRO F 207 -34.98 67.45 -20.35
C PRO F 207 -34.96 66.16 -21.17
N GLY F 208 -35.97 65.31 -20.96
CA GLY F 208 -35.95 64.00 -21.59
C GLY F 208 -36.37 62.86 -20.69
N LEU F 209 -36.44 61.67 -21.26
CA LEU F 209 -36.83 60.46 -20.55
C LEU F 209 -35.64 59.52 -20.34
N TYR F 210 -35.23 59.38 -19.08
CA TYR F 210 -34.08 58.56 -18.77
C TYR F 210 -34.40 57.26 -18.04
N TYR F 211 -33.55 56.28 -18.28
CA TYR F 211 -33.74 54.97 -17.70
C TYR F 211 -32.44 54.60 -17.05
N LEU F 212 -32.46 54.49 -15.73
CA LEU F 212 -31.26 54.30 -14.99
C LEU F 212 -31.31 52.99 -14.23
N VAL F 213 -30.41 52.06 -14.59
CA VAL F 213 -30.33 50.78 -13.91
C VAL F 213 -29.26 50.79 -12.83
N HIS F 214 -29.61 50.26 -11.64
CA HIS F 214 -28.62 50.00 -10.58
C HIS F 214 -28.74 48.58 -10.01
N HIS F 215 -27.74 48.15 -9.27
CA HIS F 215 -27.69 46.77 -8.83
C HIS F 215 -27.49 46.67 -7.33
N SER F 216 -28.10 47.57 -6.59
CA SER F 216 -27.88 47.63 -5.17
C SER F 216 -28.04 46.30 -4.49
N ALA F 217 -27.10 46.01 -3.61
CA ALA F 217 -27.17 44.86 -2.75
C ALA F 217 -26.71 45.33 -1.37
N LEU F 218 -27.30 44.80 -0.29
CA LEU F 218 -26.78 45.09 1.03
C LEU F 218 -25.42 44.38 1.21
N PRO F 219 -24.48 45.03 1.89
CA PRO F 219 -23.26 44.35 2.25
C PRO F 219 -23.45 43.24 3.32
N THR F 220 -23.08 42.00 2.99
CA THR F 220 -23.64 40.80 3.63
C THR F 220 -22.70 39.67 3.26
N PRO F 221 -22.44 38.77 4.21
CA PRO F 221 -21.65 37.58 3.84
C PRO F 221 -22.16 36.96 2.54
N GLU F 222 -23.45 36.73 2.44
CA GLU F 222 -24.01 36.20 1.21
C GLU F 222 -23.76 37.12 -0.01
N GLY F 223 -24.09 38.40 0.06
CA GLY F 223 -23.85 39.30 -1.04
C GLY F 223 -22.36 39.32 -1.45
N ARG F 224 -21.48 39.13 -0.49
CA ARG F 224 -20.09 39.16 -0.85
C ARG F 224 -19.54 37.95 -1.57
N ALA F 225 -20.37 36.91 -1.67
CA ALA F 225 -19.94 35.74 -2.37
C ALA F 225 -19.99 36.02 -3.87
N LEU F 226 -20.68 37.08 -4.29
CA LEU F 226 -20.66 37.47 -5.72
C LEU F 226 -19.41 38.28 -6.02
N PRO F 227 -18.65 37.84 -7.03
CA PRO F 227 -17.40 38.56 -7.29
C PRO F 227 -17.57 40.07 -7.57
N ASP F 228 -18.76 40.52 -7.96
CA ASP F 228 -18.97 41.93 -8.29
C ASP F 228 -19.62 42.74 -7.19
N TRP F 229 -19.50 42.22 -5.98
CA TRP F 229 -20.16 42.86 -4.85
C TRP F 229 -19.71 44.30 -4.64
N PRO F 230 -18.41 44.61 -4.90
CA PRO F 230 -18.01 46.00 -4.69
C PRO F 230 -18.89 47.02 -5.40
N THR F 231 -19.26 46.73 -6.63
CA THR F 231 -20.01 47.74 -7.39
C THR F 231 -21.47 47.80 -6.93
N ARG F 232 -22.01 46.64 -6.53
CA ARG F 232 -23.41 46.53 -6.03
C ARG F 232 -23.61 47.25 -4.71
N GLU F 233 -22.66 47.09 -3.80
CA GLU F 233 -22.73 47.85 -2.56
C GLU F 233 -22.55 49.33 -2.81
N ALA F 234 -21.85 49.66 -3.91
CA ALA F 234 -21.55 51.03 -4.29
C ALA F 234 -22.83 51.76 -4.74
N ASP F 235 -23.61 51.10 -5.60
CA ASP F 235 -24.97 51.54 -5.90
C ASP F 235 -25.78 51.80 -4.64
N TYR F 236 -25.79 50.79 -3.77
CA TYR F 236 -26.60 50.89 -2.56
C TYR F 236 -26.23 52.14 -1.72
N PHE F 237 -24.95 52.29 -1.38
CA PHE F 237 -24.54 53.46 -0.60
C PHE F 237 -24.74 54.76 -1.36
N ALA F 238 -24.47 54.78 -2.67
CA ALA F 238 -24.69 56.00 -3.47
C ALA F 238 -26.14 56.40 -3.41
N LEU F 239 -27.05 55.47 -3.68
CA LEU F 239 -28.47 55.78 -3.64
C LEU F 239 -29.01 56.19 -2.26
N SER F 240 -28.37 55.79 -1.18
CA SER F 240 -28.87 56.21 0.13
C SER F 240 -28.24 57.50 0.55
N HIS F 241 -27.37 58.06 -0.28
CA HIS F 241 -26.67 59.27 0.10
C HIS F 241 -27.55 60.53 -0.07
N PRO F 242 -27.62 61.40 0.99
CA PRO F 242 -28.52 62.56 0.97
C PRO F 242 -28.40 63.42 -0.28
N GLU F 243 -27.20 63.49 -0.83
CA GLU F 243 -26.90 64.32 -2.00
C GLU F 243 -27.45 63.73 -3.28
N VAL F 244 -27.33 62.41 -3.39
CA VAL F 244 -27.81 61.66 -4.53
C VAL F 244 -29.33 61.67 -4.51
N ARG F 245 -29.91 61.67 -3.31
CA ARG F 245 -31.34 61.74 -3.24
C ARG F 245 -31.93 63.08 -3.61
N ARG F 246 -31.13 64.13 -3.44
CA ARG F 246 -31.54 65.44 -3.86
C ARG F 246 -31.49 65.55 -5.40
N VAL F 247 -30.43 65.06 -6.01
CA VAL F 247 -30.37 65.07 -7.47
C VAL F 247 -31.51 64.29 -8.12
N LEU F 248 -31.87 63.17 -7.52
CA LEU F 248 -32.99 62.35 -8.00
C LEU F 248 -34.34 63.02 -7.87
N ALA F 249 -34.49 63.84 -6.83
CA ALA F 249 -35.72 64.56 -6.55
C ALA F 249 -36.03 65.63 -7.61
N GLU F 250 -35.00 66.03 -8.37
CA GLU F 250 -35.19 67.00 -9.43
C GLU F 250 -35.68 66.36 -10.73
N PHE F 251 -35.88 65.05 -10.76
CA PHE F 251 -36.49 64.41 -11.92
C PHE F 251 -37.92 64.12 -11.55
N HIS F 252 -38.79 64.10 -12.53
CA HIS F 252 -40.09 63.57 -12.27
C HIS F 252 -39.91 62.05 -12.28
N PRO F 253 -40.45 61.36 -11.26
CA PRO F 253 -40.22 59.93 -11.23
C PRO F 253 -41.30 59.18 -12.00
N LEU F 254 -40.92 58.25 -12.87
CA LEU F 254 -41.92 57.54 -13.61
C LEU F 254 -41.81 56.03 -13.43
N THR F 255 -42.88 55.40 -12.95
CA THR F 255 -42.93 53.93 -12.89
C THR F 255 -43.30 53.33 -14.24
N TRP F 256 -42.80 52.14 -14.55
CA TRP F 256 -43.30 51.39 -15.71
C TRP F 256 -44.81 51.17 -15.65
N ARG F 257 -45.32 51.04 -14.43
CA ARG F 257 -46.73 50.75 -14.21
C ARG F 257 -47.57 51.82 -14.87
N ALA F 258 -47.19 53.08 -14.63
CA ALA F 258 -47.81 54.23 -15.25
C ALA F 258 -47.67 54.17 -16.80
N VAL F 259 -46.47 53.94 -17.33
CA VAL F 259 -46.31 53.80 -18.80
C VAL F 259 -47.25 52.72 -19.36
N ARG F 260 -47.41 51.65 -18.61
CA ARG F 260 -48.15 50.52 -19.08
C ARG F 260 -49.62 50.84 -19.19
N GLU F 261 -50.16 51.53 -18.18
CA GLU F 261 -51.56 51.97 -18.22
C GLU F 261 -51.80 52.80 -19.47
N ALA F 262 -50.91 53.73 -19.77
CA ALA F 262 -51.06 54.56 -20.96
C ALA F 262 -50.71 53.87 -22.30
N LEU F 263 -50.32 52.59 -22.29
CA LEU F 263 -50.01 51.91 -23.57
C LEU F 263 -50.86 50.67 -23.92
N PHE F 264 -51.78 50.28 -23.03
CA PHE F 264 -52.63 49.09 -23.25
C PHE F 264 -54.07 49.37 -22.80
MG MG G . 14.33 17.22 17.35
MG MG H . 38.49 4.40 4.77
MG MG I . 4.57 -28.55 3.54
MG MG J . -34.21 18.47 4.66
MG MG K . 4.60 -50.97 -16.18
MG MG L . -29.28 41.52 -14.58
#